data_1FKQ
# 
_entry.id   1FKQ 
# 
_audit_conform.dict_name       mmcif_pdbx.dic 
_audit_conform.dict_version    5.397 
_audit_conform.dict_location   http://mmcif.pdb.org/dictionaries/ascii/mmcif_pdbx.dic 
# 
loop_
_database_2.database_id 
_database_2.database_code 
_database_2.pdbx_database_accession 
_database_2.pdbx_DOI 
PDB   1FKQ         pdb_00001fkq 10.2210/pdb1fkq/pdb 
RCSB  RCSB011673   ?            ?                   
WWPDB D_1000011673 ?            ?                   
# 
loop_
_pdbx_audit_revision_history.ordinal 
_pdbx_audit_revision_history.data_content_type 
_pdbx_audit_revision_history.major_revision 
_pdbx_audit_revision_history.minor_revision 
_pdbx_audit_revision_history.revision_date 
1 'Structure model' 1 0 2001-02-14 
2 'Structure model' 1 1 2008-04-27 
3 'Structure model' 1 2 2011-07-13 
4 'Structure model' 1 3 2021-11-03 
5 'Structure model' 1 4 2024-10-16 
# 
_pdbx_audit_revision_details.ordinal             1 
_pdbx_audit_revision_details.revision_ordinal    1 
_pdbx_audit_revision_details.data_content_type   'Structure model' 
_pdbx_audit_revision_details.provider            repository 
_pdbx_audit_revision_details.type                'Initial release' 
_pdbx_audit_revision_details.description         ? 
_pdbx_audit_revision_details.details             ? 
# 
loop_
_pdbx_audit_revision_group.ordinal 
_pdbx_audit_revision_group.revision_ordinal 
_pdbx_audit_revision_group.data_content_type 
_pdbx_audit_revision_group.group 
1 2 'Structure model' 'Version format compliance' 
2 3 'Structure model' 'Version format compliance' 
3 4 'Structure model' 'Database references'       
4 4 'Structure model' 'Derived calculations'      
5 5 'Structure model' 'Data collection'           
6 5 'Structure model' 'Structure summary'         
# 
loop_
_pdbx_audit_revision_category.ordinal 
_pdbx_audit_revision_category.revision_ordinal 
_pdbx_audit_revision_category.data_content_type 
_pdbx_audit_revision_category.category 
1 4 'Structure model' database_2                
2 4 'Structure model' pdbx_struct_conn_angle    
3 4 'Structure model' struct_conn               
4 4 'Structure model' struct_ref_seq_dif        
5 4 'Structure model' struct_site               
6 5 'Structure model' chem_comp_atom            
7 5 'Structure model' chem_comp_bond            
8 5 'Structure model' pdbx_entry_details        
9 5 'Structure model' pdbx_modification_feature 
# 
loop_
_pdbx_audit_revision_item.ordinal 
_pdbx_audit_revision_item.revision_ordinal 
_pdbx_audit_revision_item.data_content_type 
_pdbx_audit_revision_item.item 
1  4 'Structure model' '_database_2.pdbx_DOI'                        
2  4 'Structure model' '_database_2.pdbx_database_accession'         
3  4 'Structure model' '_pdbx_struct_conn_angle.ptnr1_auth_comp_id'  
4  4 'Structure model' '_pdbx_struct_conn_angle.ptnr1_auth_seq_id'   
5  4 'Structure model' '_pdbx_struct_conn_angle.ptnr1_label_asym_id' 
6  4 'Structure model' '_pdbx_struct_conn_angle.ptnr1_label_atom_id' 
7  4 'Structure model' '_pdbx_struct_conn_angle.ptnr1_label_comp_id' 
8  4 'Structure model' '_pdbx_struct_conn_angle.ptnr1_label_seq_id'  
9  4 'Structure model' '_pdbx_struct_conn_angle.ptnr3_auth_comp_id'  
10 4 'Structure model' '_pdbx_struct_conn_angle.ptnr3_auth_seq_id'   
11 4 'Structure model' '_pdbx_struct_conn_angle.ptnr3_label_asym_id' 
12 4 'Structure model' '_pdbx_struct_conn_angle.ptnr3_label_atom_id' 
13 4 'Structure model' '_pdbx_struct_conn_angle.ptnr3_label_comp_id' 
14 4 'Structure model' '_pdbx_struct_conn_angle.ptnr3_label_seq_id'  
15 4 'Structure model' '_pdbx_struct_conn_angle.value'               
16 4 'Structure model' '_struct_conn.pdbx_dist_value'                
17 4 'Structure model' '_struct_conn.ptnr1_auth_comp_id'             
18 4 'Structure model' '_struct_conn.ptnr1_auth_seq_id'              
19 4 'Structure model' '_struct_conn.ptnr1_label_asym_id'            
20 4 'Structure model' '_struct_conn.ptnr1_label_atom_id'            
21 4 'Structure model' '_struct_conn.ptnr1_label_comp_id'            
22 4 'Structure model' '_struct_conn.ptnr1_label_seq_id'             
23 4 'Structure model' '_struct_conn.ptnr2_auth_comp_id'             
24 4 'Structure model' '_struct_conn.ptnr2_auth_seq_id'              
25 4 'Structure model' '_struct_conn.ptnr2_label_asym_id'            
26 4 'Structure model' '_struct_conn.ptnr2_label_atom_id'            
27 4 'Structure model' '_struct_conn.ptnr2_label_comp_id'            
28 4 'Structure model' '_struct_conn.ptnr2_label_seq_id'             
29 4 'Structure model' '_struct_ref_seq_dif.details'                 
30 4 'Structure model' '_struct_site.pdbx_auth_asym_id'              
31 4 'Structure model' '_struct_site.pdbx_auth_comp_id'              
32 4 'Structure model' '_struct_site.pdbx_auth_seq_id'               
# 
_pdbx_database_status.status_code                     REL 
_pdbx_database_status.entry_id                        1FKQ 
_pdbx_database_status.recvd_initial_deposition_date   2000-08-10 
_pdbx_database_status.deposit_site                    RCSB 
_pdbx_database_status.process_site                    RCSB 
_pdbx_database_status.SG_entry                        . 
_pdbx_database_status.pdb_format_compatible           Y 
_pdbx_database_status.status_code_mr                  ? 
_pdbx_database_status.status_code_sf                  ? 
_pdbx_database_status.status_code_cs                  ? 
_pdbx_database_status.status_code_nmr_data            ? 
_pdbx_database_status.methods_development_category    ? 
# 
loop_
_pdbx_database_related.db_name 
_pdbx_database_related.db_id 
_pdbx_database_related.details 
_pdbx_database_related.content_type 
PDB 1HMK 'Recombinant goat alpha-lactalbumin wild-type' unspecified 
PDB 1HFY 'Authentic goat alpha-lactalbumin'             unspecified 
PDB 1FKV 'RECOMBINANT GOAT ALPHA-LACTALBUMIN T29I'      unspecified 
# 
loop_
_audit_author.name 
_audit_author.pdbx_ordinal 
'Horii, K.'      1 
'Matsushima, M.' 2 
'Tsumoto, K.'    3 
'Kumagai, I.'    4 
# 
loop_
_citation.id 
_citation.title 
_citation.journal_abbrev 
_citation.journal_volume 
_citation.page_first 
_citation.page_last 
_citation.year 
_citation.journal_id_ASTM 
_citation.country 
_citation.journal_id_ISSN 
_citation.journal_id_CSD 
_citation.book_publisher 
_citation.pdbx_database_id_PubMed 
_citation.pdbx_database_id_DOI 
primary 
;Contribution of Thr29 to the thermodynamic stability of goat alpha-lactalbumin as determined by experimental and theoretical approaches.
;
Proteins    45  16   29   2001 PSFGEY US 0887-3585 0867 ? 11536356 10.1002/prot.1119      
1       
;Effect of the extra N-terminal Methionine residue on the stability and folding of recombinant alpha-lactalbumin expressed in Escherichia coli
;
J.Mol.Biol. 285 1179 1194 1999 JMOBAK UK 0022-2836 0070 ? ?        10.1006/jmbi.1998.2362 
# 
loop_
_citation_author.citation_id 
_citation_author.name 
_citation_author.ordinal 
_citation_author.identifier_ORCID 
primary 'Horii, K.'       1  ? 
primary 'Saito, M.'       2  ? 
primary 'Yoda, T.'        3  ? 
primary 'Tsumoto, K.'     4  ? 
primary 'Matsushima, M.'  5  ? 
primary 'Kuwajima, K.'    6  ? 
primary 'Kumagai, I.'     7  ? 
1       'Chaudhuri, T.K.' 8  ? 
1       'Horii, K.'       9  ? 
1       'Yoda, T.'        10 ? 
1       'Arai, M.'        11 ? 
1       'Nagata, S.'      12 ? 
1       'Terada, T.P.'    13 ? 
1       'Uchiyama, H.'    14 ? 
1       'Ikura, T.'       15 ? 
1       'Tsumoto, K.'     16 ? 
1       'Kataoka, H.'     17 ? 
1       'Matsushima, M.'  18 ? 
1       'Kuwajima, K.'    19 ? 
1       'Kumagai, I.'     20 ? 
# 
loop_
_entity.id 
_entity.type 
_entity.src_method 
_entity.pdbx_description 
_entity.formula_weight 
_entity.pdbx_number_of_molecules 
_entity.pdbx_ec 
_entity.pdbx_mutation 
_entity.pdbx_fragment 
_entity.details 
1 polymer     man ALPHA-LACTALBUMIN 14340.281 1  2.4.1.22 YES B-HELIX ? 
2 non-polymer syn 'CALCIUM ION'     40.078    1  ?        ?   ?       ? 
3 water       nat water             18.015    64 ?        ?   ?       ? 
# 
_entity_name_com.entity_id   1 
_entity_name_com.name        'LACTOSE SYNTHASE B PROTEIN' 
# 
_entity_poly.entity_id                      1 
_entity_poly.type                           'polypeptide(L)' 
_entity_poly.nstd_linkage                   no 
_entity_poly.nstd_monomer                   no 
_entity_poly.pdbx_seq_one_letter_code       
;MEQLTKCEVFQKLKDLKDYGGVSLPEWVCVAFHTSGYDTQAIVQNNDSTEYGLFQINNKIWCKDDQNPHSRNICNISCDK
FLDDDLTDDIVCAKKILDKVGINYWLAHKALCSEKLDQWLCEKL
;
_entity_poly.pdbx_seq_one_letter_code_can   
;MEQLTKCEVFQKLKDLKDYGGVSLPEWVCVAFHTSGYDTQAIVQNNDSTEYGLFQINNKIWCKDDQNPHSRNICNISCDK
FLDDDLTDDIVCAKKILDKVGINYWLAHKALCSEKLDQWLCEKL
;
_entity_poly.pdbx_strand_id                 A 
_entity_poly.pdbx_target_identifier         ? 
# 
loop_
_pdbx_entity_nonpoly.entity_id 
_pdbx_entity_nonpoly.name 
_pdbx_entity_nonpoly.comp_id 
2 'CALCIUM ION' CA  
3 water         HOH 
# 
loop_
_entity_poly_seq.entity_id 
_entity_poly_seq.num 
_entity_poly_seq.mon_id 
_entity_poly_seq.hetero 
1 1   MET n 
1 2   GLU n 
1 3   GLN n 
1 4   LEU n 
1 5   THR n 
1 6   LYS n 
1 7   CYS n 
1 8   GLU n 
1 9   VAL n 
1 10  PHE n 
1 11  GLN n 
1 12  LYS n 
1 13  LEU n 
1 14  LYS n 
1 15  ASP n 
1 16  LEU n 
1 17  LYS n 
1 18  ASP n 
1 19  TYR n 
1 20  GLY n 
1 21  GLY n 
1 22  VAL n 
1 23  SER n 
1 24  LEU n 
1 25  PRO n 
1 26  GLU n 
1 27  TRP n 
1 28  VAL n 
1 29  CYS n 
1 30  VAL n 
1 31  ALA n 
1 32  PHE n 
1 33  HIS n 
1 34  THR n 
1 35  SER n 
1 36  GLY n 
1 37  TYR n 
1 38  ASP n 
1 39  THR n 
1 40  GLN n 
1 41  ALA n 
1 42  ILE n 
1 43  VAL n 
1 44  GLN n 
1 45  ASN n 
1 46  ASN n 
1 47  ASP n 
1 48  SER n 
1 49  THR n 
1 50  GLU n 
1 51  TYR n 
1 52  GLY n 
1 53  LEU n 
1 54  PHE n 
1 55  GLN n 
1 56  ILE n 
1 57  ASN n 
1 58  ASN n 
1 59  LYS n 
1 60  ILE n 
1 61  TRP n 
1 62  CYS n 
1 63  LYS n 
1 64  ASP n 
1 65  ASP n 
1 66  GLN n 
1 67  ASN n 
1 68  PRO n 
1 69  HIS n 
1 70  SER n 
1 71  ARG n 
1 72  ASN n 
1 73  ILE n 
1 74  CYS n 
1 75  ASN n 
1 76  ILE n 
1 77  SER n 
1 78  CYS n 
1 79  ASP n 
1 80  LYS n 
1 81  PHE n 
1 82  LEU n 
1 83  ASP n 
1 84  ASP n 
1 85  ASP n 
1 86  LEU n 
1 87  THR n 
1 88  ASP n 
1 89  ASP n 
1 90  ILE n 
1 91  VAL n 
1 92  CYS n 
1 93  ALA n 
1 94  LYS n 
1 95  LYS n 
1 96  ILE n 
1 97  LEU n 
1 98  ASP n 
1 99  LYS n 
1 100 VAL n 
1 101 GLY n 
1 102 ILE n 
1 103 ASN n 
1 104 TYR n 
1 105 TRP n 
1 106 LEU n 
1 107 ALA n 
1 108 HIS n 
1 109 LYS n 
1 110 ALA n 
1 111 LEU n 
1 112 CYS n 
1 113 SER n 
1 114 GLU n 
1 115 LYS n 
1 116 LEU n 
1 117 ASP n 
1 118 GLN n 
1 119 TRP n 
1 120 LEU n 
1 121 CYS n 
1 122 GLU n 
1 123 LYS n 
1 124 LEU n 
# 
_entity_src_gen.entity_id                          1 
_entity_src_gen.pdbx_src_id                        1 
_entity_src_gen.pdbx_alt_source_flag               sample 
_entity_src_gen.pdbx_seq_type                      ? 
_entity_src_gen.pdbx_beg_seq_num                   ? 
_entity_src_gen.pdbx_end_seq_num                   ? 
_entity_src_gen.gene_src_common_name               goat 
_entity_src_gen.gene_src_genus                     Capra 
_entity_src_gen.pdbx_gene_src_gene                 'A CLONED GENE OF GOAT LACTA' 
_entity_src_gen.gene_src_species                   ? 
_entity_src_gen.gene_src_strain                    ? 
_entity_src_gen.gene_src_tissue                    ? 
_entity_src_gen.gene_src_tissue_fraction           ? 
_entity_src_gen.gene_src_details                   ? 
_entity_src_gen.pdbx_gene_src_fragment             ? 
_entity_src_gen.pdbx_gene_src_scientific_name      'Capra hircus' 
_entity_src_gen.pdbx_gene_src_ncbi_taxonomy_id     9925 
_entity_src_gen.pdbx_gene_src_variant              ? 
_entity_src_gen.pdbx_gene_src_cell_line            ? 
_entity_src_gen.pdbx_gene_src_atcc                 ? 
_entity_src_gen.pdbx_gene_src_organ                ? 
_entity_src_gen.pdbx_gene_src_organelle            ? 
_entity_src_gen.pdbx_gene_src_cell                 ? 
_entity_src_gen.pdbx_gene_src_cellular_location    ? 
_entity_src_gen.host_org_common_name               ? 
_entity_src_gen.pdbx_host_org_scientific_name      'Escherichia coli BL21(DE3)' 
_entity_src_gen.pdbx_host_org_ncbi_taxonomy_id     469008 
_entity_src_gen.host_org_genus                     Escherichia 
_entity_src_gen.pdbx_host_org_gene                 'A CLONED GENE OF GOAT CDNA' 
_entity_src_gen.pdbx_host_org_organ                ? 
_entity_src_gen.host_org_species                   'Escherichia coli' 
_entity_src_gen.pdbx_host_org_tissue               ? 
_entity_src_gen.pdbx_host_org_tissue_fraction      ? 
_entity_src_gen.pdbx_host_org_strain               'BL21(DE3)' 
_entity_src_gen.pdbx_host_org_variant              ? 
_entity_src_gen.pdbx_host_org_cell_line            ? 
_entity_src_gen.pdbx_host_org_atcc                 ? 
_entity_src_gen.pdbx_host_org_culture_collection   ? 
_entity_src_gen.pdbx_host_org_cell                 ? 
_entity_src_gen.pdbx_host_org_organelle            ? 
_entity_src_gen.pdbx_host_org_cellular_location    ? 
_entity_src_gen.pdbx_host_org_vector_type          PLASMID 
_entity_src_gen.pdbx_host_org_vector               ? 
_entity_src_gen.host_org_details                   ? 
_entity_src_gen.expression_system_id               ? 
_entity_src_gen.plasmid_name                       PET-PUT7LA-T29V 
_entity_src_gen.plasmid_details                    ? 
_entity_src_gen.pdbx_description                   ? 
# 
loop_
_chem_comp.id 
_chem_comp.type 
_chem_comp.mon_nstd_flag 
_chem_comp.name 
_chem_comp.pdbx_synonyms 
_chem_comp.formula 
_chem_comp.formula_weight 
ALA 'L-peptide linking' y ALANINE         ? 'C3 H7 N O2'     89.093  
ARG 'L-peptide linking' y ARGININE        ? 'C6 H15 N4 O2 1' 175.209 
ASN 'L-peptide linking' y ASPARAGINE      ? 'C4 H8 N2 O3'    132.118 
ASP 'L-peptide linking' y 'ASPARTIC ACID' ? 'C4 H7 N O4'     133.103 
CA  non-polymer         . 'CALCIUM ION'   ? 'Ca 2'           40.078  
CYS 'L-peptide linking' y CYSTEINE        ? 'C3 H7 N O2 S'   121.158 
GLN 'L-peptide linking' y GLUTAMINE       ? 'C5 H10 N2 O3'   146.144 
GLU 'L-peptide linking' y 'GLUTAMIC ACID' ? 'C5 H9 N O4'     147.129 
GLY 'peptide linking'   y GLYCINE         ? 'C2 H5 N O2'     75.067  
HIS 'L-peptide linking' y HISTIDINE       ? 'C6 H10 N3 O2 1' 156.162 
HOH non-polymer         . WATER           ? 'H2 O'           18.015  
ILE 'L-peptide linking' y ISOLEUCINE      ? 'C6 H13 N O2'    131.173 
LEU 'L-peptide linking' y LEUCINE         ? 'C6 H13 N O2'    131.173 
LYS 'L-peptide linking' y LYSINE          ? 'C6 H15 N2 O2 1' 147.195 
MET 'L-peptide linking' y METHIONINE      ? 'C5 H11 N O2 S'  149.211 
PHE 'L-peptide linking' y PHENYLALANINE   ? 'C9 H11 N O2'    165.189 
PRO 'L-peptide linking' y PROLINE         ? 'C5 H9 N O2'     115.130 
SER 'L-peptide linking' y SERINE          ? 'C3 H7 N O3'     105.093 
THR 'L-peptide linking' y THREONINE       ? 'C4 H9 N O3'     119.119 
TRP 'L-peptide linking' y TRYPTOPHAN      ? 'C11 H12 N2 O2'  204.225 
TYR 'L-peptide linking' y TYROSINE        ? 'C9 H11 N O3'    181.189 
VAL 'L-peptide linking' y VALINE          ? 'C5 H11 N O2'    117.146 
# 
loop_
_pdbx_poly_seq_scheme.asym_id 
_pdbx_poly_seq_scheme.entity_id 
_pdbx_poly_seq_scheme.seq_id 
_pdbx_poly_seq_scheme.mon_id 
_pdbx_poly_seq_scheme.ndb_seq_num 
_pdbx_poly_seq_scheme.pdb_seq_num 
_pdbx_poly_seq_scheme.auth_seq_num 
_pdbx_poly_seq_scheme.pdb_mon_id 
_pdbx_poly_seq_scheme.auth_mon_id 
_pdbx_poly_seq_scheme.pdb_strand_id 
_pdbx_poly_seq_scheme.pdb_ins_code 
_pdbx_poly_seq_scheme.hetero 
A 1 1   MET 1   0   0   MET MET A . n 
A 1 2   GLU 2   1   1   GLU GLU A . n 
A 1 3   GLN 3   2   2   GLN GLN A . n 
A 1 4   LEU 4   3   3   LEU LEU A . n 
A 1 5   THR 5   4   4   THR THR A . n 
A 1 6   LYS 6   5   5   LYS LYS A . n 
A 1 7   CYS 7   6   6   CYS CYS A . n 
A 1 8   GLU 8   7   7   GLU GLU A . n 
A 1 9   VAL 9   8   8   VAL VAL A . n 
A 1 10  PHE 10  9   9   PHE PHE A . n 
A 1 11  GLN 11  10  10  GLN GLN A . n 
A 1 12  LYS 12  11  11  LYS LYS A . n 
A 1 13  LEU 13  12  12  LEU LEU A . n 
A 1 14  LYS 14  13  13  LYS LYS A . n 
A 1 15  ASP 15  14  14  ASP ASP A . n 
A 1 16  LEU 16  15  15  LEU LEU A . n 
A 1 17  LYS 17  16  16  LYS LYS A . n 
A 1 18  ASP 18  17  17  ASP ASP A . n 
A 1 19  TYR 19  18  18  TYR TYR A . n 
A 1 20  GLY 20  19  19  GLY GLY A . n 
A 1 21  GLY 21  20  20  GLY GLY A . n 
A 1 22  VAL 22  21  21  VAL VAL A . n 
A 1 23  SER 23  22  22  SER SER A . n 
A 1 24  LEU 24  23  23  LEU LEU A . n 
A 1 25  PRO 25  24  24  PRO PRO A . n 
A 1 26  GLU 26  25  25  GLU GLU A . n 
A 1 27  TRP 27  26  26  TRP TRP A . n 
A 1 28  VAL 28  27  27  VAL VAL A . n 
A 1 29  CYS 29  28  28  CYS CYS A . n 
A 1 30  VAL 30  29  29  VAL VAL A . n 
A 1 31  ALA 31  30  30  ALA ALA A . n 
A 1 32  PHE 32  31  31  PHE PHE A . n 
A 1 33  HIS 33  32  32  HIS HIS A . n 
A 1 34  THR 34  33  33  THR THR A . n 
A 1 35  SER 35  34  34  SER SER A . n 
A 1 36  GLY 36  35  35  GLY GLY A . n 
A 1 37  TYR 37  36  36  TYR TYR A . n 
A 1 38  ASP 38  37  37  ASP ASP A . n 
A 1 39  THR 39  38  38  THR THR A . n 
A 1 40  GLN 40  39  39  GLN GLN A . n 
A 1 41  ALA 41  40  40  ALA ALA A . n 
A 1 42  ILE 42  41  41  ILE ILE A . n 
A 1 43  VAL 43  42  42  VAL VAL A . n 
A 1 44  GLN 44  43  43  GLN GLN A . n 
A 1 45  ASN 45  44  44  ASN ASN A . n 
A 1 46  ASN 46  45  45  ASN ASN A . n 
A 1 47  ASP 47  46  46  ASP ASP A . n 
A 1 48  SER 48  47  47  SER SER A . n 
A 1 49  THR 49  48  48  THR THR A . n 
A 1 50  GLU 50  49  49  GLU GLU A . n 
A 1 51  TYR 51  50  50  TYR TYR A . n 
A 1 52  GLY 52  51  51  GLY GLY A . n 
A 1 53  LEU 53  52  52  LEU LEU A . n 
A 1 54  PHE 54  53  53  PHE PHE A . n 
A 1 55  GLN 55  54  54  GLN GLN A . n 
A 1 56  ILE 56  55  55  ILE ILE A . n 
A 1 57  ASN 57  56  56  ASN ASN A . n 
A 1 58  ASN 58  57  57  ASN ASN A . n 
A 1 59  LYS 59  58  58  LYS LYS A . n 
A 1 60  ILE 60  59  59  ILE ILE A . n 
A 1 61  TRP 61  60  60  TRP TRP A . n 
A 1 62  CYS 62  61  61  CYS CYS A . n 
A 1 63  LYS 63  62  62  LYS LYS A . n 
A 1 64  ASP 64  63  63  ASP ASP A . n 
A 1 65  ASP 65  64  64  ASP ASP A . n 
A 1 66  GLN 66  65  65  GLN GLN A . n 
A 1 67  ASN 67  66  66  ASN ASN A . n 
A 1 68  PRO 68  67  67  PRO PRO A . n 
A 1 69  HIS 69  68  68  HIS HIS A . n 
A 1 70  SER 70  69  69  SER SER A . n 
A 1 71  ARG 71  70  70  ARG ARG A . n 
A 1 72  ASN 72  71  71  ASN ASN A . n 
A 1 73  ILE 73  72  72  ILE ILE A . n 
A 1 74  CYS 74  73  73  CYS CYS A . n 
A 1 75  ASN 75  74  74  ASN ASN A . n 
A 1 76  ILE 76  75  75  ILE ILE A . n 
A 1 77  SER 77  76  76  SER SER A . n 
A 1 78  CYS 78  77  77  CYS CYS A . n 
A 1 79  ASP 79  78  78  ASP ASP A . n 
A 1 80  LYS 80  79  79  LYS LYS A . n 
A 1 81  PHE 81  80  80  PHE PHE A . n 
A 1 82  LEU 82  81  81  LEU LEU A . n 
A 1 83  ASP 83  82  82  ASP ASP A . n 
A 1 84  ASP 84  83  83  ASP ASP A . n 
A 1 85  ASP 85  84  84  ASP ASP A . n 
A 1 86  LEU 86  85  85  LEU LEU A . n 
A 1 87  THR 87  86  86  THR THR A . n 
A 1 88  ASP 88  87  87  ASP ASP A . n 
A 1 89  ASP 89  88  88  ASP ASP A . n 
A 1 90  ILE 90  89  89  ILE ILE A . n 
A 1 91  VAL 91  90  90  VAL VAL A . n 
A 1 92  CYS 92  91  91  CYS CYS A . n 
A 1 93  ALA 93  92  92  ALA ALA A . n 
A 1 94  LYS 94  93  93  LYS LYS A . n 
A 1 95  LYS 95  94  94  LYS LYS A . n 
A 1 96  ILE 96  95  95  ILE ILE A . n 
A 1 97  LEU 97  96  96  LEU LEU A . n 
A 1 98  ASP 98  97  97  ASP ASP A . n 
A 1 99  LYS 99  98  98  LYS LYS A . n 
A 1 100 VAL 100 99  99  VAL VAL A . n 
A 1 101 GLY 101 100 100 GLY GLY A . n 
A 1 102 ILE 102 101 101 ILE ILE A . n 
A 1 103 ASN 103 102 102 ASN ASN A . n 
A 1 104 TYR 104 103 103 TYR TYR A . n 
A 1 105 TRP 105 104 104 TRP TRP A . n 
A 1 106 LEU 106 105 105 LEU LEU A . n 
A 1 107 ALA 107 106 106 ALA ALA A . n 
A 1 108 HIS 108 107 107 HIS HIS A . n 
A 1 109 LYS 109 108 108 LYS LYS A . n 
A 1 110 ALA 110 109 109 ALA ALA A . n 
A 1 111 LEU 111 110 110 LEU LEU A . n 
A 1 112 CYS 112 111 111 CYS CYS A . n 
A 1 113 SER 113 112 112 SER SER A . n 
A 1 114 GLU 114 113 113 GLU GLU A . n 
A 1 115 LYS 115 114 114 LYS LYS A . n 
A 1 116 LEU 116 115 115 LEU LEU A . n 
A 1 117 ASP 117 116 116 ASP ASP A . n 
A 1 118 GLN 118 117 117 GLN GLN A . n 
A 1 119 TRP 119 118 118 TRP TRP A . n 
A 1 120 LEU 120 119 119 LEU LEU A . n 
A 1 121 CYS 121 120 120 CYS CYS A . n 
A 1 122 GLU 122 121 121 GLU GLU A . n 
A 1 123 LYS 123 122 122 LYS LYS A . n 
A 1 124 LEU 124 123 123 LEU LEU A . n 
# 
loop_
_pdbx_nonpoly_scheme.asym_id 
_pdbx_nonpoly_scheme.entity_id 
_pdbx_nonpoly_scheme.mon_id 
_pdbx_nonpoly_scheme.ndb_seq_num 
_pdbx_nonpoly_scheme.pdb_seq_num 
_pdbx_nonpoly_scheme.auth_seq_num 
_pdbx_nonpoly_scheme.pdb_mon_id 
_pdbx_nonpoly_scheme.auth_mon_id 
_pdbx_nonpoly_scheme.pdb_strand_id 
_pdbx_nonpoly_scheme.pdb_ins_code 
B 2 CA  1  124 124 CA  CA  A . 
C 3 HOH 1  125 125 HOH HOH A . 
C 3 HOH 2  126 126 HOH HOH A . 
C 3 HOH 3  127 127 HOH HOH A . 
C 3 HOH 4  128 128 HOH HOH A . 
C 3 HOH 5  129 129 HOH HOH A . 
C 3 HOH 6  130 130 HOH HOH A . 
C 3 HOH 7  131 131 HOH HOH A . 
C 3 HOH 8  132 132 HOH HOH A . 
C 3 HOH 9  133 133 HOH HOH A . 
C 3 HOH 10 134 134 HOH HOH A . 
C 3 HOH 11 135 135 HOH HOH A . 
C 3 HOH 12 136 136 HOH HOH A . 
C 3 HOH 13 137 137 HOH HOH A . 
C 3 HOH 14 138 138 HOH HOH A . 
C 3 HOH 15 139 139 HOH HOH A . 
C 3 HOH 16 140 140 HOH HOH A . 
C 3 HOH 17 141 141 HOH HOH A . 
C 3 HOH 18 142 142 HOH HOH A . 
C 3 HOH 19 143 143 HOH HOH A . 
C 3 HOH 20 144 144 HOH HOH A . 
C 3 HOH 21 145 145 HOH HOH A . 
C 3 HOH 22 146 146 HOH HOH A . 
C 3 HOH 23 147 147 HOH HOH A . 
C 3 HOH 24 148 148 HOH HOH A . 
C 3 HOH 25 149 149 HOH HOH A . 
C 3 HOH 26 150 150 HOH HOH A . 
C 3 HOH 27 151 151 HOH HOH A . 
C 3 HOH 28 152 152 HOH HOH A . 
C 3 HOH 29 153 153 HOH HOH A . 
C 3 HOH 30 154 154 HOH HOH A . 
C 3 HOH 31 155 155 HOH HOH A . 
C 3 HOH 32 156 156 HOH HOH A . 
C 3 HOH 33 157 157 HOH HOH A . 
C 3 HOH 34 158 158 HOH HOH A . 
C 3 HOH 35 159 159 HOH HOH A . 
C 3 HOH 36 160 160 HOH HOH A . 
C 3 HOH 37 161 161 HOH HOH A . 
C 3 HOH 38 162 162 HOH HOH A . 
C 3 HOH 39 163 163 HOH HOH A . 
C 3 HOH 40 164 164 HOH HOH A . 
C 3 HOH 41 165 165 HOH HOH A . 
C 3 HOH 42 166 166 HOH HOH A . 
C 3 HOH 43 167 167 HOH HOH A . 
C 3 HOH 44 168 168 HOH HOH A . 
C 3 HOH 45 169 169 HOH HOH A . 
C 3 HOH 46 170 170 HOH HOH A . 
C 3 HOH 47 171 171 HOH HOH A . 
C 3 HOH 48 172 172 HOH HOH A . 
C 3 HOH 49 173 173 HOH HOH A . 
C 3 HOH 50 174 174 HOH HOH A . 
C 3 HOH 51 175 175 HOH HOH A . 
C 3 HOH 52 176 176 HOH HOH A . 
C 3 HOH 53 177 177 HOH HOH A . 
C 3 HOH 54 178 178 HOH HOH A . 
C 3 HOH 55 179 179 HOH HOH A . 
C 3 HOH 56 180 180 HOH HOH A . 
C 3 HOH 57 181 181 HOH HOH A . 
C 3 HOH 58 182 182 HOH HOH A . 
C 3 HOH 59 183 183 HOH HOH A . 
C 3 HOH 60 184 184 HOH HOH A . 
C 3 HOH 61 185 185 HOH HOH A . 
C 3 HOH 62 186 186 HOH HOH A . 
C 3 HOH 63 187 187 HOH HOH A . 
C 3 HOH 64 188 188 HOH HOH A . 
# 
loop_
_software.name 
_software.classification 
_software.version 
_software.citation_id 
_software.pdbx_ordinal 
DENZO     'data reduction' .     ? 1 
SCALEPACK 'data scaling'   .     ? 2 
X-PLOR    'model building' .     ? 3 
X-PLOR    refinement       3.851 ? 4 
X-PLOR    phasing          .     ? 5 
# 
_cell.entry_id           1FKQ 
_cell.length_a           42.750 
_cell.length_b           59.380 
_cell.length_c           45.140 
_cell.angle_alpha        90.00 
_cell.angle_beta         90.00 
_cell.angle_gamma        90.00 
_cell.Z_PDB              4 
_cell.pdbx_unique_axis   ? 
# 
_symmetry.entry_id                         1FKQ 
_symmetry.space_group_name_H-M             'P 21 21 21' 
_symmetry.pdbx_full_space_group_name_H-M   ? 
_symmetry.cell_setting                     ? 
_symmetry.Int_Tables_number                19 
# 
_exptl.entry_id          1FKQ 
_exptl.method            'X-RAY DIFFRACTION' 
_exptl.crystals_number   1 
# 
_exptl_crystal.id                    1 
_exptl_crystal.density_meas          ? 
_exptl_crystal.density_percent_sol   38.42 
_exptl_crystal.density_Matthews      2.00 
_exptl_crystal.description           ? 
# 
_exptl_crystal_grow.crystal_id      1 
_exptl_crystal_grow.method          'VAPOR DIFFUSION, HANGING DROP' 
_exptl_crystal_grow.pH              5.5 
_exptl_crystal_grow.temp            277.0 
_exptl_crystal_grow.temp_details    ? 
_exptl_crystal_grow.pdbx_details    
'PEG 4000, ammonium sulfate, calcium chloride, potassium phosphate, pH 5.5, VAPOR DIFFUSION, HANGING DROP, temperature 277.0K' 
_exptl_crystal_grow.pdbx_pH_range   ? 
# 
_diffrn.id                     1 
_diffrn.ambient_temp           282.5 
_diffrn.ambient_temp_details   ? 
_diffrn.crystal_id             1 
# 
_diffrn_detector.diffrn_id              1 
_diffrn_detector.detector               'IMAGE PLATE' 
_diffrn_detector.type                   MACSCIENCE 
_diffrn_detector.pdbx_collection_date   1998-01-08 
_diffrn_detector.details                ? 
# 
_diffrn_radiation.diffrn_id                        1 
_diffrn_radiation.wavelength_id                    1 
_diffrn_radiation.monochromator                    ? 
_diffrn_radiation.pdbx_monochromatic_or_laue_m_l   M 
_diffrn_radiation.pdbx_diffrn_protocol             'SINGLE WAVELENGTH' 
_diffrn_radiation.pdbx_scattering_type             x-ray 
# 
_diffrn_radiation_wavelength.id           1 
_diffrn_radiation_wavelength.wavelength   1.5418 
_diffrn_radiation_wavelength.wt           1.0 
# 
_diffrn_source.diffrn_id                   1 
_diffrn_source.source                      'ROTATING ANODE' 
_diffrn_source.type                        MACSCIENCE 
_diffrn_source.pdbx_wavelength             1.5418 
_diffrn_source.pdbx_synchrotron_site       ? 
_diffrn_source.pdbx_synchrotron_beamline   ? 
_diffrn_source.pdbx_wavelength_list        ? 
# 
_reflns.entry_id                     1FKQ 
_reflns.observed_criterion_sigma_I   ? 
_reflns.observed_criterion_sigma_F   ? 
_reflns.d_resolution_low             30.0 
_reflns.d_resolution_high            1.75 
_reflns.number_obs                   10970 
_reflns.number_all                   12140 
_reflns.percent_possible_obs         90.4 
_reflns.pdbx_Rmerge_I_obs            0.092 
_reflns.pdbx_Rsym_value              ? 
_reflns.pdbx_netI_over_sigmaI        6.7 
_reflns.B_iso_Wilson_estimate        ? 
_reflns.pdbx_redundancy              4.3 
_reflns.R_free_details               ? 
_reflns.limit_h_max                  ? 
_reflns.limit_h_min                  ? 
_reflns.limit_k_max                  ? 
_reflns.limit_k_min                  ? 
_reflns.limit_l_max                  ? 
_reflns.limit_l_min                  ? 
_reflns.observed_criterion_F_max     ? 
_reflns.observed_criterion_F_min     ? 
_reflns.pdbx_diffrn_id               1 
_reflns.pdbx_ordinal                 1 
# 
_reflns_shell.d_res_high             1.75 
_reflns_shell.d_res_low              1.81 
_reflns_shell.percent_possible_obs   ? 
_reflns_shell.percent_possible_all   87.8 
_reflns_shell.Rmerge_I_obs           0.375 
_reflns_shell.meanI_over_sigI_obs    ? 
_reflns_shell.pdbx_Rsym_value        ? 
_reflns_shell.pdbx_redundancy        ? 
_reflns_shell.number_unique_all      ? 
_reflns_shell.pdbx_diffrn_id         ? 
_reflns_shell.pdbx_ordinal           1 
# 
_refine.entry_id                                 1FKQ 
_refine.ls_number_reflns_obs                     8323 
_refine.ls_number_reflns_all                     9276 
_refine.pdbx_ls_sigma_I                          ? 
_refine.pdbx_ls_sigma_F                          2.0 
_refine.pdbx_data_cutoff_high_absF               ? 
_refine.pdbx_data_cutoff_low_absF                ? 
_refine.ls_d_res_low                             8.0 
_refine.ls_d_res_high                            1.8 
_refine.ls_percent_reflns_obs                    84.7 
_refine.ls_R_factor_obs                          ? 
_refine.ls_R_factor_all                          ? 
_refine.ls_R_factor_R_work                       0.189 
_refine.ls_R_factor_R_free                       0.241 
_refine.ls_R_factor_R_free_error                 ? 
_refine.ls_R_factor_R_free_error_details         ? 
_refine.ls_percent_reflns_R_free                 ? 
_refine.ls_number_reflns_R_free                  953 
_refine.ls_number_parameters                     ? 
_refine.ls_number_restraints                     ? 
_refine.occupancy_min                            ? 
_refine.occupancy_max                            ? 
_refine.B_iso_mean                               ? 
_refine.aniso_B[1][1]                            ? 
_refine.aniso_B[2][2]                            ? 
_refine.aniso_B[3][3]                            ? 
_refine.aniso_B[1][2]                            ? 
_refine.aniso_B[1][3]                            ? 
_refine.aniso_B[2][3]                            ? 
_refine.solvent_model_details                    ? 
_refine.solvent_model_param_ksol                 ? 
_refine.solvent_model_param_bsol                 ? 
_refine.pdbx_ls_cross_valid_method               ? 
_refine.details                                  ? 
_refine.pdbx_starting_model                      ? 
_refine.pdbx_method_to_determine_struct          ? 
_refine.pdbx_isotropic_thermal_model             ? 
_refine.pdbx_stereochemistry_target_values       'Engh & Huber' 
_refine.pdbx_stereochem_target_val_spec_case     ? 
_refine.pdbx_R_Free_selection_details            RANDOM 
_refine.pdbx_overall_ESU_R_Free                  ? 
_refine.overall_SU_B                             ? 
_refine.ls_redundancy_reflns_obs                 ? 
_refine.B_iso_min                                ? 
_refine.B_iso_max                                ? 
_refine.overall_SU_ML                            ? 
_refine.pdbx_overall_ESU_R                       ? 
_refine.pdbx_data_cutoff_high_rms_absF           ? 
_refine.correlation_coeff_Fo_to_Fc               ? 
_refine.overall_SU_R_Cruickshank_DPI             ? 
_refine.overall_SU_R_free                        ? 
_refine.correlation_coeff_Fo_to_Fc_free          ? 
_refine.pdbx_solvent_vdw_probe_radii             ? 
_refine.pdbx_solvent_ion_probe_radii             ? 
_refine.pdbx_solvent_shrinkage_radii             ? 
_refine.pdbx_refine_id                           'X-RAY DIFFRACTION' 
_refine.pdbx_diffrn_id                           1 
_refine.pdbx_TLS_residual_ADP_flag               ? 
_refine.pdbx_overall_phase_error                 ? 
_refine.pdbx_overall_SU_R_free_Cruickshank_DPI   ? 
_refine.pdbx_overall_SU_R_Blow_DPI               ? 
_refine.pdbx_overall_SU_R_free_Blow_DPI          ? 
# 
_refine_hist.pdbx_refine_id                   'X-RAY DIFFRACTION' 
_refine_hist.cycle_id                         LAST 
_refine_hist.pdbx_number_atoms_protein        1003 
_refine_hist.pdbx_number_atoms_nucleic_acid   0 
_refine_hist.pdbx_number_atoms_ligand         1 
_refine_hist.number_atoms_solvent             64 
_refine_hist.number_atoms_total               1068 
_refine_hist.d_res_high                       1.8 
_refine_hist.d_res_low                        8.0 
# 
loop_
_refine_ls_restr.type 
_refine_ls_restr.dev_ideal 
_refine_ls_restr.dev_ideal_target 
_refine_ls_restr.weight 
_refine_ls_restr.number 
_refine_ls_restr.pdbx_refine_id 
_refine_ls_restr.pdbx_restraint_function 
x_bond_d    0.006 ? ? ? 'X-RAY DIFFRACTION' ? 
x_angle_deg 1.256 ? ? ? 'X-RAY DIFFRACTION' ? 
# 
_struct.entry_id                  1FKQ 
_struct.title                     'RECOMBINANT GOAT ALPHA-LACTALBUMIN T29V' 
_struct.pdbx_model_details        ? 
_struct.pdbx_CASP_flag            ? 
_struct.pdbx_model_type_details   ? 
# 
_struct_keywords.entry_id        1FKQ 
_struct_keywords.pdbx_keywords   TRANSFERASE 
_struct_keywords.text            'LACTOSE SYNTHASE COMPONENT, CALCIUM BINDING METALLOPROTEIN, GLYCOPROTEIN, TRANSFERASE' 
# 
loop_
_struct_asym.id 
_struct_asym.pdbx_blank_PDB_chainid_flag 
_struct_asym.pdbx_modified 
_struct_asym.entity_id 
_struct_asym.details 
A N N 1 ? 
B N N 2 ? 
C N N 3 ? 
# 
_struct_ref.id                         1 
_struct_ref.db_code                    LALBA_CAPHI 
_struct_ref.db_name                    UNP 
_struct_ref.entity_id                  1 
_struct_ref.pdbx_db_accession          P00712 
_struct_ref.pdbx_align_begin           20 
_struct_ref.pdbx_seq_one_letter_code   
;EQLTKCEVFQKLKDLKDYGGVSLPEWVCTAFHTSGYDTQAIVQNNDSTEYGLFQINNKIWCKDDQNPHSRNICNISCDKF
LDDDLTDDIVCAKKILDKVGINYWLAHKALCSEKLDQWLCEKL
;
_struct_ref.pdbx_db_isoform            ? 
# 
_struct_ref_seq.align_id                      1 
_struct_ref_seq.ref_id                        1 
_struct_ref_seq.pdbx_PDB_id_code              1FKQ 
_struct_ref_seq.pdbx_strand_id                A 
_struct_ref_seq.seq_align_beg                 2 
_struct_ref_seq.pdbx_seq_align_beg_ins_code   ? 
_struct_ref_seq.seq_align_end                 124 
_struct_ref_seq.pdbx_seq_align_end_ins_code   ? 
_struct_ref_seq.pdbx_db_accession             P00712 
_struct_ref_seq.db_align_beg                  20 
_struct_ref_seq.pdbx_db_align_beg_ins_code    ? 
_struct_ref_seq.db_align_end                  142 
_struct_ref_seq.pdbx_db_align_end_ins_code    ? 
_struct_ref_seq.pdbx_auth_seq_align_beg       1 
_struct_ref_seq.pdbx_auth_seq_align_end       123 
# 
loop_
_struct_ref_seq_dif.align_id 
_struct_ref_seq_dif.pdbx_pdb_id_code 
_struct_ref_seq_dif.mon_id 
_struct_ref_seq_dif.pdbx_pdb_strand_id 
_struct_ref_seq_dif.seq_num 
_struct_ref_seq_dif.pdbx_pdb_ins_code 
_struct_ref_seq_dif.pdbx_seq_db_name 
_struct_ref_seq_dif.pdbx_seq_db_accession_code 
_struct_ref_seq_dif.db_mon_id 
_struct_ref_seq_dif.pdbx_seq_db_seq_num 
_struct_ref_seq_dif.details 
_struct_ref_seq_dif.pdbx_auth_seq_num 
_struct_ref_seq_dif.pdbx_ordinal 
1 1FKQ MET A 1  ? UNP P00712 ?   ?  'cloning artifact'    0  1 
1 1FKQ VAL A 30 ? UNP P00712 THR 48 'engineered mutation' 29 2 
# 
_pdbx_struct_assembly.id                   1 
_pdbx_struct_assembly.details              author_defined_assembly 
_pdbx_struct_assembly.method_details       ? 
_pdbx_struct_assembly.oligomeric_details   monomeric 
_pdbx_struct_assembly.oligomeric_count     1 
# 
_pdbx_struct_assembly_gen.assembly_id       1 
_pdbx_struct_assembly_gen.oper_expression   1 
_pdbx_struct_assembly_gen.asym_id_list      A,B,C 
# 
_pdbx_struct_oper_list.id                   1 
_pdbx_struct_oper_list.type                 'identity operation' 
_pdbx_struct_oper_list.name                 1_555 
_pdbx_struct_oper_list.symmetry_operation   x,y,z 
_pdbx_struct_oper_list.matrix[1][1]         1.0000000000 
_pdbx_struct_oper_list.matrix[1][2]         0.0000000000 
_pdbx_struct_oper_list.matrix[1][3]         0.0000000000 
_pdbx_struct_oper_list.vector[1]            0.0000000000 
_pdbx_struct_oper_list.matrix[2][1]         0.0000000000 
_pdbx_struct_oper_list.matrix[2][2]         1.0000000000 
_pdbx_struct_oper_list.matrix[2][3]         0.0000000000 
_pdbx_struct_oper_list.vector[2]            0.0000000000 
_pdbx_struct_oper_list.matrix[3][1]         0.0000000000 
_pdbx_struct_oper_list.matrix[3][2]         0.0000000000 
_pdbx_struct_oper_list.matrix[3][3]         1.0000000000 
_pdbx_struct_oper_list.vector[3]            0.0000000000 
# 
_struct_biol.id                    1 
_struct_biol.pdbx_parent_biol_id   ? 
_struct_biol.details               ? 
# 
loop_
_struct_conf.conf_type_id 
_struct_conf.id 
_struct_conf.pdbx_PDB_helix_id 
_struct_conf.beg_label_comp_id 
_struct_conf.beg_label_asym_id 
_struct_conf.beg_label_seq_id 
_struct_conf.pdbx_beg_PDB_ins_code 
_struct_conf.end_label_comp_id 
_struct_conf.end_label_asym_id 
_struct_conf.end_label_seq_id 
_struct_conf.pdbx_end_PDB_ins_code 
_struct_conf.beg_auth_comp_id 
_struct_conf.beg_auth_asym_id 
_struct_conf.beg_auth_seq_id 
_struct_conf.end_auth_comp_id 
_struct_conf.end_auth_asym_id 
_struct_conf.end_auth_seq_id 
_struct_conf.pdbx_PDB_helix_class 
_struct_conf.details 
_struct_conf.pdbx_PDB_helix_length 
HELX_P HELX_P1 1 THR A 5   ? LEU A 13  ? THR A 4   LEU A 12  1 ? 9  
HELX_P HELX_P2 2 LYS A 14  ? LYS A 17  ? LYS A 13  LYS A 16  5 ? 4  
HELX_P HELX_P3 3 ASP A 18  ? ASP A 18  ? ASP A 17  ASP A 17  5 ? 1  
HELX_P HELX_P4 4 SER A 23  ? GLY A 36  ? SER A 22  GLY A 35  1 ? 14 
HELX_P HELX_P5 5 CYS A 78  ? LEU A 82  ? CYS A 77  LEU A 81  5 ? 5  
HELX_P HELX_P6 6 LEU A 86  ? GLY A 101 ? LEU A 85  GLY A 100 1 ? 16 
HELX_P HELX_P7 7 ILE A 102 ? TRP A 105 ? ILE A 101 TRP A 104 5 ? 4  
HELX_P HELX_P8 8 HIS A 108 ? CYS A 112 ? HIS A 107 CYS A 111 5 ? 5  
HELX_P HELX_P9 9 LYS A 115 ? LEU A 120 ? LYS A 114 LEU A 119 5 ? 6  
# 
_struct_conf_type.id          HELX_P 
_struct_conf_type.criteria    ? 
_struct_conf_type.reference   ? 
# 
loop_
_struct_conn.id 
_struct_conn.conn_type_id 
_struct_conn.pdbx_leaving_atom_flag 
_struct_conn.pdbx_PDB_id 
_struct_conn.ptnr1_label_asym_id 
_struct_conn.ptnr1_label_comp_id 
_struct_conn.ptnr1_label_seq_id 
_struct_conn.ptnr1_label_atom_id 
_struct_conn.pdbx_ptnr1_label_alt_id 
_struct_conn.pdbx_ptnr1_PDB_ins_code 
_struct_conn.pdbx_ptnr1_standard_comp_id 
_struct_conn.ptnr1_symmetry 
_struct_conn.ptnr2_label_asym_id 
_struct_conn.ptnr2_label_comp_id 
_struct_conn.ptnr2_label_seq_id 
_struct_conn.ptnr2_label_atom_id 
_struct_conn.pdbx_ptnr2_label_alt_id 
_struct_conn.pdbx_ptnr2_PDB_ins_code 
_struct_conn.ptnr1_auth_asym_id 
_struct_conn.ptnr1_auth_comp_id 
_struct_conn.ptnr1_auth_seq_id 
_struct_conn.ptnr2_auth_asym_id 
_struct_conn.ptnr2_auth_comp_id 
_struct_conn.ptnr2_auth_seq_id 
_struct_conn.ptnr2_symmetry 
_struct_conn.pdbx_ptnr3_label_atom_id 
_struct_conn.pdbx_ptnr3_label_seq_id 
_struct_conn.pdbx_ptnr3_label_comp_id 
_struct_conn.pdbx_ptnr3_label_asym_id 
_struct_conn.pdbx_ptnr3_label_alt_id 
_struct_conn.pdbx_ptnr3_PDB_ins_code 
_struct_conn.details 
_struct_conn.pdbx_dist_value 
_struct_conn.pdbx_value_order 
_struct_conn.pdbx_role 
disulf1 disulf ? ? A CYS 7  SG  ? ? ? 1_555 A CYS 121 SG ? ? A CYS 6   A CYS 120 1_555 ? ? ? ? ? ? ? 2.031 ? ? 
disulf2 disulf ? ? A CYS 29 SG  ? ? ? 1_555 A CYS 112 SG ? ? A CYS 28  A CYS 111 1_555 ? ? ? ? ? ? ? 2.029 ? ? 
disulf3 disulf ? ? A CYS 62 SG  ? ? ? 1_555 A CYS 78  SG ? ? A CYS 61  A CYS 77  1_555 ? ? ? ? ? ? ? 2.032 ? ? 
disulf4 disulf ? ? A CYS 74 SG  ? ? ? 1_555 A CYS 92  SG ? ? A CYS 73  A CYS 91  1_555 ? ? ? ? ? ? ? 2.026 ? ? 
metalc1 metalc ? ? A LYS 80 O   ? ? ? 1_555 B CA  .   CA ? ? A LYS 79  A CA  124 1_555 ? ? ? ? ? ? ? 2.452 ? ? 
metalc2 metalc ? ? A ASP 83 OD1 ? ? ? 1_555 B CA  .   CA ? ? A ASP 82  A CA  124 1_555 ? ? ? ? ? ? ? 2.585 ? ? 
metalc3 metalc ? ? A ASP 85 O   ? ? ? 1_555 B CA  .   CA ? ? A ASP 84  A CA  124 1_555 ? ? ? ? ? ? ? 2.320 ? ? 
metalc4 metalc ? ? A ASP 88 OD1 ? ? ? 1_555 B CA  .   CA ? ? A ASP 87  A CA  124 1_555 ? ? ? ? ? ? ? 2.363 ? ? 
metalc5 metalc ? ? A ASP 89 OD2 ? ? ? 1_555 B CA  .   CA ? ? A ASP 88  A CA  124 1_555 ? ? ? ? ? ? ? 2.418 ? ? 
metalc6 metalc ? ? B CA  .  CA  ? ? ? 1_555 C HOH .   O  ? ? A CA  124 A HOH 126 1_555 ? ? ? ? ? ? ? 2.576 ? ? 
metalc7 metalc ? ? B CA  .  CA  ? ? ? 1_555 C HOH .   O  ? ? A CA  124 A HOH 135 1_555 ? ? ? ? ? ? ? 2.568 ? ? 
# 
loop_
_struct_conn_type.id 
_struct_conn_type.criteria 
_struct_conn_type.reference 
disulf ? ? 
metalc ? ? 
# 
loop_
_pdbx_struct_conn_angle.id 
_pdbx_struct_conn_angle.ptnr1_label_atom_id 
_pdbx_struct_conn_angle.ptnr1_label_alt_id 
_pdbx_struct_conn_angle.ptnr1_label_asym_id 
_pdbx_struct_conn_angle.ptnr1_label_comp_id 
_pdbx_struct_conn_angle.ptnr1_label_seq_id 
_pdbx_struct_conn_angle.ptnr1_auth_atom_id 
_pdbx_struct_conn_angle.ptnr1_auth_asym_id 
_pdbx_struct_conn_angle.ptnr1_auth_comp_id 
_pdbx_struct_conn_angle.ptnr1_auth_seq_id 
_pdbx_struct_conn_angle.ptnr1_PDB_ins_code 
_pdbx_struct_conn_angle.ptnr1_symmetry 
_pdbx_struct_conn_angle.ptnr2_label_atom_id 
_pdbx_struct_conn_angle.ptnr2_label_alt_id 
_pdbx_struct_conn_angle.ptnr2_label_asym_id 
_pdbx_struct_conn_angle.ptnr2_label_comp_id 
_pdbx_struct_conn_angle.ptnr2_label_seq_id 
_pdbx_struct_conn_angle.ptnr2_auth_atom_id 
_pdbx_struct_conn_angle.ptnr2_auth_asym_id 
_pdbx_struct_conn_angle.ptnr2_auth_comp_id 
_pdbx_struct_conn_angle.ptnr2_auth_seq_id 
_pdbx_struct_conn_angle.ptnr2_PDB_ins_code 
_pdbx_struct_conn_angle.ptnr2_symmetry 
_pdbx_struct_conn_angle.ptnr3_label_atom_id 
_pdbx_struct_conn_angle.ptnr3_label_alt_id 
_pdbx_struct_conn_angle.ptnr3_label_asym_id 
_pdbx_struct_conn_angle.ptnr3_label_comp_id 
_pdbx_struct_conn_angle.ptnr3_label_seq_id 
_pdbx_struct_conn_angle.ptnr3_auth_atom_id 
_pdbx_struct_conn_angle.ptnr3_auth_asym_id 
_pdbx_struct_conn_angle.ptnr3_auth_comp_id 
_pdbx_struct_conn_angle.ptnr3_auth_seq_id 
_pdbx_struct_conn_angle.ptnr3_PDB_ins_code 
_pdbx_struct_conn_angle.ptnr3_symmetry 
_pdbx_struct_conn_angle.value 
_pdbx_struct_conn_angle.value_esd 
1  O   ? A LYS 80 ? A LYS 79  ? 1_555 CA ? B CA . ? A CA 124 ? 1_555 OD1 ? A ASP 83 ? A ASP 82  ? 1_555 91.5  ? 
2  O   ? A LYS 80 ? A LYS 79  ? 1_555 CA ? B CA . ? A CA 124 ? 1_555 O   ? A ASP 85 ? A ASP 84  ? 1_555 169.8 ? 
3  OD1 ? A ASP 83 ? A ASP 82  ? 1_555 CA ? B CA . ? A CA 124 ? 1_555 O   ? A ASP 85 ? A ASP 84  ? 1_555 79.1  ? 
4  O   ? A LYS 80 ? A LYS 79  ? 1_555 CA ? B CA . ? A CA 124 ? 1_555 OD1 ? A ASP 88 ? A ASP 87  ? 1_555 93.4  ? 
5  OD1 ? A ASP 83 ? A ASP 82  ? 1_555 CA ? B CA . ? A CA 124 ? 1_555 OD1 ? A ASP 88 ? A ASP 87  ? 1_555 149.1 ? 
6  O   ? A ASP 85 ? A ASP 84  ? 1_555 CA ? B CA . ? A CA 124 ? 1_555 OD1 ? A ASP 88 ? A ASP 87  ? 1_555 92.7  ? 
7  O   ? A LYS 80 ? A LYS 79  ? 1_555 CA ? B CA . ? A CA 124 ? 1_555 OD2 ? A ASP 89 ? A ASP 88  ? 1_555 105.0 ? 
8  OD1 ? A ASP 83 ? A ASP 82  ? 1_555 CA ? B CA . ? A CA 124 ? 1_555 OD2 ? A ASP 89 ? A ASP 88  ? 1_555 135.5 ? 
9  O   ? A ASP 85 ? A ASP 84  ? 1_555 CA ? B CA . ? A CA 124 ? 1_555 OD2 ? A ASP 89 ? A ASP 88  ? 1_555 84.7  ? 
10 OD1 ? A ASP 88 ? A ASP 87  ? 1_555 CA ? B CA . ? A CA 124 ? 1_555 OD2 ? A ASP 89 ? A ASP 88  ? 1_555 72.0  ? 
11 O   ? A LYS 80 ? A LYS 79  ? 1_555 CA ? B CA . ? A CA 124 ? 1_555 O   ? C HOH .  ? A HOH 126 ? 1_555 86.1  ? 
12 OD1 ? A ASP 83 ? A ASP 82  ? 1_555 CA ? B CA . ? A CA 124 ? 1_555 O   ? C HOH .  ? A HOH 126 ? 1_555 75.5  ? 
13 O   ? A ASP 85 ? A ASP 84  ? 1_555 CA ? B CA . ? A CA 124 ? 1_555 O   ? C HOH .  ? A HOH 126 ? 1_555 87.6  ? 
14 OD1 ? A ASP 88 ? A ASP 87  ? 1_555 CA ? B CA . ? A CA 124 ? 1_555 O   ? C HOH .  ? A HOH 126 ? 1_555 74.5  ? 
15 OD2 ? A ASP 89 ? A ASP 88  ? 1_555 CA ? B CA . ? A CA 124 ? 1_555 O   ? C HOH .  ? A HOH 126 ? 1_555 145.2 ? 
16 O   ? A LYS 80 ? A LYS 79  ? 1_555 CA ? B CA . ? A CA 124 ? 1_555 O   ? C HOH .  ? A HOH 135 ? 1_555 87.4  ? 
17 OD1 ? A ASP 83 ? A ASP 82  ? 1_555 CA ? B CA . ? A CA 124 ? 1_555 O   ? C HOH .  ? A HOH 135 ? 1_555 68.7  ? 
18 O   ? A ASP 85 ? A ASP 84  ? 1_555 CA ? B CA . ? A CA 124 ? 1_555 O   ? C HOH .  ? A HOH 135 ? 1_555 92.9  ? 
19 OD1 ? A ASP 88 ? A ASP 87  ? 1_555 CA ? B CA . ? A CA 124 ? 1_555 O   ? C HOH .  ? A HOH 135 ? 1_555 141.9 ? 
20 OD2 ? A ASP 89 ? A ASP 88  ? 1_555 CA ? B CA . ? A CA 124 ? 1_555 O   ? C HOH .  ? A HOH 135 ? 1_555 71.1  ? 
21 O   ? C HOH .  ? A HOH 126 ? 1_555 CA ? B CA . ? A CA 124 ? 1_555 O   ? C HOH .  ? A HOH 135 ? 1_555 143.4 ? 
# 
loop_
_pdbx_modification_feature.ordinal 
_pdbx_modification_feature.label_comp_id 
_pdbx_modification_feature.label_asym_id 
_pdbx_modification_feature.label_seq_id 
_pdbx_modification_feature.label_alt_id 
_pdbx_modification_feature.modified_residue_label_comp_id 
_pdbx_modification_feature.modified_residue_label_asym_id 
_pdbx_modification_feature.modified_residue_label_seq_id 
_pdbx_modification_feature.modified_residue_label_alt_id 
_pdbx_modification_feature.auth_comp_id 
_pdbx_modification_feature.auth_asym_id 
_pdbx_modification_feature.auth_seq_id 
_pdbx_modification_feature.PDB_ins_code 
_pdbx_modification_feature.symmetry 
_pdbx_modification_feature.modified_residue_auth_comp_id 
_pdbx_modification_feature.modified_residue_auth_asym_id 
_pdbx_modification_feature.modified_residue_auth_seq_id 
_pdbx_modification_feature.modified_residue_PDB_ins_code 
_pdbx_modification_feature.modified_residue_symmetry 
_pdbx_modification_feature.comp_id_linking_atom 
_pdbx_modification_feature.modified_residue_id_linking_atom 
_pdbx_modification_feature.modified_residue_id 
_pdbx_modification_feature.ref_pcm_id 
_pdbx_modification_feature.ref_comp_id 
_pdbx_modification_feature.type 
_pdbx_modification_feature.category 
1 CYS A 7  ? CYS A 121 ? CYS A 6  ? 1_555 CYS A 120 ? 1_555 SG SG . . . None 'Disulfide bridge' 
2 CYS A 29 ? CYS A 112 ? CYS A 28 ? 1_555 CYS A 111 ? 1_555 SG SG . . . None 'Disulfide bridge' 
3 CYS A 62 ? CYS A 78  ? CYS A 61 ? 1_555 CYS A 77  ? 1_555 SG SG . . . None 'Disulfide bridge' 
4 CYS A 74 ? CYS A 92  ? CYS A 73 ? 1_555 CYS A 91  ? 1_555 SG SG . . . None 'Disulfide bridge' 
# 
_struct_sheet.id               A 
_struct_sheet.type             ? 
_struct_sheet.number_strands   3 
_struct_sheet.details          ? 
# 
loop_
_struct_sheet_order.sheet_id 
_struct_sheet_order.range_id_1 
_struct_sheet_order.range_id_2 
_struct_sheet_order.offset 
_struct_sheet_order.sense 
A 1 2 ? anti-parallel 
A 2 3 ? anti-parallel 
# 
loop_
_struct_sheet_range.sheet_id 
_struct_sheet_range.id 
_struct_sheet_range.beg_label_comp_id 
_struct_sheet_range.beg_label_asym_id 
_struct_sheet_range.beg_label_seq_id 
_struct_sheet_range.pdbx_beg_PDB_ins_code 
_struct_sheet_range.end_label_comp_id 
_struct_sheet_range.end_label_asym_id 
_struct_sheet_range.end_label_seq_id 
_struct_sheet_range.pdbx_end_PDB_ins_code 
_struct_sheet_range.beg_auth_comp_id 
_struct_sheet_range.beg_auth_asym_id 
_struct_sheet_range.beg_auth_seq_id 
_struct_sheet_range.end_auth_comp_id 
_struct_sheet_range.end_auth_asym_id 
_struct_sheet_range.end_auth_seq_id 
A 1 ILE A 42 ? GLN A 44 ? ILE A 41 GLN A 43 
A 2 THR A 49 ? TYR A 51 ? THR A 48 TYR A 50 
A 3 ILE A 56 ? ASN A 57 ? ILE A 55 ASN A 56 
# 
loop_
_pdbx_struct_sheet_hbond.sheet_id 
_pdbx_struct_sheet_hbond.range_id_1 
_pdbx_struct_sheet_hbond.range_id_2 
_pdbx_struct_sheet_hbond.range_1_label_atom_id 
_pdbx_struct_sheet_hbond.range_1_label_comp_id 
_pdbx_struct_sheet_hbond.range_1_label_asym_id 
_pdbx_struct_sheet_hbond.range_1_label_seq_id 
_pdbx_struct_sheet_hbond.range_1_PDB_ins_code 
_pdbx_struct_sheet_hbond.range_1_auth_atom_id 
_pdbx_struct_sheet_hbond.range_1_auth_comp_id 
_pdbx_struct_sheet_hbond.range_1_auth_asym_id 
_pdbx_struct_sheet_hbond.range_1_auth_seq_id 
_pdbx_struct_sheet_hbond.range_2_label_atom_id 
_pdbx_struct_sheet_hbond.range_2_label_comp_id 
_pdbx_struct_sheet_hbond.range_2_label_asym_id 
_pdbx_struct_sheet_hbond.range_2_label_seq_id 
_pdbx_struct_sheet_hbond.range_2_PDB_ins_code 
_pdbx_struct_sheet_hbond.range_2_auth_atom_id 
_pdbx_struct_sheet_hbond.range_2_auth_comp_id 
_pdbx_struct_sheet_hbond.range_2_auth_asym_id 
_pdbx_struct_sheet_hbond.range_2_auth_seq_id 
A 1 2 O VAL A 43 ? O VAL A 42 N GLU A 50 ? N GLU A 49 
A 2 3 N TYR A 51 ? N TYR A 50 O ILE A 56 ? O ILE A 55 
# 
_struct_site.id                   AC1 
_struct_site.pdbx_evidence_code   Software 
_struct_site.pdbx_auth_asym_id    A 
_struct_site.pdbx_auth_comp_id    CA 
_struct_site.pdbx_auth_seq_id     124 
_struct_site.pdbx_auth_ins_code   ? 
_struct_site.pdbx_num_residues    7 
_struct_site.details              'BINDING SITE FOR RESIDUE CA A 124' 
# 
loop_
_struct_site_gen.id 
_struct_site_gen.site_id 
_struct_site_gen.pdbx_num_res 
_struct_site_gen.label_comp_id 
_struct_site_gen.label_asym_id 
_struct_site_gen.label_seq_id 
_struct_site_gen.pdbx_auth_ins_code 
_struct_site_gen.auth_comp_id 
_struct_site_gen.auth_asym_id 
_struct_site_gen.auth_seq_id 
_struct_site_gen.label_atom_id 
_struct_site_gen.label_alt_id 
_struct_site_gen.symmetry 
_struct_site_gen.details 
1 AC1 7 LYS A 80 ? LYS A 79  . ? 1_555 ? 
2 AC1 7 ASP A 83 ? ASP A 82  . ? 1_555 ? 
3 AC1 7 ASP A 85 ? ASP A 84  . ? 1_555 ? 
4 AC1 7 ASP A 88 ? ASP A 87  . ? 1_555 ? 
5 AC1 7 ASP A 89 ? ASP A 88  . ? 1_555 ? 
6 AC1 7 HOH C .  ? HOH A 126 . ? 1_555 ? 
7 AC1 7 HOH C .  ? HOH A 135 . ? 1_555 ? 
# 
_pdbx_entry_details.entry_id                   1FKQ 
_pdbx_entry_details.compound_details           ? 
_pdbx_entry_details.source_details             ? 
_pdbx_entry_details.nonpolymer_details         ? 
_pdbx_entry_details.sequence_details           ? 
_pdbx_entry_details.has_ligand_of_interest     ? 
_pdbx_entry_details.has_protein_modification   Y 
# 
loop_
_pdbx_validate_torsion.id 
_pdbx_validate_torsion.PDB_model_num 
_pdbx_validate_torsion.auth_comp_id 
_pdbx_validate_torsion.auth_asym_id 
_pdbx_validate_torsion.auth_seq_id 
_pdbx_validate_torsion.PDB_ins_code 
_pdbx_validate_torsion.label_alt_id 
_pdbx_validate_torsion.phi 
_pdbx_validate_torsion.psi 
1 1 GLU A 1  ? ? 72.10   61.64 
2 1 ASP A 46 ? ? -141.82 18.29 
# 
loop_
_chem_comp_atom.comp_id 
_chem_comp_atom.atom_id 
_chem_comp_atom.type_symbol 
_chem_comp_atom.pdbx_aromatic_flag 
_chem_comp_atom.pdbx_stereo_config 
_chem_comp_atom.pdbx_ordinal 
ALA N    N  N N 1   
ALA CA   C  N S 2   
ALA C    C  N N 3   
ALA O    O  N N 4   
ALA CB   C  N N 5   
ALA OXT  O  N N 6   
ALA H    H  N N 7   
ALA H2   H  N N 8   
ALA HA   H  N N 9   
ALA HB1  H  N N 10  
ALA HB2  H  N N 11  
ALA HB3  H  N N 12  
ALA HXT  H  N N 13  
ARG N    N  N N 14  
ARG CA   C  N S 15  
ARG C    C  N N 16  
ARG O    O  N N 17  
ARG CB   C  N N 18  
ARG CG   C  N N 19  
ARG CD   C  N N 20  
ARG NE   N  N N 21  
ARG CZ   C  N N 22  
ARG NH1  N  N N 23  
ARG NH2  N  N N 24  
ARG OXT  O  N N 25  
ARG H    H  N N 26  
ARG H2   H  N N 27  
ARG HA   H  N N 28  
ARG HB2  H  N N 29  
ARG HB3  H  N N 30  
ARG HG2  H  N N 31  
ARG HG3  H  N N 32  
ARG HD2  H  N N 33  
ARG HD3  H  N N 34  
ARG HE   H  N N 35  
ARG HH11 H  N N 36  
ARG HH12 H  N N 37  
ARG HH21 H  N N 38  
ARG HH22 H  N N 39  
ARG HXT  H  N N 40  
ASN N    N  N N 41  
ASN CA   C  N S 42  
ASN C    C  N N 43  
ASN O    O  N N 44  
ASN CB   C  N N 45  
ASN CG   C  N N 46  
ASN OD1  O  N N 47  
ASN ND2  N  N N 48  
ASN OXT  O  N N 49  
ASN H    H  N N 50  
ASN H2   H  N N 51  
ASN HA   H  N N 52  
ASN HB2  H  N N 53  
ASN HB3  H  N N 54  
ASN HD21 H  N N 55  
ASN HD22 H  N N 56  
ASN HXT  H  N N 57  
ASP N    N  N N 58  
ASP CA   C  N S 59  
ASP C    C  N N 60  
ASP O    O  N N 61  
ASP CB   C  N N 62  
ASP CG   C  N N 63  
ASP OD1  O  N N 64  
ASP OD2  O  N N 65  
ASP OXT  O  N N 66  
ASP H    H  N N 67  
ASP H2   H  N N 68  
ASP HA   H  N N 69  
ASP HB2  H  N N 70  
ASP HB3  H  N N 71  
ASP HD2  H  N N 72  
ASP HXT  H  N N 73  
CA  CA   CA N N 74  
CYS N    N  N N 75  
CYS CA   C  N R 76  
CYS C    C  N N 77  
CYS O    O  N N 78  
CYS CB   C  N N 79  
CYS SG   S  N N 80  
CYS OXT  O  N N 81  
CYS H    H  N N 82  
CYS H2   H  N N 83  
CYS HA   H  N N 84  
CYS HB2  H  N N 85  
CYS HB3  H  N N 86  
CYS HG   H  N N 87  
CYS HXT  H  N N 88  
GLN N    N  N N 89  
GLN CA   C  N S 90  
GLN C    C  N N 91  
GLN O    O  N N 92  
GLN CB   C  N N 93  
GLN CG   C  N N 94  
GLN CD   C  N N 95  
GLN OE1  O  N N 96  
GLN NE2  N  N N 97  
GLN OXT  O  N N 98  
GLN H    H  N N 99  
GLN H2   H  N N 100 
GLN HA   H  N N 101 
GLN HB2  H  N N 102 
GLN HB3  H  N N 103 
GLN HG2  H  N N 104 
GLN HG3  H  N N 105 
GLN HE21 H  N N 106 
GLN HE22 H  N N 107 
GLN HXT  H  N N 108 
GLU N    N  N N 109 
GLU CA   C  N S 110 
GLU C    C  N N 111 
GLU O    O  N N 112 
GLU CB   C  N N 113 
GLU CG   C  N N 114 
GLU CD   C  N N 115 
GLU OE1  O  N N 116 
GLU OE2  O  N N 117 
GLU OXT  O  N N 118 
GLU H    H  N N 119 
GLU H2   H  N N 120 
GLU HA   H  N N 121 
GLU HB2  H  N N 122 
GLU HB3  H  N N 123 
GLU HG2  H  N N 124 
GLU HG3  H  N N 125 
GLU HE2  H  N N 126 
GLU HXT  H  N N 127 
GLY N    N  N N 128 
GLY CA   C  N N 129 
GLY C    C  N N 130 
GLY O    O  N N 131 
GLY OXT  O  N N 132 
GLY H    H  N N 133 
GLY H2   H  N N 134 
GLY HA2  H  N N 135 
GLY HA3  H  N N 136 
GLY HXT  H  N N 137 
HIS N    N  N N 138 
HIS CA   C  N S 139 
HIS C    C  N N 140 
HIS O    O  N N 141 
HIS CB   C  N N 142 
HIS CG   C  Y N 143 
HIS ND1  N  Y N 144 
HIS CD2  C  Y N 145 
HIS CE1  C  Y N 146 
HIS NE2  N  Y N 147 
HIS OXT  O  N N 148 
HIS H    H  N N 149 
HIS H2   H  N N 150 
HIS HA   H  N N 151 
HIS HB2  H  N N 152 
HIS HB3  H  N N 153 
HIS HD1  H  N N 154 
HIS HD2  H  N N 155 
HIS HE1  H  N N 156 
HIS HE2  H  N N 157 
HIS HXT  H  N N 158 
HOH O    O  N N 159 
HOH H1   H  N N 160 
HOH H2   H  N N 161 
ILE N    N  N N 162 
ILE CA   C  N S 163 
ILE C    C  N N 164 
ILE O    O  N N 165 
ILE CB   C  N S 166 
ILE CG1  C  N N 167 
ILE CG2  C  N N 168 
ILE CD1  C  N N 169 
ILE OXT  O  N N 170 
ILE H    H  N N 171 
ILE H2   H  N N 172 
ILE HA   H  N N 173 
ILE HB   H  N N 174 
ILE HG12 H  N N 175 
ILE HG13 H  N N 176 
ILE HG21 H  N N 177 
ILE HG22 H  N N 178 
ILE HG23 H  N N 179 
ILE HD11 H  N N 180 
ILE HD12 H  N N 181 
ILE HD13 H  N N 182 
ILE HXT  H  N N 183 
LEU N    N  N N 184 
LEU CA   C  N S 185 
LEU C    C  N N 186 
LEU O    O  N N 187 
LEU CB   C  N N 188 
LEU CG   C  N N 189 
LEU CD1  C  N N 190 
LEU CD2  C  N N 191 
LEU OXT  O  N N 192 
LEU H    H  N N 193 
LEU H2   H  N N 194 
LEU HA   H  N N 195 
LEU HB2  H  N N 196 
LEU HB3  H  N N 197 
LEU HG   H  N N 198 
LEU HD11 H  N N 199 
LEU HD12 H  N N 200 
LEU HD13 H  N N 201 
LEU HD21 H  N N 202 
LEU HD22 H  N N 203 
LEU HD23 H  N N 204 
LEU HXT  H  N N 205 
LYS N    N  N N 206 
LYS CA   C  N S 207 
LYS C    C  N N 208 
LYS O    O  N N 209 
LYS CB   C  N N 210 
LYS CG   C  N N 211 
LYS CD   C  N N 212 
LYS CE   C  N N 213 
LYS NZ   N  N N 214 
LYS OXT  O  N N 215 
LYS H    H  N N 216 
LYS H2   H  N N 217 
LYS HA   H  N N 218 
LYS HB2  H  N N 219 
LYS HB3  H  N N 220 
LYS HG2  H  N N 221 
LYS HG3  H  N N 222 
LYS HD2  H  N N 223 
LYS HD3  H  N N 224 
LYS HE2  H  N N 225 
LYS HE3  H  N N 226 
LYS HZ1  H  N N 227 
LYS HZ2  H  N N 228 
LYS HZ3  H  N N 229 
LYS HXT  H  N N 230 
MET N    N  N N 231 
MET CA   C  N S 232 
MET C    C  N N 233 
MET O    O  N N 234 
MET CB   C  N N 235 
MET CG   C  N N 236 
MET SD   S  N N 237 
MET CE   C  N N 238 
MET OXT  O  N N 239 
MET H    H  N N 240 
MET H2   H  N N 241 
MET HA   H  N N 242 
MET HB2  H  N N 243 
MET HB3  H  N N 244 
MET HG2  H  N N 245 
MET HG3  H  N N 246 
MET HE1  H  N N 247 
MET HE2  H  N N 248 
MET HE3  H  N N 249 
MET HXT  H  N N 250 
PHE N    N  N N 251 
PHE CA   C  N S 252 
PHE C    C  N N 253 
PHE O    O  N N 254 
PHE CB   C  N N 255 
PHE CG   C  Y N 256 
PHE CD1  C  Y N 257 
PHE CD2  C  Y N 258 
PHE CE1  C  Y N 259 
PHE CE2  C  Y N 260 
PHE CZ   C  Y N 261 
PHE OXT  O  N N 262 
PHE H    H  N N 263 
PHE H2   H  N N 264 
PHE HA   H  N N 265 
PHE HB2  H  N N 266 
PHE HB3  H  N N 267 
PHE HD1  H  N N 268 
PHE HD2  H  N N 269 
PHE HE1  H  N N 270 
PHE HE2  H  N N 271 
PHE HZ   H  N N 272 
PHE HXT  H  N N 273 
PRO N    N  N N 274 
PRO CA   C  N S 275 
PRO C    C  N N 276 
PRO O    O  N N 277 
PRO CB   C  N N 278 
PRO CG   C  N N 279 
PRO CD   C  N N 280 
PRO OXT  O  N N 281 
PRO H    H  N N 282 
PRO HA   H  N N 283 
PRO HB2  H  N N 284 
PRO HB3  H  N N 285 
PRO HG2  H  N N 286 
PRO HG3  H  N N 287 
PRO HD2  H  N N 288 
PRO HD3  H  N N 289 
PRO HXT  H  N N 290 
SER N    N  N N 291 
SER CA   C  N S 292 
SER C    C  N N 293 
SER O    O  N N 294 
SER CB   C  N N 295 
SER OG   O  N N 296 
SER OXT  O  N N 297 
SER H    H  N N 298 
SER H2   H  N N 299 
SER HA   H  N N 300 
SER HB2  H  N N 301 
SER HB3  H  N N 302 
SER HG   H  N N 303 
SER HXT  H  N N 304 
THR N    N  N N 305 
THR CA   C  N S 306 
THR C    C  N N 307 
THR O    O  N N 308 
THR CB   C  N R 309 
THR OG1  O  N N 310 
THR CG2  C  N N 311 
THR OXT  O  N N 312 
THR H    H  N N 313 
THR H2   H  N N 314 
THR HA   H  N N 315 
THR HB   H  N N 316 
THR HG1  H  N N 317 
THR HG21 H  N N 318 
THR HG22 H  N N 319 
THR HG23 H  N N 320 
THR HXT  H  N N 321 
TRP N    N  N N 322 
TRP CA   C  N S 323 
TRP C    C  N N 324 
TRP O    O  N N 325 
TRP CB   C  N N 326 
TRP CG   C  Y N 327 
TRP CD1  C  Y N 328 
TRP CD2  C  Y N 329 
TRP NE1  N  Y N 330 
TRP CE2  C  Y N 331 
TRP CE3  C  Y N 332 
TRP CZ2  C  Y N 333 
TRP CZ3  C  Y N 334 
TRP CH2  C  Y N 335 
TRP OXT  O  N N 336 
TRP H    H  N N 337 
TRP H2   H  N N 338 
TRP HA   H  N N 339 
TRP HB2  H  N N 340 
TRP HB3  H  N N 341 
TRP HD1  H  N N 342 
TRP HE1  H  N N 343 
TRP HE3  H  N N 344 
TRP HZ2  H  N N 345 
TRP HZ3  H  N N 346 
TRP HH2  H  N N 347 
TRP HXT  H  N N 348 
TYR N    N  N N 349 
TYR CA   C  N S 350 
TYR C    C  N N 351 
TYR O    O  N N 352 
TYR CB   C  N N 353 
TYR CG   C  Y N 354 
TYR CD1  C  Y N 355 
TYR CD2  C  Y N 356 
TYR CE1  C  Y N 357 
TYR CE2  C  Y N 358 
TYR CZ   C  Y N 359 
TYR OH   O  N N 360 
TYR OXT  O  N N 361 
TYR H    H  N N 362 
TYR H2   H  N N 363 
TYR HA   H  N N 364 
TYR HB2  H  N N 365 
TYR HB3  H  N N 366 
TYR HD1  H  N N 367 
TYR HD2  H  N N 368 
TYR HE1  H  N N 369 
TYR HE2  H  N N 370 
TYR HH   H  N N 371 
TYR HXT  H  N N 372 
VAL N    N  N N 373 
VAL CA   C  N S 374 
VAL C    C  N N 375 
VAL O    O  N N 376 
VAL CB   C  N N 377 
VAL CG1  C  N N 378 
VAL CG2  C  N N 379 
VAL OXT  O  N N 380 
VAL H    H  N N 381 
VAL H2   H  N N 382 
VAL HA   H  N N 383 
VAL HB   H  N N 384 
VAL HG11 H  N N 385 
VAL HG12 H  N N 386 
VAL HG13 H  N N 387 
VAL HG21 H  N N 388 
VAL HG22 H  N N 389 
VAL HG23 H  N N 390 
VAL HXT  H  N N 391 
# 
loop_
_chem_comp_bond.comp_id 
_chem_comp_bond.atom_id_1 
_chem_comp_bond.atom_id_2 
_chem_comp_bond.value_order 
_chem_comp_bond.pdbx_aromatic_flag 
_chem_comp_bond.pdbx_stereo_config 
_chem_comp_bond.pdbx_ordinal 
ALA N   CA   sing N N 1   
ALA N   H    sing N N 2   
ALA N   H2   sing N N 3   
ALA CA  C    sing N N 4   
ALA CA  CB   sing N N 5   
ALA CA  HA   sing N N 6   
ALA C   O    doub N N 7   
ALA C   OXT  sing N N 8   
ALA CB  HB1  sing N N 9   
ALA CB  HB2  sing N N 10  
ALA CB  HB3  sing N N 11  
ALA OXT HXT  sing N N 12  
ARG N   CA   sing N N 13  
ARG N   H    sing N N 14  
ARG N   H2   sing N N 15  
ARG CA  C    sing N N 16  
ARG CA  CB   sing N N 17  
ARG CA  HA   sing N N 18  
ARG C   O    doub N N 19  
ARG C   OXT  sing N N 20  
ARG CB  CG   sing N N 21  
ARG CB  HB2  sing N N 22  
ARG CB  HB3  sing N N 23  
ARG CG  CD   sing N N 24  
ARG CG  HG2  sing N N 25  
ARG CG  HG3  sing N N 26  
ARG CD  NE   sing N N 27  
ARG CD  HD2  sing N N 28  
ARG CD  HD3  sing N N 29  
ARG NE  CZ   sing N N 30  
ARG NE  HE   sing N N 31  
ARG CZ  NH1  sing N N 32  
ARG CZ  NH2  doub N N 33  
ARG NH1 HH11 sing N N 34  
ARG NH1 HH12 sing N N 35  
ARG NH2 HH21 sing N N 36  
ARG NH2 HH22 sing N N 37  
ARG OXT HXT  sing N N 38  
ASN N   CA   sing N N 39  
ASN N   H    sing N N 40  
ASN N   H2   sing N N 41  
ASN CA  C    sing N N 42  
ASN CA  CB   sing N N 43  
ASN CA  HA   sing N N 44  
ASN C   O    doub N N 45  
ASN C   OXT  sing N N 46  
ASN CB  CG   sing N N 47  
ASN CB  HB2  sing N N 48  
ASN CB  HB3  sing N N 49  
ASN CG  OD1  doub N N 50  
ASN CG  ND2  sing N N 51  
ASN ND2 HD21 sing N N 52  
ASN ND2 HD22 sing N N 53  
ASN OXT HXT  sing N N 54  
ASP N   CA   sing N N 55  
ASP N   H    sing N N 56  
ASP N   H2   sing N N 57  
ASP CA  C    sing N N 58  
ASP CA  CB   sing N N 59  
ASP CA  HA   sing N N 60  
ASP C   O    doub N N 61  
ASP C   OXT  sing N N 62  
ASP CB  CG   sing N N 63  
ASP CB  HB2  sing N N 64  
ASP CB  HB3  sing N N 65  
ASP CG  OD1  doub N N 66  
ASP CG  OD2  sing N N 67  
ASP OD2 HD2  sing N N 68  
ASP OXT HXT  sing N N 69  
CYS N   CA   sing N N 70  
CYS N   H    sing N N 71  
CYS N   H2   sing N N 72  
CYS CA  C    sing N N 73  
CYS CA  CB   sing N N 74  
CYS CA  HA   sing N N 75  
CYS C   O    doub N N 76  
CYS C   OXT  sing N N 77  
CYS CB  SG   sing N N 78  
CYS CB  HB2  sing N N 79  
CYS CB  HB3  sing N N 80  
CYS SG  HG   sing N N 81  
CYS OXT HXT  sing N N 82  
GLN N   CA   sing N N 83  
GLN N   H    sing N N 84  
GLN N   H2   sing N N 85  
GLN CA  C    sing N N 86  
GLN CA  CB   sing N N 87  
GLN CA  HA   sing N N 88  
GLN C   O    doub N N 89  
GLN C   OXT  sing N N 90  
GLN CB  CG   sing N N 91  
GLN CB  HB2  sing N N 92  
GLN CB  HB3  sing N N 93  
GLN CG  CD   sing N N 94  
GLN CG  HG2  sing N N 95  
GLN CG  HG3  sing N N 96  
GLN CD  OE1  doub N N 97  
GLN CD  NE2  sing N N 98  
GLN NE2 HE21 sing N N 99  
GLN NE2 HE22 sing N N 100 
GLN OXT HXT  sing N N 101 
GLU N   CA   sing N N 102 
GLU N   H    sing N N 103 
GLU N   H2   sing N N 104 
GLU CA  C    sing N N 105 
GLU CA  CB   sing N N 106 
GLU CA  HA   sing N N 107 
GLU C   O    doub N N 108 
GLU C   OXT  sing N N 109 
GLU CB  CG   sing N N 110 
GLU CB  HB2  sing N N 111 
GLU CB  HB3  sing N N 112 
GLU CG  CD   sing N N 113 
GLU CG  HG2  sing N N 114 
GLU CG  HG3  sing N N 115 
GLU CD  OE1  doub N N 116 
GLU CD  OE2  sing N N 117 
GLU OE2 HE2  sing N N 118 
GLU OXT HXT  sing N N 119 
GLY N   CA   sing N N 120 
GLY N   H    sing N N 121 
GLY N   H2   sing N N 122 
GLY CA  C    sing N N 123 
GLY CA  HA2  sing N N 124 
GLY CA  HA3  sing N N 125 
GLY C   O    doub N N 126 
GLY C   OXT  sing N N 127 
GLY OXT HXT  sing N N 128 
HIS N   CA   sing N N 129 
HIS N   H    sing N N 130 
HIS N   H2   sing N N 131 
HIS CA  C    sing N N 132 
HIS CA  CB   sing N N 133 
HIS CA  HA   sing N N 134 
HIS C   O    doub N N 135 
HIS C   OXT  sing N N 136 
HIS CB  CG   sing N N 137 
HIS CB  HB2  sing N N 138 
HIS CB  HB3  sing N N 139 
HIS CG  ND1  sing Y N 140 
HIS CG  CD2  doub Y N 141 
HIS ND1 CE1  doub Y N 142 
HIS ND1 HD1  sing N N 143 
HIS CD2 NE2  sing Y N 144 
HIS CD2 HD2  sing N N 145 
HIS CE1 NE2  sing Y N 146 
HIS CE1 HE1  sing N N 147 
HIS NE2 HE2  sing N N 148 
HIS OXT HXT  sing N N 149 
HOH O   H1   sing N N 150 
HOH O   H2   sing N N 151 
ILE N   CA   sing N N 152 
ILE N   H    sing N N 153 
ILE N   H2   sing N N 154 
ILE CA  C    sing N N 155 
ILE CA  CB   sing N N 156 
ILE CA  HA   sing N N 157 
ILE C   O    doub N N 158 
ILE C   OXT  sing N N 159 
ILE CB  CG1  sing N N 160 
ILE CB  CG2  sing N N 161 
ILE CB  HB   sing N N 162 
ILE CG1 CD1  sing N N 163 
ILE CG1 HG12 sing N N 164 
ILE CG1 HG13 sing N N 165 
ILE CG2 HG21 sing N N 166 
ILE CG2 HG22 sing N N 167 
ILE CG2 HG23 sing N N 168 
ILE CD1 HD11 sing N N 169 
ILE CD1 HD12 sing N N 170 
ILE CD1 HD13 sing N N 171 
ILE OXT HXT  sing N N 172 
LEU N   CA   sing N N 173 
LEU N   H    sing N N 174 
LEU N   H2   sing N N 175 
LEU CA  C    sing N N 176 
LEU CA  CB   sing N N 177 
LEU CA  HA   sing N N 178 
LEU C   O    doub N N 179 
LEU C   OXT  sing N N 180 
LEU CB  CG   sing N N 181 
LEU CB  HB2  sing N N 182 
LEU CB  HB3  sing N N 183 
LEU CG  CD1  sing N N 184 
LEU CG  CD2  sing N N 185 
LEU CG  HG   sing N N 186 
LEU CD1 HD11 sing N N 187 
LEU CD1 HD12 sing N N 188 
LEU CD1 HD13 sing N N 189 
LEU CD2 HD21 sing N N 190 
LEU CD2 HD22 sing N N 191 
LEU CD2 HD23 sing N N 192 
LEU OXT HXT  sing N N 193 
LYS N   CA   sing N N 194 
LYS N   H    sing N N 195 
LYS N   H2   sing N N 196 
LYS CA  C    sing N N 197 
LYS CA  CB   sing N N 198 
LYS CA  HA   sing N N 199 
LYS C   O    doub N N 200 
LYS C   OXT  sing N N 201 
LYS CB  CG   sing N N 202 
LYS CB  HB2  sing N N 203 
LYS CB  HB3  sing N N 204 
LYS CG  CD   sing N N 205 
LYS CG  HG2  sing N N 206 
LYS CG  HG3  sing N N 207 
LYS CD  CE   sing N N 208 
LYS CD  HD2  sing N N 209 
LYS CD  HD3  sing N N 210 
LYS CE  NZ   sing N N 211 
LYS CE  HE2  sing N N 212 
LYS CE  HE3  sing N N 213 
LYS NZ  HZ1  sing N N 214 
LYS NZ  HZ2  sing N N 215 
LYS NZ  HZ3  sing N N 216 
LYS OXT HXT  sing N N 217 
MET N   CA   sing N N 218 
MET N   H    sing N N 219 
MET N   H2   sing N N 220 
MET CA  C    sing N N 221 
MET CA  CB   sing N N 222 
MET CA  HA   sing N N 223 
MET C   O    doub N N 224 
MET C   OXT  sing N N 225 
MET CB  CG   sing N N 226 
MET CB  HB2  sing N N 227 
MET CB  HB3  sing N N 228 
MET CG  SD   sing N N 229 
MET CG  HG2  sing N N 230 
MET CG  HG3  sing N N 231 
MET SD  CE   sing N N 232 
MET CE  HE1  sing N N 233 
MET CE  HE2  sing N N 234 
MET CE  HE3  sing N N 235 
MET OXT HXT  sing N N 236 
PHE N   CA   sing N N 237 
PHE N   H    sing N N 238 
PHE N   H2   sing N N 239 
PHE CA  C    sing N N 240 
PHE CA  CB   sing N N 241 
PHE CA  HA   sing N N 242 
PHE C   O    doub N N 243 
PHE C   OXT  sing N N 244 
PHE CB  CG   sing N N 245 
PHE CB  HB2  sing N N 246 
PHE CB  HB3  sing N N 247 
PHE CG  CD1  doub Y N 248 
PHE CG  CD2  sing Y N 249 
PHE CD1 CE1  sing Y N 250 
PHE CD1 HD1  sing N N 251 
PHE CD2 CE2  doub Y N 252 
PHE CD2 HD2  sing N N 253 
PHE CE1 CZ   doub Y N 254 
PHE CE1 HE1  sing N N 255 
PHE CE2 CZ   sing Y N 256 
PHE CE2 HE2  sing N N 257 
PHE CZ  HZ   sing N N 258 
PHE OXT HXT  sing N N 259 
PRO N   CA   sing N N 260 
PRO N   CD   sing N N 261 
PRO N   H    sing N N 262 
PRO CA  C    sing N N 263 
PRO CA  CB   sing N N 264 
PRO CA  HA   sing N N 265 
PRO C   O    doub N N 266 
PRO C   OXT  sing N N 267 
PRO CB  CG   sing N N 268 
PRO CB  HB2  sing N N 269 
PRO CB  HB3  sing N N 270 
PRO CG  CD   sing N N 271 
PRO CG  HG2  sing N N 272 
PRO CG  HG3  sing N N 273 
PRO CD  HD2  sing N N 274 
PRO CD  HD3  sing N N 275 
PRO OXT HXT  sing N N 276 
SER N   CA   sing N N 277 
SER N   H    sing N N 278 
SER N   H2   sing N N 279 
SER CA  C    sing N N 280 
SER CA  CB   sing N N 281 
SER CA  HA   sing N N 282 
SER C   O    doub N N 283 
SER C   OXT  sing N N 284 
SER CB  OG   sing N N 285 
SER CB  HB2  sing N N 286 
SER CB  HB3  sing N N 287 
SER OG  HG   sing N N 288 
SER OXT HXT  sing N N 289 
THR N   CA   sing N N 290 
THR N   H    sing N N 291 
THR N   H2   sing N N 292 
THR CA  C    sing N N 293 
THR CA  CB   sing N N 294 
THR CA  HA   sing N N 295 
THR C   O    doub N N 296 
THR C   OXT  sing N N 297 
THR CB  OG1  sing N N 298 
THR CB  CG2  sing N N 299 
THR CB  HB   sing N N 300 
THR OG1 HG1  sing N N 301 
THR CG2 HG21 sing N N 302 
THR CG2 HG22 sing N N 303 
THR CG2 HG23 sing N N 304 
THR OXT HXT  sing N N 305 
TRP N   CA   sing N N 306 
TRP N   H    sing N N 307 
TRP N   H2   sing N N 308 
TRP CA  C    sing N N 309 
TRP CA  CB   sing N N 310 
TRP CA  HA   sing N N 311 
TRP C   O    doub N N 312 
TRP C   OXT  sing N N 313 
TRP CB  CG   sing N N 314 
TRP CB  HB2  sing N N 315 
TRP CB  HB3  sing N N 316 
TRP CG  CD1  doub Y N 317 
TRP CG  CD2  sing Y N 318 
TRP CD1 NE1  sing Y N 319 
TRP CD1 HD1  sing N N 320 
TRP CD2 CE2  doub Y N 321 
TRP CD2 CE3  sing Y N 322 
TRP NE1 CE2  sing Y N 323 
TRP NE1 HE1  sing N N 324 
TRP CE2 CZ2  sing Y N 325 
TRP CE3 CZ3  doub Y N 326 
TRP CE3 HE3  sing N N 327 
TRP CZ2 CH2  doub Y N 328 
TRP CZ2 HZ2  sing N N 329 
TRP CZ3 CH2  sing Y N 330 
TRP CZ3 HZ3  sing N N 331 
TRP CH2 HH2  sing N N 332 
TRP OXT HXT  sing N N 333 
TYR N   CA   sing N N 334 
TYR N   H    sing N N 335 
TYR N   H2   sing N N 336 
TYR CA  C    sing N N 337 
TYR CA  CB   sing N N 338 
TYR CA  HA   sing N N 339 
TYR C   O    doub N N 340 
TYR C   OXT  sing N N 341 
TYR CB  CG   sing N N 342 
TYR CB  HB2  sing N N 343 
TYR CB  HB3  sing N N 344 
TYR CG  CD1  doub Y N 345 
TYR CG  CD2  sing Y N 346 
TYR CD1 CE1  sing Y N 347 
TYR CD1 HD1  sing N N 348 
TYR CD2 CE2  doub Y N 349 
TYR CD2 HD2  sing N N 350 
TYR CE1 CZ   doub Y N 351 
TYR CE1 HE1  sing N N 352 
TYR CE2 CZ   sing Y N 353 
TYR CE2 HE2  sing N N 354 
TYR CZ  OH   sing N N 355 
TYR OH  HH   sing N N 356 
TYR OXT HXT  sing N N 357 
VAL N   CA   sing N N 358 
VAL N   H    sing N N 359 
VAL N   H2   sing N N 360 
VAL CA  C    sing N N 361 
VAL CA  CB   sing N N 362 
VAL CA  HA   sing N N 363 
VAL C   O    doub N N 364 
VAL C   OXT  sing N N 365 
VAL CB  CG1  sing N N 366 
VAL CB  CG2  sing N N 367 
VAL CB  HB   sing N N 368 
VAL CG1 HG11 sing N N 369 
VAL CG1 HG12 sing N N 370 
VAL CG1 HG13 sing N N 371 
VAL CG2 HG21 sing N N 372 
VAL CG2 HG22 sing N N 373 
VAL CG2 HG23 sing N N 374 
VAL OXT HXT  sing N N 375 
# 
_atom_sites.entry_id                    1FKQ 
_atom_sites.fract_transf_matrix[1][1]   -0.01774242 
_atom_sites.fract_transf_matrix[1][2]   -0.00307264 
_atom_sites.fract_transf_matrix[1][3]   -0.01493154 
_atom_sites.fract_transf_matrix[2][1]   0.00231286 
_atom_sites.fract_transf_matrix[2][2]   0.01558236 
_atom_sites.fract_transf_matrix[2][3]   -0.00595483 
_atom_sites.fract_transf_matrix[3][1]   0.01411275 
_atom_sites.fract_transf_matrix[3][2]   -0.00788328 
_atom_sites.fract_transf_matrix[3][3]   -0.01514726 
_atom_sites.fract_transf_vector[1]      0.478154 
_atom_sites.fract_transf_vector[2]      0.416114 
_atom_sites.fract_transf_vector[3]      0.642957 
# 
loop_
_atom_type.symbol 
C  
CA 
N  
O  
S  
# 
loop_
_atom_site.group_PDB 
_atom_site.id 
_atom_site.type_symbol 
_atom_site.label_atom_id 
_atom_site.label_alt_id 
_atom_site.label_comp_id 
_atom_site.label_asym_id 
_atom_site.label_entity_id 
_atom_site.label_seq_id 
_atom_site.pdbx_PDB_ins_code 
_atom_site.Cartn_x 
_atom_site.Cartn_y 
_atom_site.Cartn_z 
_atom_site.occupancy 
_atom_site.B_iso_or_equiv 
_atom_site.pdbx_formal_charge 
_atom_site.auth_seq_id 
_atom_site.auth_comp_id 
_atom_site.auth_asym_id 
_atom_site.auth_atom_id 
_atom_site.pdbx_PDB_model_num 
ATOM   1    N  N   . MET A 1 1   ? 4.375   -5.826  15.928  1.00 56.77 ? 0   MET A N   1 
ATOM   2    C  CA  . MET A 1 1   ? 3.734   -4.915  14.935  1.00 56.81 ? 0   MET A CA  1 
ATOM   3    C  C   . MET A 1 1   ? 3.086   -5.696  13.793  1.00 54.96 ? 0   MET A C   1 
ATOM   4    O  O   . MET A 1 1   ? 2.296   -5.141  13.028  1.00 56.23 ? 0   MET A O   1 
ATOM   5    C  CB  . MET A 1 1   ? 4.773   -3.938  14.367  1.00 59.72 ? 0   MET A CB  1 
ATOM   6    C  CG  . MET A 1 1   ? 6.197   -4.492  14.294  1.00 62.33 ? 0   MET A CG  1 
ATOM   7    S  SD  . MET A 1 1   ? 7.454   -3.286  14.800  1.00 66.48 ? 0   MET A SD  1 
ATOM   8    C  CE  . MET A 1 1   ? 8.952   -4.281  14.716  1.00 64.19 ? 0   MET A CE  1 
ATOM   9    N  N   . GLU A 1 2   ? 3.429   -6.979  13.685  1.00 51.78 ? 1   GLU A N   1 
ATOM   10   C  CA  . GLU A 1 2   ? 2.903   -7.868  12.647  1.00 47.21 ? 1   GLU A CA  1 
ATOM   11   C  C   . GLU A 1 2   ? 3.457   -7.580  11.249  1.00 43.40 ? 1   GLU A C   1 
ATOM   12   O  O   . GLU A 1 2   ? 2.713   -7.248  10.324  1.00 41.43 ? 1   GLU A O   1 
ATOM   13   C  CB  . GLU A 1 2   ? 1.375   -7.802  12.614  1.00 47.05 ? 1   GLU A CB  1 
ATOM   14   C  CG  . GLU A 1 2   ? 0.715   -9.164  12.550  1.00 50.23 ? 1   GLU A CG  1 
ATOM   15   C  CD  . GLU A 1 2   ? 0.956   -9.862  11.229  1.00 51.59 ? 1   GLU A CD  1 
ATOM   16   O  OE1 . GLU A 1 2   ? 1.833   -10.754 11.171  1.00 52.90 ? 1   GLU A OE1 1 
ATOM   17   O  OE2 . GLU A 1 2   ? 0.266   -9.519  10.247  1.00 52.12 ? 1   GLU A OE2 1 
ATOM   18   N  N   . GLN A 1 3   ? 4.769   -7.719  11.102  1.00 39.06 ? 2   GLN A N   1 
ATOM   19   C  CA  . GLN A 1 3   ? 5.416   -7.481  9.824   1.00 34.81 ? 2   GLN A CA  1 
ATOM   20   C  C   . GLN A 1 3   ? 5.524   -8.787  9.046   1.00 30.50 ? 2   GLN A C   1 
ATOM   21   O  O   . GLN A 1 3   ? 5.891   -9.820  9.603   1.00 29.43 ? 2   GLN A O   1 
ATOM   22   C  CB  . GLN A 1 3   ? 6.804   -6.882  10.043  1.00 35.86 ? 2   GLN A CB  1 
ATOM   23   C  CG  . GLN A 1 3   ? 6.772   -5.569  10.800  1.00 42.15 ? 2   GLN A CG  1 
ATOM   24   C  CD  . GLN A 1 3   ? 8.158   -5.030  11.089  1.00 45.29 ? 2   GLN A CD  1 
ATOM   25   O  OE1 . GLN A 1 3   ? 8.500   -3.919  10.679  1.00 47.88 ? 2   GLN A OE1 1 
ATOM   26   N  NE2 . GLN A 1 3   ? 8.964   -5.813  11.799  1.00 45.69 ? 2   GLN A NE2 1 
ATOM   27   N  N   . LEU A 1 4   ? 5.188   -8.737  7.761   1.00 25.41 ? 3   LEU A N   1 
ATOM   28   C  CA  . LEU A 1 4   ? 5.244   -9.913  6.908   1.00 20.65 ? 3   LEU A CA  1 
ATOM   29   C  C   . LEU A 1 4   ? 6.638   -10.040 6.318   1.00 19.10 ? 3   LEU A C   1 
ATOM   30   O  O   . LEU A 1 4   ? 7.470   -9.151  6.475   1.00 17.23 ? 3   LEU A O   1 
ATOM   31   C  CB  . LEU A 1 4   ? 4.231   -9.799  5.768   1.00 19.30 ? 3   LEU A CB  1 
ATOM   32   C  CG  . LEU A 1 4   ? 2.802   -9.394  6.127   1.00 19.64 ? 3   LEU A CG  1 
ATOM   33   C  CD1 . LEU A 1 4   ? 2.102   -8.854  4.895   1.00 16.83 ? 3   LEU A CD1 1 
ATOM   34   C  CD2 . LEU A 1 4   ? 2.058   -10.593 6.687   1.00 18.53 ? 3   LEU A CD2 1 
ATOM   35   N  N   . THR A 1 5   ? 6.887   -11.155 5.644   1.00 16.55 ? 4   THR A N   1 
ATOM   36   C  CA  . THR A 1 5   ? 8.171   -11.385 5.011   1.00 15.23 ? 4   THR A CA  1 
ATOM   37   C  C   . THR A 1 5   ? 8.006   -11.051 3.532   1.00 14.16 ? 4   THR A C   1 
ATOM   38   O  O   . THR A 1 5   ? 6.880   -10.951 3.039   1.00 12.81 ? 4   THR A O   1 
ATOM   39   C  CB  . THR A 1 5   ? 8.599   -12.856 5.151   1.00 14.63 ? 4   THR A CB  1 
ATOM   40   O  OG1 . THR A 1 5   ? 7.647   -13.697 4.483   1.00 10.66 ? 4   THR A OG1 1 
ATOM   41   C  CG2 . THR A 1 5   ? 8.673   -13.239 6.617   1.00 13.32 ? 4   THR A CG2 1 
ATOM   42   N  N   . LYS A 1 6   ? 9.120   -10.879 2.831   1.00 13.66 ? 5   LYS A N   1 
ATOM   43   C  CA  . LYS A 1 6   ? 9.087   -10.557 1.406   1.00 15.15 ? 5   LYS A CA  1 
ATOM   44   C  C   . LYS A 1 6   ? 8.307   -11.610 0.610   1.00 14.54 ? 5   LYS A C   1 
ATOM   45   O  O   . LYS A 1 6   ? 7.535   -11.276 -0.285  1.00 12.30 ? 5   LYS A O   1 
ATOM   46   C  CB  . LYS A 1 6   ? 10.512  -10.453 0.852   1.00 18.08 ? 5   LYS A CB  1 
ATOM   47   C  CG  . LYS A 1 6   ? 10.601  -9.780  -0.514  1.00 20.32 ? 5   LYS A CG  1 
ATOM   48   C  CD  . LYS A 1 6   ? 11.330  -10.640 -1.523  1.00 23.27 ? 5   LYS A CD  1 
ATOM   49   C  CE  . LYS A 1 6   ? 12.829  -10.480 -1.397  1.00 25.84 ? 5   LYS A CE  1 
ATOM   50   N  NZ  . LYS A 1 6   ? 13.555  -11.663 -1.938  1.00 25.63 ? 5   LYS A NZ  1 
ATOM   51   N  N   . CYS A 1 7   ? 8.506   -12.878 0.944   1.00 13.68 ? 6   CYS A N   1 
ATOM   52   C  CA  . CYS A 1 7   ? 7.824   -13.957 0.245   1.00 16.72 ? 6   CYS A CA  1 
ATOM   53   C  C   . CYS A 1 7   ? 6.321   -13.957 0.491   1.00 15.72 ? 6   CYS A C   1 
ATOM   54   O  O   . CYS A 1 7   ? 5.539   -14.253 -0.411  1.00 16.93 ? 6   CYS A O   1 
ATOM   55   C  CB  . CYS A 1 7   ? 8.431   -15.303 0.646   1.00 16.93 ? 6   CYS A CB  1 
ATOM   56   S  SG  . CYS A 1 7   ? 9.945   -15.674 -0.299  1.00 21.02 ? 6   CYS A SG  1 
ATOM   57   N  N   . GLU A 1 8   ? 5.921   -13.618 1.711   1.00 14.91 ? 7   GLU A N   1 
ATOM   58   C  CA  . GLU A 1 8   ? 4.506   -13.563 2.050   1.00 14.06 ? 7   GLU A CA  1 
ATOM   59   C  C   . GLU A 1 8   ? 3.859   -12.443 1.257   1.00 13.10 ? 7   GLU A C   1 
ATOM   60   O  O   . GLU A 1 8   ? 2.784   -12.613 0.682   1.00 11.34 ? 7   GLU A O   1 
ATOM   61   C  CB  . GLU A 1 8   ? 4.335   -13.315 3.544   1.00 16.54 ? 7   GLU A CB  1 
ATOM   62   C  CG  . GLU A 1 8   ? 4.636   -14.541 4.392   1.00 20.53 ? 7   GLU A CG  1 
ATOM   63   C  CD  . GLU A 1 8   ? 4.634   -14.240 5.877   1.00 23.32 ? 7   GLU A CD  1 
ATOM   64   O  OE1 . GLU A 1 8   ? 5.029   -13.120 6.261   1.00 25.09 ? 7   GLU A OE1 1 
ATOM   65   O  OE2 . GLU A 1 8   ? 4.234   -15.126 6.660   1.00 27.39 ? 7   GLU A OE2 1 
ATOM   66   N  N   . VAL A 1 9   ? 4.540   -11.302 1.219   1.00 11.23 ? 8   VAL A N   1 
ATOM   67   C  CA  . VAL A 1 9   ? 4.058   -10.125 0.498   1.00 12.27 ? 8   VAL A CA  1 
ATOM   68   C  C   . VAL A 1 9   ? 3.957   -10.408 -0.999  1.00 10.05 ? 8   VAL A C   1 
ATOM   69   O  O   . VAL A 1 9   ? 2.995   -9.999  -1.649  1.00 9.92  ? 8   VAL A O   1 
ATOM   70   C  CB  . VAL A 1 9   ? 5.002   -8.911  0.737   1.00 12.14 ? 8   VAL A CB  1 
ATOM   71   C  CG1 . VAL A 1 9   ? 4.670   -7.767  -0.222  1.00 10.82 ? 8   VAL A CG1 1 
ATOM   72   C  CG2 . VAL A 1 9   ? 4.879   -8.453  2.185   1.00 11.72 ? 8   VAL A CG2 1 
ATOM   73   N  N   . PHE A 1 10  ? 4.949   -11.112 -1.540  1.00 11.84 ? 9   PHE A N   1 
ATOM   74   C  CA  . PHE A 1 10  ? 4.968   -11.457 -2.958  1.00 12.13 ? 9   PHE A CA  1 
ATOM   75   C  C   . PHE A 1 10  ? 3.730   -12.277 -3.330  1.00 12.57 ? 9   PHE A C   1 
ATOM   76   O  O   . PHE A 1 10  ? 3.134   -12.081 -4.389  1.00 13.66 ? 9   PHE A O   1 
ATOM   77   C  CB  . PHE A 1 10  ? 6.229   -12.256 -3.289  1.00 11.85 ? 9   PHE A CB  1 
ATOM   78   C  CG  . PHE A 1 10  ? 6.425   -12.489 -4.756  1.00 17.63 ? 9   PHE A CG  1 
ATOM   79   C  CD1 . PHE A 1 10  ? 5.988   -13.673 -5.352  1.00 18.97 ? 9   PHE A CD1 1 
ATOM   80   C  CD2 . PHE A 1 10  ? 7.029   -11.521 -5.552  1.00 18.80 ? 9   PHE A CD2 1 
ATOM   81   C  CE1 . PHE A 1 10  ? 6.148   -13.889 -6.716  1.00 19.39 ? 9   PHE A CE1 1 
ATOM   82   C  CE2 . PHE A 1 10  ? 7.193   -11.726 -6.922  1.00 20.14 ? 9   PHE A CE2 1 
ATOM   83   C  CZ  . PHE A 1 10  ? 6.751   -12.914 -7.504  1.00 20.10 ? 9   PHE A CZ  1 
ATOM   84   N  N   . GLN A 1 11  ? 3.345   -13.197 -2.455  1.00 13.40 ? 10  GLN A N   1 
ATOM   85   C  CA  . GLN A 1 11  ? 2.177   -14.032 -2.698  1.00 12.54 ? 10  GLN A CA  1 
ATOM   86   C  C   . GLN A 1 11  ? 0.874   -13.262 -2.485  1.00 11.80 ? 10  GLN A C   1 
ATOM   87   O  O   . GLN A 1 11  ? -0.086  -13.439 -3.229  1.00 13.43 ? 10  GLN A O   1 
ATOM   88   C  CB  . GLN A 1 11  ? 2.201   -15.248 -1.769  1.00 12.50 ? 10  GLN A CB  1 
ATOM   89   C  CG  . GLN A 1 11  ? 3.331   -16.219 -2.053  1.00 14.68 ? 10  GLN A CG  1 
ATOM   90   C  CD  . GLN A 1 11  ? 3.506   -17.255 -0.957  1.00 13.46 ? 10  GLN A CD  1 
ATOM   91   O  OE1 . GLN A 1 11  ? 3.049   -18.389 -1.083  1.00 17.61 ? 10  GLN A OE1 1 
ATOM   92   N  NE2 . GLN A 1 11  ? 4.170   -16.868 0.124   1.00 14.93 ? 10  GLN A NE2 1 
ATOM   93   N  N   . LYS A 1 12  ? 0.853   -12.394 -1.479  1.00 10.90 ? 11  LYS A N   1 
ATOM   94   C  CA  . LYS A 1 12  ? -0.344  -11.627 -1.144  1.00 12.67 ? 11  LYS A CA  1 
ATOM   95   C  C   . LYS A 1 12  ? -0.734  -10.502 -2.100  1.00 10.75 ? 11  LYS A C   1 
ATOM   96   O  O   . LYS A 1 12  ? -1.915  -10.155 -2.201  1.00 12.78 ? 11  LYS A O   1 
ATOM   97   C  CB  . LYS A 1 12  ? -0.211  -11.063 0.273   1.00 13.88 ? 11  LYS A CB  1 
ATOM   98   C  CG  . LYS A 1 12  ? -0.323  -12.120 1.357   1.00 15.55 ? 11  LYS A CG  1 
ATOM   99   C  CD  . LYS A 1 12  ? -0.242  -11.492 2.739   1.00 18.81 ? 11  LYS A CD  1 
ATOM   100  C  CE  . LYS A 1 12  ? -0.237  -12.555 3.829   1.00 21.73 ? 11  LYS A CE  1 
ATOM   101  N  NZ  . LYS A 1 12  ? -1.616  -12.866 4.294   1.00 27.53 ? 11  LYS A NZ  1 
ATOM   102  N  N   . LEU A 1 13  ? 0.239   -9.935  -2.800  1.00 9.53  ? 12  LEU A N   1 
ATOM   103  C  CA  . LEU A 1 13  ? -0.045  -8.847  -3.727  1.00 10.44 ? 12  LEU A CA  1 
ATOM   104  C  C   . LEU A 1 13  ? -0.313  -9.323  -5.145  1.00 10.91 ? 12  LEU A C   1 
ATOM   105  O  O   . LEU A 1 13  ? -0.444  -8.514  -6.057  1.00 11.59 ? 12  LEU A O   1 
ATOM   106  C  CB  . LEU A 1 13  ? 1.117   -7.861  -3.741  1.00 8.77  ? 12  LEU A CB  1 
ATOM   107  C  CG  . LEU A 1 13  ? 1.490   -7.192  -2.419  1.00 10.53 ? 12  LEU A CG  1 
ATOM   108  C  CD1 . LEU A 1 13  ? 2.539   -6.116  -2.679  1.00 12.00 ? 12  LEU A CD1 1 
ATOM   109  C  CD2 . LEU A 1 13  ? 0.256   -6.588  -1.771  1.00 13.24 ? 12  LEU A CD2 1 
ATOM   110  N  N   . LYS A 1 14  ? -0.398  -10.635 -5.326  1.00 12.80 ? 13  LYS A N   1 
ATOM   111  C  CA  . LYS A 1 14  ? -0.627  -11.232 -6.640  1.00 18.48 ? 13  LYS A CA  1 
ATOM   112  C  C   . LYS A 1 14  ? -1.584  -10.474 -7.560  1.00 17.16 ? 13  LYS A C   1 
ATOM   113  O  O   . LYS A 1 14  ? -1.262  -10.214 -8.722  1.00 16.61 ? 13  LYS A O   1 
ATOM   114  C  CB  . LYS A 1 14  ? -1.132  -12.675 -6.475  1.00 23.33 ? 13  LYS A CB  1 
ATOM   115  C  CG  . LYS A 1 14  ? -0.576  -13.661 -7.503  1.00 31.26 ? 13  LYS A CG  1 
ATOM   116  C  CD  . LYS A 1 14  ? -1.460  -13.740 -8.751  1.00 37.93 ? 13  LYS A CD  1 
ATOM   117  C  CE  . LYS A 1 14  ? -2.713  -14.589 -8.510  1.00 41.31 ? 13  LYS A CE  1 
ATOM   118  N  NZ  . LYS A 1 14  ? -3.947  -13.762 -8.318  1.00 40.72 ? 13  LYS A NZ  1 
ATOM   119  N  N   . ASP A 1 15  ? -2.752  -10.118 -7.044  1.00 16.52 ? 14  ASP A N   1 
ATOM   120  C  CA  . ASP A 1 15  ? -3.761  -9.427  -7.839  1.00 18.22 ? 14  ASP A CA  1 
ATOM   121  C  C   . ASP A 1 15  ? -3.368  -8.055  -8.368  1.00 17.33 ? 14  ASP A C   1 
ATOM   122  O  O   . ASP A 1 15  ? -4.086  -7.477  -9.185  1.00 17.31 ? 14  ASP A O   1 
ATOM   123  C  CB  . ASP A 1 15  ? -5.059  -9.310  -7.041  1.00 22.74 ? 14  ASP A CB  1 
ATOM   124  C  CG  . ASP A 1 15  ? -5.731  -10.652 -6.834  1.00 27.78 ? 14  ASP A CG  1 
ATOM   125  O  OD1 . ASP A 1 15  ? -5.443  -11.590 -7.612  1.00 30.56 ? 14  ASP A OD1 1 
ATOM   126  O  OD2 . ASP A 1 15  ? -6.541  -10.770 -5.892  1.00 31.35 ? 14  ASP A OD2 1 
ATOM   127  N  N   . LEU A 1 16  ? -2.236  -7.530  -7.914  1.00 15.62 ? 15  LEU A N   1 
ATOM   128  C  CA  . LEU A 1 16  ? -1.780  -6.223  -8.373  1.00 12.74 ? 15  LEU A CA  1 
ATOM   129  C  C   . LEU A 1 16  ? -0.833  -6.362  -9.560  1.00 13.08 ? 15  LEU A C   1 
ATOM   130  O  O   . LEU A 1 16  ? -0.504  -5.373  -10.216 1.00 13.63 ? 15  LEU A O   1 
ATOM   131  C  CB  . LEU A 1 16  ? -1.053  -5.490  -7.249  1.00 12.85 ? 15  LEU A CB  1 
ATOM   132  C  CG  . LEU A 1 16  ? -1.903  -4.847  -6.152  1.00 12.42 ? 15  LEU A CG  1 
ATOM   133  C  CD1 . LEU A 1 16  ? -0.972  -4.343  -5.070  1.00 15.05 ? 15  LEU A CD1 1 
ATOM   134  C  CD2 . LEU A 1 16  ? -2.737  -3.699  -6.712  1.00 14.23 ? 15  LEU A CD2 1 
ATOM   135  N  N   . LYS A 1 17  ? -0.404  -7.590  -9.836  1.00 11.80 ? 16  LYS A N   1 
ATOM   136  C  CA  . LYS A 1 17  ? 0.530   -7.852  -10.927 1.00 12.52 ? 16  LYS A CA  1 
ATOM   137  C  C   . LYS A 1 17  ? 0.215   -7.158  -12.257 1.00 14.98 ? 16  LYS A C   1 
ATOM   138  O  O   . LYS A 1 17  ? -0.814  -7.423  -12.882 1.00 15.41 ? 16  LYS A O   1 
ATOM   139  C  CB  . LYS A 1 17  ? 0.651   -9.360  -11.164 1.00 13.11 ? 16  LYS A CB  1 
ATOM   140  C  CG  . LYS A 1 17  ? 1.716   -9.713  -12.182 1.00 13.96 ? 16  LYS A CG  1 
ATOM   141  C  CD  . LYS A 1 17  ? 1.890   -11.205 -12.320 1.00 18.40 ? 16  LYS A CD  1 
ATOM   142  C  CE  . LYS A 1 17  ? 3.022   -11.528 -13.284 1.00 20.45 ? 16  LYS A CE  1 
ATOM   143  N  NZ  . LYS A 1 17  ? 2.631   -12.597 -14.258 1.00 28.18 ? 16  LYS A NZ  1 
ATOM   144  N  N   . ASP A 1 18  ? 1.112   -6.271  -12.683 1.00 12.21 ? 17  ASP A N   1 
ATOM   145  C  CA  . ASP A 1 18  ? 0.966   -5.549  -13.941 1.00 13.96 ? 17  ASP A CA  1 
ATOM   146  C  C   . ASP A 1 18  ? -0.149  -4.518  -13.970 1.00 12.08 ? 17  ASP A C   1 
ATOM   147  O  O   . ASP A 1 18  ? -0.400  -3.899  -15.006 1.00 12.34 ? 17  ASP A O   1 
ATOM   148  C  CB  . ASP A 1 18  ? 0.773   -6.538  -15.094 1.00 16.28 ? 17  ASP A CB  1 
ATOM   149  C  CG  . ASP A 1 18  ? 1.992   -7.401  -15.329 1.00 17.73 ? 17  ASP A CG  1 
ATOM   150  O  OD1 . ASP A 1 18  ? 1.822   -8.562  -15.747 1.00 20.17 ? 17  ASP A OD1 1 
ATOM   151  O  OD2 . ASP A 1 18  ? 3.119   -6.920  -15.097 1.00 18.09 ? 17  ASP A OD2 1 
ATOM   152  N  N   . TYR A 1 19  ? -0.822  -4.319  -12.843 1.00 13.57 ? 18  TYR A N   1 
ATOM   153  C  CA  . TYR A 1 19  ? -1.885  -3.323  -12.798 1.00 11.36 ? 18  TYR A CA  1 
ATOM   154  C  C   . TYR A 1 19  ? -1.322  -1.919  -13.041 1.00 11.73 ? 18  TYR A C   1 
ATOM   155  O  O   . TYR A 1 19  ? -0.433  -1.456  -12.316 1.00 8.91  ? 18  TYR A O   1 
ATOM   156  C  CB  . TYR A 1 19  ? -2.613  -3.336  -11.453 1.00 11.24 ? 18  TYR A CB  1 
ATOM   157  C  CG  . TYR A 1 19  ? -3.783  -2.391  -11.478 1.00 9.61  ? 18  TYR A CG  1 
ATOM   158  C  CD1 . TYR A 1 19  ? -4.957  -2.738  -12.147 1.00 14.49 ? 18  TYR A CD1 1 
ATOM   159  C  CD2 . TYR A 1 19  ? -3.692  -1.120  -10.917 1.00 11.34 ? 18  TYR A CD2 1 
ATOM   160  C  CE1 . TYR A 1 19  ? -6.008  -1.845  -12.264 1.00 14.66 ? 18  TYR A CE1 1 
ATOM   161  C  CE2 . TYR A 1 19  ? -4.739  -0.214  -11.028 1.00 12.68 ? 18  TYR A CE2 1 
ATOM   162  C  CZ  . TYR A 1 19  ? -5.895  -0.586  -11.708 1.00 15.09 ? 18  TYR A CZ  1 
ATOM   163  O  OH  . TYR A 1 19  ? -6.941  0.298   -11.841 1.00 16.79 ? 18  TYR A OH  1 
ATOM   164  N  N   . GLY A 1 20  ? -1.855  -1.245  -14.058 1.00 11.58 ? 19  GLY A N   1 
ATOM   165  C  CA  . GLY A 1 20  ? -1.389  0.088   -14.391 1.00 11.41 ? 19  GLY A CA  1 
ATOM   166  C  C   . GLY A 1 20  ? 0.013   0.024   -14.970 1.00 10.80 ? 19  GLY A C   1 
ATOM   167  O  O   . GLY A 1 20  ? 0.700   1.040   -15.107 1.00 12.26 ? 19  GLY A O   1 
ATOM   168  N  N   . GLY A 1 21  ? 0.436   -1.181  -15.322 1.00 9.32  ? 20  GLY A N   1 
ATOM   169  C  CA  . GLY A 1 21  ? 1.765   -1.357  -15.864 1.00 12.14 ? 20  GLY A CA  1 
ATOM   170  C  C   . GLY A 1 21  ? 2.804   -1.532  -14.770 1.00 13.66 ? 20  GLY A C   1 
ATOM   171  O  O   . GLY A 1 21  ? 3.997   -1.519  -15.050 1.00 16.32 ? 20  GLY A O   1 
ATOM   172  N  N   . VAL A 1 22  ? 2.367   -1.688  -13.524 1.00 12.23 ? 21  VAL A N   1 
ATOM   173  C  CA  . VAL A 1 22  ? 3.307   -1.873  -12.424 1.00 12.86 ? 21  VAL A CA  1 
ATOM   174  C  C   . VAL A 1 22  ? 3.492   -3.364  -12.128 1.00 12.77 ? 21  VAL A C   1 
ATOM   175  O  O   . VAL A 1 22  ? 2.551   -4.054  -11.745 1.00 14.01 ? 21  VAL A O   1 
ATOM   176  C  CB  . VAL A 1 22  ? 2.823   -1.148  -11.154 1.00 12.01 ? 21  VAL A CB  1 
ATOM   177  C  CG1 . VAL A 1 22  ? 3.833   -1.324  -10.029 1.00 9.22  ? 21  VAL A CG1 1 
ATOM   178  C  CG2 . VAL A 1 22  ? 2.627   0.319   -11.453 1.00 12.04 ? 21  VAL A CG2 1 
ATOM   179  N  N   . SER A 1 23  ? 4.714   -3.853  -12.315 1.00 13.64 ? 22  SER A N   1 
ATOM   180  C  CA  . SER A 1 23  ? 5.013   -5.270  -12.090 1.00 13.34 ? 22  SER A CA  1 
ATOM   181  C  C   . SER A 1 23  ? 4.866   -5.687  -10.628 1.00 12.71 ? 22  SER A C   1 
ATOM   182  O  O   . SER A 1 23  ? 4.853   -4.848  -9.724  1.00 12.70 ? 22  SER A O   1 
ATOM   183  C  CB  . SER A 1 23  ? 6.429   -5.598  -12.591 1.00 10.83 ? 22  SER A CB  1 
ATOM   184  O  OG  . SER A 1 23  ? 7.439   -4.957  -11.822 1.00 11.52 ? 22  SER A OG  1 
ATOM   185  N  N   . LEU A 1 24  ? 4.748   -6.990  -10.404 1.00 12.30 ? 23  LEU A N   1 
ATOM   186  C  CA  . LEU A 1 24  ? 4.613   -7.504  -9.052  1.00 13.44 ? 23  LEU A CA  1 
ATOM   187  C  C   . LEU A 1 24  ? 5.853   -7.137  -8.229  1.00 13.68 ? 23  LEU A C   1 
ATOM   188  O  O   . LEU A 1 24  ? 5.731   -6.622  -7.123  1.00 16.00 ? 23  LEU A O   1 
ATOM   189  C  CB  . LEU A 1 24  ? 4.412   -9.024  -9.067  1.00 11.26 ? 23  LEU A CB  1 
ATOM   190  C  CG  . LEU A 1 24  ? 4.097   -9.678  -7.716  1.00 12.03 ? 23  LEU A CG  1 
ATOM   191  C  CD1 . LEU A 1 24  ? 3.009   -8.896  -6.992  1.00 12.17 ? 23  LEU A CD1 1 
ATOM   192  C  CD2 . LEU A 1 24  ? 3.654   -11.115 -7.938  1.00 11.32 ? 23  LEU A CD2 1 
ATOM   193  N  N   . PRO A 1 25  ? 7.063   -7.416  -8.748  1.00 13.84 ? 24  PRO A N   1 
ATOM   194  C  CA  . PRO A 1 25  ? 8.244   -7.050  -7.952  1.00 11.97 ? 24  PRO A CA  1 
ATOM   195  C  C   . PRO A 1 25  ? 8.261   -5.573  -7.558  1.00 11.57 ? 24  PRO A C   1 
ATOM   196  O  O   . PRO A 1 25  ? 8.708   -5.234  -6.466  1.00 9.49  ? 24  PRO A O   1 
ATOM   197  C  CB  . PRO A 1 25  ? 9.433   -7.415  -8.845  1.00 11.82 ? 24  PRO A CB  1 
ATOM   198  C  CG  . PRO A 1 25  ? 8.862   -7.730  -10.185 1.00 14.17 ? 24  PRO A CG  1 
ATOM   199  C  CD  . PRO A 1 25  ? 7.422   -8.088  -10.007 1.00 11.96 ? 24  PRO A CD  1 
ATOM   200  N  N   . GLU A 1 26  ? 7.783   -4.690  -8.435  1.00 10.46 ? 25  GLU A N   1 
ATOM   201  C  CA  . GLU A 1 26  ? 7.764   -3.265  -8.104  1.00 11.27 ? 25  GLU A CA  1 
ATOM   202  C  C   . GLU A 1 26  ? 6.773   -2.983  -6.971  1.00 11.19 ? 25  GLU A C   1 
ATOM   203  O  O   . GLU A 1 26  ? 7.004   -2.094  -6.153  1.00 10.18 ? 25  GLU A O   1 
ATOM   204  C  CB  . GLU A 1 26  ? 7.395   -2.404  -9.322  1.00 13.13 ? 25  GLU A CB  1 
ATOM   205  C  CG  . GLU A 1 26  ? 7.124   -0.937  -8.951  1.00 16.46 ? 25  GLU A CG  1 
ATOM   206  C  CD  . GLU A 1 26  ? 7.212   0.030   -10.127 1.00 17.79 ? 25  GLU A CD  1 
ATOM   207  O  OE1 . GLU A 1 26  ? 7.236   1.251   -9.888  1.00 20.38 ? 25  GLU A OE1 1 
ATOM   208  O  OE2 . GLU A 1 26  ? 7.257   -0.412  -11.291 1.00 19.26 ? 25  GLU A OE2 1 
ATOM   209  N  N   . TRP A 1 27  ? 5.671   -3.729  -6.926  1.00 9.56  ? 26  TRP A N   1 
ATOM   210  C  CA  . TRP A 1 27  ? 4.676   -3.538  -5.870  1.00 8.50  ? 26  TRP A CA  1 
ATOM   211  C  C   . TRP A 1 27  ? 5.246   -3.975  -4.525  1.00 10.60 ? 26  TRP A C   1 
ATOM   212  O  O   . TRP A 1 27  ? 4.964   -3.354  -3.501  1.00 9.46  ? 26  TRP A O   1 
ATOM   213  C  CB  . TRP A 1 27  ? 3.412   -4.346  -6.154  1.00 7.20  ? 26  TRP A CB  1 
ATOM   214  C  CG  . TRP A 1 27  ? 2.503   -3.705  -7.133  1.00 10.36 ? 26  TRP A CG  1 
ATOM   215  C  CD1 . TRP A 1 27  ? 2.193   -4.165  -8.377  1.00 10.39 ? 26  TRP A CD1 1 
ATOM   216  C  CD2 . TRP A 1 27  ? 1.767   -2.489  -6.959  1.00 12.42 ? 26  TRP A CD2 1 
ATOM   217  N  NE1 . TRP A 1 27  ? 1.312   -3.312  -8.991  1.00 10.14 ? 26  TRP A NE1 1 
ATOM   218  C  CE2 . TRP A 1 27  ? 1.031   -2.274  -8.144  1.00 12.07 ? 26  TRP A CE2 1 
ATOM   219  C  CE3 . TRP A 1 27  ? 1.657   -1.556  -5.915  1.00 13.43 ? 26  TRP A CE3 1 
ATOM   220  C  CZ2 . TRP A 1 27  ? 0.193   -1.165  -8.318  1.00 11.87 ? 26  TRP A CZ2 1 
ATOM   221  C  CZ3 . TRP A 1 27  ? 0.822   -0.452  -6.088  1.00 12.43 ? 26  TRP A CZ3 1 
ATOM   222  C  CH2 . TRP A 1 27  ? 0.102   -0.268  -7.282  1.00 13.99 ? 26  TRP A CH2 1 
ATOM   223  N  N   . VAL A 1 28  ? 6.033   -5.052  -4.528  1.00 8.69  ? 27  VAL A N   1 
ATOM   224  C  CA  . VAL A 1 28  ? 6.635   -5.541  -3.289  1.00 8.14  ? 27  VAL A CA  1 
ATOM   225  C  C   . VAL A 1 28  ? 7.613   -4.483  -2.773  1.00 7.00  ? 27  VAL A C   1 
ATOM   226  O  O   . VAL A 1 28  ? 7.689   -4.242  -1.570  1.00 8.28  ? 27  VAL A O   1 
ATOM   227  C  CB  . VAL A 1 28  ? 7.369   -6.894  -3.508  1.00 6.97  ? 27  VAL A CB  1 
ATOM   228  C  CG1 . VAL A 1 28  ? 8.090   -7.324  -2.232  1.00 5.56  ? 27  VAL A CG1 1 
ATOM   229  C  CG2 . VAL A 1 28  ? 6.370   -7.959  -3.922  1.00 5.95  ? 27  VAL A CG2 1 
ATOM   230  N  N   . CYS A 1 29  ? 8.338   -3.850  -3.697  1.00 7.86  ? 28  CYS A N   1 
ATOM   231  C  CA  . CYS A 1 29  ? 9.297   -2.801  -3.367  1.00 9.28  ? 28  CYS A CA  1 
ATOM   232  C  C   . CYS A 1 29  ? 8.572   -1.588  -2.776  1.00 8.73  ? 28  CYS A C   1 
ATOM   233  O  O   . CYS A 1 29  ? 9.037   -0.985  -1.802  1.00 8.61  ? 28  CYS A O   1 
ATOM   234  C  CB  . CYS A 1 29  ? 10.071  -2.383  -4.616  1.00 8.80  ? 28  CYS A CB  1 
ATOM   235  S  SG  . CYS A 1 29  ? 11.284  -1.064  -4.305  1.00 9.86  ? 28  CYS A SG  1 
ATOM   236  N  N   . VAL A 1 30  ? 7.435   -1.232  -3.375  1.00 8.25  ? 29  VAL A N   1 
ATOM   237  C  CA  . VAL A 1 30  ? 6.623   -0.118  -2.895  1.00 8.02  ? 29  VAL A CA  1 
ATOM   238  C  C   . VAL A 1 30  ? 6.194   -0.417  -1.450  1.00 8.31  ? 29  VAL A C   1 
ATOM   239  O  O   . VAL A 1 30  ? 6.286   0.442   -0.586  1.00 7.25  ? 29  VAL A O   1 
ATOM   240  C  CB  . VAL A 1 30  ? 5.352   0.069   -3.778  1.00 9.54  ? 29  VAL A CB  1 
ATOM   241  C  CG1 . VAL A 1 30  ? 4.281   0.844   -3.017  1.00 10.43 ? 29  VAL A CG1 1 
ATOM   242  C  CG2 . VAL A 1 30  ? 5.714   0.793   -5.067  1.00 10.49 ? 29  VAL A CG2 1 
ATOM   243  N  N   . ALA A 1 31  ? 5.742   -1.645  -1.196  1.00 7.81  ? 30  ALA A N   1 
ATOM   244  C  CA  . ALA A 1 31  ? 5.291   -2.052  0.142   1.00 9.87  ? 30  ALA A CA  1 
ATOM   245  C  C   . ALA A 1 31  ? 6.400   -1.938  1.182   1.00 9.73  ? 30  ALA A C   1 
ATOM   246  O  O   . ALA A 1 31  ? 6.195   -1.396  2.271   1.00 9.55  ? 30  ALA A O   1 
ATOM   247  C  CB  . ALA A 1 31  ? 4.762   -3.485  0.110   1.00 8.26  ? 30  ALA A CB  1 
ATOM   248  N  N   . PHE A 1 32  ? 7.575   -2.457  0.845   1.00 8.86  ? 31  PHE A N   1 
ATOM   249  C  CA  . PHE A 1 32  ? 8.697   -2.394  1.762   1.00 9.77  ? 31  PHE A CA  1 
ATOM   250  C  C   . PHE A 1 32  ? 9.084   -0.938  1.995   1.00 9.08  ? 31  PHE A C   1 
ATOM   251  O  O   . PHE A 1 32  ? 9.331   -0.518  3.130   1.00 9.72  ? 31  PHE A O   1 
ATOM   252  C  CB  . PHE A 1 32  ? 9.906   -3.145  1.207   1.00 11.02 ? 31  PHE A CB  1 
ATOM   253  C  CG  . PHE A 1 32  ? 11.097  -3.081  2.111   1.00 10.45 ? 31  PHE A CG  1 
ATOM   254  C  CD1 . PHE A 1 32  ? 11.099  -3.770  3.313   1.00 10.80 ? 31  PHE A CD1 1 
ATOM   255  C  CD2 . PHE A 1 32  ? 12.181  -2.275  1.795   1.00 12.99 ? 31  PHE A CD2 1 
ATOM   256  C  CE1 . PHE A 1 32  ? 12.164  -3.654  4.197   1.00 11.95 ? 31  PHE A CE1 1 
ATOM   257  C  CE2 . PHE A 1 32  ? 13.251  -2.152  2.671   1.00 12.71 ? 31  PHE A CE2 1 
ATOM   258  C  CZ  . PHE A 1 32  ? 13.240  -2.843  3.874   1.00 14.52 ? 31  PHE A CZ  1 
ATOM   259  N  N   . HIS A 1 33  ? 9.123   -0.170  0.910   1.00 9.49  ? 32  HIS A N   1 
ATOM   260  C  CA  . HIS A 1 33  ? 9.484   1.235   0.978   1.00 10.25 ? 32  HIS A CA  1 
ATOM   261  C  C   . HIS A 1 33  ? 8.534   2.080   1.821   1.00 11.15 ? 32  HIS A C   1 
ATOM   262  O  O   . HIS A 1 33  ? 8.975   2.982   2.521   1.00 12.73 ? 32  HIS A O   1 
ATOM   263  C  CB  . HIS A 1 33  ? 9.560   1.839   -0.425  1.00 9.24  ? 32  HIS A CB  1 
ATOM   264  C  CG  . HIS A 1 33  ? 9.899   3.295   -0.423  1.00 8.92  ? 32  HIS A CG  1 
ATOM   265  N  ND1 . HIS A 1 33  ? 11.181  3.758   -0.220  1.00 10.76 ? 32  HIS A ND1 1 
ATOM   266  C  CD2 . HIS A 1 33  ? 9.117   4.392   -0.546  1.00 10.74 ? 32  HIS A CD2 1 
ATOM   267  C  CE1 . HIS A 1 33  ? 11.173  5.078   -0.217  1.00 11.31 ? 32  HIS A CE1 1 
ATOM   268  N  NE2 . HIS A 1 33  ? 9.931   5.488   -0.413  1.00 13.42 ? 32  HIS A NE2 1 
ATOM   269  N  N   . THR A 1 34  ? 7.237   1.796   1.768   1.00 11.44 ? 33  THR A N   1 
ATOM   270  C  CA  . THR A 1 34  ? 6.290   2.601   2.530   1.00 13.74 ? 33  THR A CA  1 
ATOM   271  C  C   . THR A 1 34  ? 5.987   2.155   3.957   1.00 13.94 ? 33  THR A C   1 
ATOM   272  O  O   . THR A 1 34  ? 5.715   2.997   4.812   1.00 15.05 ? 33  THR A O   1 
ATOM   273  C  CB  . THR A 1 34  ? 4.938   2.757   1.784   1.00 16.73 ? 33  THR A CB  1 
ATOM   274  O  OG1 . THR A 1 34  ? 4.068   1.676   2.128   1.00 23.16 ? 33  THR A OG1 1 
ATOM   275  C  CG2 . THR A 1 34  ? 5.153   2.777   0.281   1.00 14.81 ? 33  THR A CG2 1 
ATOM   276  N  N   . SER A 1 35  ? 6.028   0.852   4.232   1.00 13.58 ? 34  SER A N   1 
ATOM   277  C  CA  . SER A 1 35  ? 5.722   0.367   5.581   1.00 12.48 ? 34  SER A CA  1 
ATOM   278  C  C   . SER A 1 35  ? 6.654   -0.725  6.089   1.00 11.73 ? 34  SER A C   1 
ATOM   279  O  O   . SER A 1 35  ? 6.509   -1.190  7.217   1.00 11.35 ? 34  SER A O   1 
ATOM   280  C  CB  . SER A 1 35  ? 4.281   -0.151  5.639   1.00 11.95 ? 34  SER A CB  1 
ATOM   281  O  OG  . SER A 1 35  ? 4.124   -1.306  4.829   1.00 9.31  ? 34  SER A OG  1 
ATOM   282  N  N   . GLY A 1 36  ? 7.607   -1.137  5.260   1.00 12.09 ? 35  GLY A N   1 
ATOM   283  C  CA  . GLY A 1 36  ? 8.525   -2.184  5.663   1.00 11.60 ? 35  GLY A CA  1 
ATOM   284  C  C   . GLY A 1 36  ? 7.779   -3.478  5.914   1.00 11.13 ? 35  GLY A C   1 
ATOM   285  O  O   . GLY A 1 36  ? 8.198   -4.293  6.734   1.00 10.90 ? 35  GLY A O   1 
ATOM   286  N  N   . TYR A 1 37  ? 6.660   -3.650  5.210   1.00 10.02 ? 36  TYR A N   1 
ATOM   287  C  CA  . TYR A 1 37  ? 5.811   -4.844  5.321   1.00 12.71 ? 36  TYR A CA  1 
ATOM   288  C  C   . TYR A 1 37  ? 4.962   -4.925  6.599   1.00 11.46 ? 36  TYR A C   1 
ATOM   289  O  O   . TYR A 1 37  ? 4.388   -5.968  6.891   1.00 12.85 ? 36  TYR A O   1 
ATOM   290  C  CB  . TYR A 1 37  ? 6.652   -6.125  5.237   1.00 11.62 ? 36  TYR A CB  1 
ATOM   291  C  CG  . TYR A 1 37  ? 7.562   -6.264  4.032   1.00 13.24 ? 36  TYR A CG  1 
ATOM   292  C  CD1 . TYR A 1 37  ? 8.783   -6.915  4.149   1.00 13.56 ? 36  TYR A CD1 1 
ATOM   293  C  CD2 . TYR A 1 37  ? 7.179   -5.810  2.770   1.00 11.91 ? 36  TYR A CD2 1 
ATOM   294  C  CE1 . TYR A 1 37  ? 9.601   -7.122  3.048   1.00 13.74 ? 36  TYR A CE1 1 
ATOM   295  C  CE2 . TYR A 1 37  ? 7.992   -6.011  1.657   1.00 12.23 ? 36  TYR A CE2 1 
ATOM   296  C  CZ  . TYR A 1 37  ? 9.202   -6.671  1.804   1.00 13.67 ? 36  TYR A CZ  1 
ATOM   297  O  OH  . TYR A 1 37  ? 10.027  -6.887  0.718   1.00 13.39 ? 36  TYR A OH  1 
ATOM   298  N  N   . ASP A 1 38  ? 4.878   -3.834  7.355   1.00 13.65 ? 37  ASP A N   1 
ATOM   299  C  CA  . ASP A 1 38  ? 4.096   -3.829  8.592   1.00 10.85 ? 37  ASP A CA  1 
ATOM   300  C  C   . ASP A 1 38  ? 2.629   -3.539  8.305   1.00 11.73 ? 37  ASP A C   1 
ATOM   301  O  O   . ASP A 1 38  ? 2.247   -2.392  8.077   1.00 13.22 ? 37  ASP A O   1 
ATOM   302  C  CB  . ASP A 1 38  ? 4.653   -2.785  9.559   1.00 12.64 ? 37  ASP A CB  1 
ATOM   303  C  CG  . ASP A 1 38  ? 3.957   -2.807  10.910  1.00 13.85 ? 37  ASP A CG  1 
ATOM   304  O  OD1 . ASP A 1 38  ? 2.986   -3.579  11.081  1.00 14.09 ? 37  ASP A OD1 1 
ATOM   305  O  OD2 . ASP A 1 38  ? 4.384   -2.050  11.806  1.00 17.61 ? 37  ASP A OD2 1 
ATOM   306  N  N   . THR A 1 39  ? 1.804   -4.580  8.333   1.00 11.20 ? 38  THR A N   1 
ATOM   307  C  CA  . THR A 1 39  ? 0.380   -4.418  8.058   1.00 12.23 ? 38  THR A CA  1 
ATOM   308  C  C   . THR A 1 39  ? -0.372  -3.545  9.066   1.00 12.09 ? 38  THR A C   1 
ATOM   309  O  O   . THR A 1 39  ? -1.475  -3.074  8.778   1.00 12.10 ? 38  THR A O   1 
ATOM   310  C  CB  . THR A 1 39  ? -0.320  -5.784  7.986   1.00 11.77 ? 38  THR A CB  1 
ATOM   311  O  OG1 . THR A 1 39  ? -0.154  -6.472  9.230   1.00 14.04 ? 38  THR A OG1 1 
ATOM   312  C  CG2 . THR A 1 39  ? 0.267   -6.621  6.862   1.00 13.35 ? 38  THR A CG2 1 
ATOM   313  N  N   . GLN A 1 40  ? 0.214   -3.316  10.239  1.00 11.35 ? 39  GLN A N   1 
ATOM   314  C  CA  . GLN A 1 40  ? -0.456  -2.507  11.247  1.00 14.25 ? 39  GLN A CA  1 
ATOM   315  C  C   . GLN A 1 40  ? 0.162   -1.135  11.444  1.00 13.46 ? 39  GLN A C   1 
ATOM   316  O  O   . GLN A 1 40  ? -0.087  -0.481  12.452  1.00 14.30 ? 39  GLN A O   1 
ATOM   317  C  CB  . GLN A 1 40  ? -0.481  -3.242  12.586  1.00 17.70 ? 39  GLN A CB  1 
ATOM   318  C  CG  . GLN A 1 40  ? -1.257  -4.542  12.557  1.00 24.08 ? 39  GLN A CG  1 
ATOM   319  C  CD  . GLN A 1 40  ? -0.960  -5.410  13.765  1.00 28.78 ? 39  GLN A CD  1 
ATOM   320  O  OE1 . GLN A 1 40  ? -0.586  -4.908  14.828  1.00 30.82 ? 39  GLN A OE1 1 
ATOM   321  N  NE2 . GLN A 1 40  ? -1.125  -6.717  13.610  1.00 30.77 ? 39  GLN A NE2 1 
ATOM   322  N  N   . ALA A 1 41  ? 0.958   -0.687  10.484  1.00 13.49 ? 40  ALA A N   1 
ATOM   323  C  CA  . ALA A 1 41  ? 1.588   0.617   10.595  1.00 13.05 ? 40  ALA A CA  1 
ATOM   324  C  C   . ALA A 1 41  ? 0.573   1.756   10.497  1.00 13.60 ? 40  ALA A C   1 
ATOM   325  O  O   . ALA A 1 41  ? -0.316  1.751   9.647   1.00 13.17 ? 40  ALA A O   1 
ATOM   326  C  CB  . ALA A 1 41  ? 2.655   0.776   9.522   1.00 12.64 ? 40  ALA A CB  1 
ATOM   327  N  N   . ILE A 1 42  ? 0.702   2.717   11.403  1.00 14.03 ? 41  ILE A N   1 
ATOM   328  C  CA  . ILE A 1 42  ? -0.145  3.899   11.422  1.00 13.04 ? 41  ILE A CA  1 
ATOM   329  C  C   . ILE A 1 42  ? 0.857   5.017   11.627  1.00 12.74 ? 41  ILE A C   1 
ATOM   330  O  O   . ILE A 1 42  ? 1.672   4.966   12.554  1.00 14.32 ? 41  ILE A O   1 
ATOM   331  C  CB  . ILE A 1 42  ? -1.162  3.905   12.602  1.00 14.70 ? 41  ILE A CB  1 
ATOM   332  C  CG1 . ILE A 1 42  ? -2.154  2.753   12.456  1.00 14.82 ? 41  ILE A CG1 1 
ATOM   333  C  CG2 . ILE A 1 42  ? -1.947  5.220   12.615  1.00 14.77 ? 41  ILE A CG2 1 
ATOM   334  C  CD1 . ILE A 1 42  ? -2.937  2.478   13.711  1.00 16.77 ? 41  ILE A CD1 1 
ATOM   335  N  N   . VAL A 1 43  ? 0.819   6.011   10.753  1.00 11.14 ? 42  VAL A N   1 
ATOM   336  C  CA  . VAL A 1 43  ? 1.744   7.127   10.850  1.00 11.64 ? 42  VAL A CA  1 
ATOM   337  C  C   . VAL A 1 43  ? 1.016   8.461   10.747  1.00 12.26 ? 42  VAL A C   1 
ATOM   338  O  O   . VAL A 1 43  ? 0.121   8.628   9.912   1.00 12.55 ? 42  VAL A O   1 
ATOM   339  C  CB  . VAL A 1 43  ? 2.820   7.044   9.731   1.00 14.32 ? 42  VAL A CB  1 
ATOM   340  C  CG1 . VAL A 1 43  ? 3.691   8.294   9.732   1.00 10.88 ? 42  VAL A CG1 1 
ATOM   341  C  CG2 . VAL A 1 43  ? 3.680   5.797   9.931   1.00 14.61 ? 42  VAL A CG2 1 
ATOM   342  N  N   . GLN A 1 44  ? 1.399   9.398   11.610  1.00 10.78 ? 43  GLN A N   1 
ATOM   343  C  CA  . GLN A 1 44  ? 0.822   10.736  11.616  1.00 12.66 ? 43  GLN A CA  1 
ATOM   344  C  C   . GLN A 1 44  ? 1.544   11.602  10.584  1.00 14.35 ? 43  GLN A C   1 
ATOM   345  O  O   . GLN A 1 44  ? 2.757   11.807  10.670  1.00 14.23 ? 43  GLN A O   1 
ATOM   346  C  CB  . GLN A 1 44  ? 0.969   11.389  12.998  1.00 13.08 ? 43  GLN A CB  1 
ATOM   347  C  CG  . GLN A 1 44  ? 0.468   12.832  13.055  1.00 10.93 ? 43  GLN A CG  1 
ATOM   348  C  CD  . GLN A 1 44  ? -1.039  12.933  12.843  1.00 13.27 ? 43  GLN A CD  1 
ATOM   349  O  OE1 . GLN A 1 44  ? -1.827  12.678  13.756  1.00 10.44 ? 43  GLN A OE1 1 
ATOM   350  N  NE2 . GLN A 1 44  ? -1.441  13.307  11.630  1.00 10.32 ? 43  GLN A NE2 1 
ATOM   351  N  N   . ASN A 1 45  ? 0.801   12.111  9.609   1.00 14.35 ? 44  ASN A N   1 
ATOM   352  C  CA  . ASN A 1 45  ? 1.399   12.961  8.594   1.00 16.33 ? 44  ASN A CA  1 
ATOM   353  C  C   . ASN A 1 45  ? 0.989   14.411  8.798   1.00 14.14 ? 44  ASN A C   1 
ATOM   354  O  O   . ASN A 1 45  ? 0.214   14.718  9.703   1.00 14.92 ? 44  ASN A O   1 
ATOM   355  C  CB  . ASN A 1 45  ? 1.002   12.482  7.200   1.00 20.73 ? 44  ASN A CB  1 
ATOM   356  C  CG  . ASN A 1 45  ? 2.008   11.509  6.615   1.00 27.36 ? 44  ASN A CG  1 
ATOM   357  O  OD1 . ASN A 1 45  ? 2.639   10.734  7.342   1.00 27.70 ? 44  ASN A OD1 1 
ATOM   358  N  ND2 . ASN A 1 45  ? 2.169   11.545  5.299   1.00 32.30 ? 44  ASN A ND2 1 
ATOM   359  N  N   . ASN A 1 46  ? 1.524   15.285  7.954   1.00 15.57 ? 45  ASN A N   1 
ATOM   360  C  CA  . ASN A 1 46  ? 1.276   16.727  7.995   1.00 16.92 ? 45  ASN A CA  1 
ATOM   361  C  C   . ASN A 1 46  ? -0.180  17.150  8.077   1.00 16.28 ? 45  ASN A C   1 
ATOM   362  O  O   . ASN A 1 46  ? -0.511  18.126  8.751   1.00 15.35 ? 45  ASN A O   1 
ATOM   363  C  CB  . ASN A 1 46  ? 1.890   17.391  6.763   1.00 20.34 ? 45  ASN A CB  1 
ATOM   364  C  CG  . ASN A 1 46  ? 3.318   17.800  6.982   1.00 24.54 ? 45  ASN A CG  1 
ATOM   365  O  OD1 . ASN A 1 46  ? 4.015   18.184  6.045   1.00 29.82 ? 45  ASN A OD1 1 
ATOM   366  N  ND2 . ASN A 1 46  ? 3.771   17.718  8.227   1.00 29.81 ? 45  ASN A ND2 1 
ATOM   367  N  N   . ASP A 1 47  ? -1.047  16.437  7.369   1.00 15.93 ? 46  ASP A N   1 
ATOM   368  C  CA  . ASP A 1 47  ? -2.461  16.774  7.372   1.00 18.68 ? 46  ASP A CA  1 
ATOM   369  C  C   . ASP A 1 47  ? -3.343  15.541  7.366   1.00 17.49 ? 46  ASP A C   1 
ATOM   370  O  O   . ASP A 1 47  ? -4.530  15.621  7.043   1.00 19.08 ? 46  ASP A O   1 
ATOM   371  C  CB  . ASP A 1 47  ? -2.798  17.654  6.161   1.00 20.85 ? 46  ASP A CB  1 
ATOM   372  C  CG  . ASP A 1 47  ? -2.385  17.028  4.837   1.00 25.05 ? 46  ASP A CG  1 
ATOM   373  O  OD1 . ASP A 1 47  ? -2.487  17.738  3.814   1.00 29.25 ? 46  ASP A OD1 1 
ATOM   374  O  OD2 . ASP A 1 47  ? -1.966  15.844  4.808   1.00 25.06 ? 46  ASP A OD2 1 
ATOM   375  N  N   . SER A 1 48  ? -2.766  14.403  7.733   1.00 16.17 ? 47  SER A N   1 
ATOM   376  C  CA  . SER A 1 48  ? -3.519  13.157  7.761   1.00 14.58 ? 47  SER A CA  1 
ATOM   377  C  C   . SER A 1 48  ? -2.764  12.043  8.473   1.00 13.34 ? 47  SER A C   1 
ATOM   378  O  O   . SER A 1 48  ? -1.585  12.173  8.787   1.00 13.68 ? 47  SER A O   1 
ATOM   379  C  CB  . SER A 1 48  ? -3.829  12.703  6.331   1.00 12.27 ? 47  SER A CB  1 
ATOM   380  O  OG  . SER A 1 48  ? -2.646  12.254  5.685   1.00 13.97 ? 47  SER A OG  1 
ATOM   381  N  N   . THR A 1 49  ? -3.479  10.952  8.720   1.00 12.42 ? 48  THR A N   1 
ATOM   382  C  CA  . THR A 1 49  ? -2.931  9.761   9.346   1.00 11.43 ? 48  THR A CA  1 
ATOM   383  C  C   . THR A 1 49  ? -2.953  8.700   8.250   1.00 10.64 ? 48  THR A C   1 
ATOM   384  O  O   . THR A 1 49  ? -3.929  8.594   7.500   1.00 10.70 ? 48  THR A O   1 
ATOM   385  C  CB  . THR A 1 49  ? -3.812  9.300   10.512  1.00 12.00 ? 48  THR A CB  1 
ATOM   386  O  OG1 . THR A 1 49  ? -3.877  10.342  11.493  1.00 14.76 ? 48  THR A OG1 1 
ATOM   387  C  CG2 . THR A 1 49  ? -3.249  8.022   11.143  1.00 12.36 ? 48  THR A CG2 1 
ATOM   388  N  N   . GLU A 1 50  ? -1.883  7.919   8.151   1.00 10.70 ? 49  GLU A N   1 
ATOM   389  C  CA  . GLU A 1 50  ? -1.791  6.884   7.131   1.00 10.82 ? 49  GLU A CA  1 
ATOM   390  C  C   . GLU A 1 50  ? -1.859  5.509   7.763   1.00 9.37  ? 49  GLU A C   1 
ATOM   391  O  O   . GLU A 1 50  ? -1.235  5.267   8.795   1.00 9.91  ? 49  GLU A O   1 
ATOM   392  C  CB  . GLU A 1 50  ? -0.496  7.060   6.355   1.00 12.79 ? 49  GLU A CB  1 
ATOM   393  C  CG  . GLU A 1 50  ? -0.226  8.509   5.996   1.00 20.96 ? 49  GLU A CG  1 
ATOM   394  C  CD  . GLU A 1 50  ? 0.489   8.652   4.673   1.00 22.88 ? 49  GLU A CD  1 
ATOM   395  O  OE1 . GLU A 1 50  ? 1.661   8.240   4.585   1.00 25.50 ? 49  GLU A OE1 1 
ATOM   396  O  OE2 . GLU A 1 50  ? -0.123  9.176   3.719   1.00 27.79 ? 49  GLU A OE2 1 
ATOM   397  N  N   . TYR A 1 51  ? -2.591  4.605   7.117   1.00 7.61  ? 50  TYR A N   1 
ATOM   398  C  CA  . TYR A 1 51  ? -2.812  3.254   7.641   1.00 7.90  ? 50  TYR A CA  1 
ATOM   399  C  C   . TYR A 1 51  ? -2.313  2.075   6.819   1.00 9.66  ? 50  TYR A C   1 
ATOM   400  O  O   . TYR A 1 51  ? -2.417  2.062   5.587   1.00 9.38  ? 50  TYR A O   1 
ATOM   401  C  CB  . TYR A 1 51  ? -4.315  3.030   7.860   1.00 9.73  ? 50  TYR A CB  1 
ATOM   402  C  CG  . TYR A 1 51  ? -4.977  3.932   8.885   1.00 10.11 ? 50  TYR A CG  1 
ATOM   403  C  CD1 . TYR A 1 51  ? -5.295  3.450   10.152  1.00 12.35 ? 50  TYR A CD1 1 
ATOM   404  C  CD2 . TYR A 1 51  ? -5.296  5.262   8.584   1.00 9.40  ? 50  TYR A CD2 1 
ATOM   405  C  CE1 . TYR A 1 51  ? -5.911  4.262   11.097  1.00 13.52 ? 50  TYR A CE1 1 
ATOM   406  C  CE2 . TYR A 1 51  ? -5.913  6.087   9.525   1.00 11.47 ? 50  TYR A CE2 1 
ATOM   407  C  CZ  . TYR A 1 51  ? -6.218  5.577   10.784  1.00 13.49 ? 50  TYR A CZ  1 
ATOM   408  O  OH  . TYR A 1 51  ? -6.819  6.369   11.738  1.00 13.72 ? 50  TYR A OH  1 
ATOM   409  N  N   . GLY A 1 52  ? -1.799  1.068   7.521   1.00 8.89  ? 51  GLY A N   1 
ATOM   410  C  CA  . GLY A 1 52  ? -1.350  -0.158  6.880   1.00 9.35  ? 51  GLY A CA  1 
ATOM   411  C  C   . GLY A 1 52  ? -0.158  -0.233  5.941   1.00 8.74  ? 51  GLY A C   1 
ATOM   412  O  O   . GLY A 1 52  ? 0.659   0.682   5.826   1.00 6.88  ? 51  GLY A O   1 
ATOM   413  N  N   . LEU A 1 53  ? -0.082  -1.371  5.261   1.00 9.13  ? 52  LEU A N   1 
ATOM   414  C  CA  . LEU A 1 53  ? 0.983   -1.689  4.315   1.00 9.40  ? 52  LEU A CA  1 
ATOM   415  C  C   . LEU A 1 53  ? 1.179   -0.642  3.225   1.00 9.13  ? 52  LEU A C   1 
ATOM   416  O  O   . LEU A 1 53  ? 2.311   -0.322  2.858   1.00 8.27  ? 52  LEU A O   1 
ATOM   417  C  CB  . LEU A 1 53  ? 0.692   -3.044  3.674   1.00 8.78  ? 52  LEU A CB  1 
ATOM   418  C  CG  . LEU A 1 53  ? 1.769   -3.628  2.766   1.00 10.15 ? 52  LEU A CG  1 
ATOM   419  C  CD1 . LEU A 1 53  ? 2.684   -4.495  3.595   1.00 13.53 ? 52  LEU A CD1 1 
ATOM   420  C  CD2 . LEU A 1 53  ? 1.132   -4.430  1.656   1.00 13.24 ? 52  LEU A CD2 1 
ATOM   421  N  N   . PHE A 1 54  ? 0.069   -0.120  2.713   1.00 8.94  ? 53  PHE A N   1 
ATOM   422  C  CA  . PHE A 1 54  ? 0.101   0.883   1.660   1.00 10.10 ? 53  PHE A CA  1 
ATOM   423  C  C   . PHE A 1 54  ? -0.052  2.307   2.196   1.00 10.20 ? 53  PHE A C   1 
ATOM   424  O  O   . PHE A 1 54  ? -0.145  3.269   1.421   1.00 10.61 ? 53  PHE A O   1 
ATOM   425  C  CB  . PHE A 1 54  ? -0.993  0.577   0.630   1.00 9.79  ? 53  PHE A CB  1 
ATOM   426  C  CG  . PHE A 1 54  ? -0.660  -0.576  -0.271  1.00 12.85 ? 53  PHE A CG  1 
ATOM   427  C  CD1 . PHE A 1 54  ? 0.432   -0.507  -1.130  1.00 11.47 ? 53  PHE A CD1 1 
ATOM   428  C  CD2 . PHE A 1 54  ? -1.415  -1.744  -0.233  1.00 14.82 ? 53  PHE A CD2 1 
ATOM   429  C  CE1 . PHE A 1 54  ? 0.774   -1.586  -1.941  1.00 15.08 ? 53  PHE A CE1 1 
ATOM   430  C  CE2 . PHE A 1 54  ? -1.081  -2.834  -1.041  1.00 14.97 ? 53  PHE A CE2 1 
ATOM   431  C  CZ  . PHE A 1 54  ? 0.017   -2.753  -1.896  1.00 15.27 ? 53  PHE A CZ  1 
ATOM   432  N  N   . GLN A 1 55  ? -0.076  2.437   3.519   1.00 8.68  ? 54  GLN A N   1 
ATOM   433  C  CA  . GLN A 1 55  ? -0.186  3.745   4.164   1.00 10.15 ? 54  GLN A CA  1 
ATOM   434  C  C   . GLN A 1 55  ? -1.235  4.645   3.501   1.00 10.51 ? 54  GLN A C   1 
ATOM   435  O  O   . GLN A 1 55  ? -0.923  5.748   3.030   1.00 9.49  ? 54  GLN A O   1 
ATOM   436  C  CB  . GLN A 1 55  ? 1.190   4.440   4.160   1.00 9.53  ? 54  GLN A CB  1 
ATOM   437  C  CG  . GLN A 1 55  ? 2.210   3.838   5.146   1.00 9.36  ? 54  GLN A CG  1 
ATOM   438  C  CD  . GLN A 1 55  ? 1.850   4.122   6.600   1.00 10.17 ? 54  GLN A CD  1 
ATOM   439  O  OE1 . GLN A 1 55  ? 2.236   5.150   7.159   1.00 14.19 ? 54  GLN A OE1 1 
ATOM   440  N  NE2 . GLN A 1 55  ? 1.099   3.216   7.214   1.00 9.63  ? 54  GLN A NE2 1 
ATOM   441  N  N   . ILE A 1 56  ? -2.475  4.162   3.474   1.00 8.60  ? 55  ILE A N   1 
ATOM   442  C  CA  . ILE A 1 56  ? -3.592  4.887   2.880   1.00 10.11 ? 55  ILE A CA  1 
ATOM   443  C  C   . ILE A 1 56  ? -4.104  5.936   3.876   1.00 9.85  ? 55  ILE A C   1 
ATOM   444  O  O   . ILE A 1 56  ? -4.360  5.620   5.035   1.00 10.97 ? 55  ILE A O   1 
ATOM   445  C  CB  . ILE A 1 56  ? -4.703  3.894   2.502   1.00 9.32  ? 55  ILE A CB  1 
ATOM   446  C  CG1 . ILE A 1 56  ? -4.117  2.818   1.575   1.00 12.02 ? 55  ILE A CG1 1 
ATOM   447  C  CG2 . ILE A 1 56  ? -5.842  4.615   1.808   1.00 9.62  ? 55  ILE A CG2 1 
ATOM   448  C  CD1 . ILE A 1 56  ? -5.023  1.619   1.336   1.00 10.53 ? 55  ILE A CD1 1 
ATOM   449  N  N   . ASN A 1 57  ? -4.262  7.184   3.435   1.00 10.35 ? 56  ASN A N   1 
ATOM   450  C  CA  . ASN A 1 57  ? -4.690  8.231   4.363   1.00 11.25 ? 56  ASN A CA  1 
ATOM   451  C  C   . ASN A 1 57  ? -6.188  8.436   4.602   1.00 10.96 ? 56  ASN A C   1 
ATOM   452  O  O   . ASN A 1 57  ? -7.025  8.086   3.766   1.00 10.01 ? 56  ASN A O   1 
ATOM   453  C  CB  . ASN A 1 57  ? -3.999  9.565   4.016   1.00 8.16  ? 56  ASN A CB  1 
ATOM   454  C  CG  . ASN A 1 57  ? -4.597  10.263  2.813   1.00 11.81 ? 56  ASN A CG  1 
ATOM   455  O  OD1 . ASN A 1 57  ? -3.883  10.599  1.862   1.00 15.84 ? 56  ASN A OD1 1 
ATOM   456  N  ND2 . ASN A 1 57  ? -5.898  10.506  2.850   1.00 9.76  ? 56  ASN A ND2 1 
ATOM   457  N  N   . ASN A 1 58  ? -6.497  8.996   5.773   1.00 11.36 ? 57  ASN A N   1 
ATOM   458  C  CA  . ASN A 1 58  ? -7.868  9.261   6.228   1.00 12.03 ? 57  ASN A CA  1 
ATOM   459  C  C   . ASN A 1 58  ? -8.395  10.646  5.836   1.00 10.62 ? 57  ASN A C   1 
ATOM   460  O  O   . ASN A 1 58  ? -9.389  11.123  6.381   1.00 10.47 ? 57  ASN A O   1 
ATOM   461  C  CB  . ASN A 1 58  ? -7.947  9.106   7.761   1.00 11.68 ? 57  ASN A CB  1 
ATOM   462  C  CG  . ASN A 1 58  ? -7.265  10.252  8.515   1.00 12.03 ? 57  ASN A CG  1 
ATOM   463  O  OD1 . ASN A 1 58  ? -6.457  10.995  7.957   1.00 12.23 ? 57  ASN A OD1 1 
ATOM   464  N  ND2 . ASN A 1 58  ? -7.595  10.396  9.793   1.00 13.22 ? 57  ASN A ND2 1 
ATOM   465  N  N   . LYS A 1 59  ? -7.721  11.286  4.893   1.00 11.99 ? 58  LYS A N   1 
ATOM   466  C  CA  . LYS A 1 59  ? -8.120  12.607  4.440   1.00 12.96 ? 58  LYS A CA  1 
ATOM   467  C  C   . LYS A 1 59  ? -8.874  12.491  3.114   1.00 13.19 ? 58  LYS A C   1 
ATOM   468  O  O   . LYS A 1 59  ? -9.878  13.173  2.887   1.00 11.65 ? 58  LYS A O   1 
ATOM   469  C  CB  . LYS A 1 59  ? -6.876  13.486  4.261   1.00 15.83 ? 58  LYS A CB  1 
ATOM   470  C  CG  . LYS A 1 59  ? -7.159  14.929  3.896   1.00 18.22 ? 58  LYS A CG  1 
ATOM   471  C  CD  . LYS A 1 59  ? -5.981  15.556  3.164   1.00 24.49 ? 58  LYS A CD  1 
ATOM   472  C  CE  . LYS A 1 59  ? -6.382  16.876  2.511   1.00 25.14 ? 58  LYS A CE  1 
ATOM   473  N  NZ  . LYS A 1 59  ? -5.219  17.582  1.898   1.00 27.68 ? 58  LYS A NZ  1 
ATOM   474  N  N   . ILE A 1 60  ? -8.396  11.599  2.254   1.00 12.57 ? 59  ILE A N   1 
ATOM   475  C  CA  . ILE A 1 60  ? -8.988  11.414  0.938   1.00 12.67 ? 59  ILE A CA  1 
ATOM   476  C  C   . ILE A 1 60  ? -9.537  10.013  0.665   1.00 11.26 ? 59  ILE A C   1 
ATOM   477  O  O   . ILE A 1 60  ? -10.604 9.873   0.066   1.00 10.39 ? 59  ILE A O   1 
ATOM   478  C  CB  . ILE A 1 60  ? -7.937  11.736  -0.183  1.00 13.65 ? 59  ILE A CB  1 
ATOM   479  C  CG1 . ILE A 1 60  ? -7.348  13.143  0.022   1.00 12.29 ? 59  ILE A CG1 1 
ATOM   480  C  CG2 . ILE A 1 60  ? -8.568  11.580  -1.569  1.00 10.89 ? 59  ILE A CG2 1 
ATOM   481  C  CD1 . ILE A 1 60  ? -8.353  14.276  -0.110  1.00 12.20 ? 59  ILE A CD1 1 
ATOM   482  N  N   . TRP A 1 61  ? -8.822  8.986   1.124   1.00 10.66 ? 60  TRP A N   1 
ATOM   483  C  CA  . TRP A 1 61  ? -9.189  7.601   0.827   1.00 9.58  ? 60  TRP A CA  1 
ATOM   484  C  C   . TRP A 1 61  ? -10.099 6.806   1.746   1.00 10.40 ? 60  TRP A C   1 
ATOM   485  O  O   . TRP A 1 61  ? -10.997 6.115   1.263   1.00 9.29  ? 60  TRP A O   1 
ATOM   486  C  CB  . TRP A 1 61  ? -7.905  6.813   0.557   1.00 8.94  ? 60  TRP A CB  1 
ATOM   487  C  CG  . TRP A 1 61  ? -7.041  7.551   -0.401  1.00 8.82  ? 60  TRP A CG  1 
ATOM   488  C  CD1 . TRP A 1 61  ? -5.940  8.298   -0.103  1.00 9.11  ? 60  TRP A CD1 1 
ATOM   489  C  CD2 . TRP A 1 61  ? -7.307  7.764   -1.792  1.00 8.68  ? 60  TRP A CD2 1 
ATOM   490  N  NE1 . TRP A 1 61  ? -5.510  8.975   -1.220  1.00 12.79 ? 60  TRP A NE1 1 
ATOM   491  C  CE2 . TRP A 1 61  ? -6.332  8.664   -2.271  1.00 8.71  ? 60  TRP A CE2 1 
ATOM   492  C  CE3 . TRP A 1 61  ? -8.277  7.284   -2.677  1.00 7.94  ? 60  TRP A CE3 1 
ATOM   493  C  CZ2 . TRP A 1 61  ? -6.299  9.094   -3.592  1.00 10.07 ? 60  TRP A CZ2 1 
ATOM   494  C  CZ3 . TRP A 1 61  ? -8.246  7.713   -3.989  1.00 11.31 ? 60  TRP A CZ3 1 
ATOM   495  C  CH2 . TRP A 1 61  ? -7.262  8.611   -4.436  1.00 10.67 ? 60  TRP A CH2 1 
ATOM   496  N  N   . CYS A 1 62  ? -9.867  6.866   3.053   1.00 10.54 ? 61  CYS A N   1 
ATOM   497  C  CA  . CYS A 1 62  ? -10.713 6.128   3.978   1.00 11.02 ? 61  CYS A CA  1 
ATOM   498  C  C   . CYS A 1 62  ? -11.183 7.041   5.098   1.00 12.27 ? 61  CYS A C   1 
ATOM   499  O  O   . CYS A 1 62  ? -10.680 8.151   5.261   1.00 12.05 ? 61  CYS A O   1 
ATOM   500  C  CB  . CYS A 1 62  ? -9.968  4.915   4.559   1.00 9.54  ? 61  CYS A CB  1 
ATOM   501  S  SG  . CYS A 1 62  ? -8.418  5.306   5.430   1.00 13.80 ? 61  CYS A SG  1 
ATOM   502  N  N   . LYS A 1 63  ? -12.159 6.578   5.866   1.00 14.43 ? 62  LYS A N   1 
ATOM   503  C  CA  . LYS A 1 63  ? -12.679 7.380   6.957   1.00 16.42 ? 62  LYS A CA  1 
ATOM   504  C  C   . LYS A 1 63  ? -12.370 6.751   8.301   1.00 17.02 ? 62  LYS A C   1 
ATOM   505  O  O   . LYS A 1 63  ? -12.488 5.537   8.473   1.00 14.76 ? 62  LYS A O   1 
ATOM   506  C  CB  . LYS A 1 63  ? -14.194 7.543   6.809   1.00 20.53 ? 62  LYS A CB  1 
ATOM   507  C  CG  . LYS A 1 63  ? -14.799 8.645   7.683   1.00 24.93 ? 62  LYS A CG  1 
ATOM   508  C  CD  . LYS A 1 63  ? -14.854 9.998   6.961   1.00 28.71 ? 62  LYS A CD  1 
ATOM   509  C  CE  . LYS A 1 63  ? -15.537 9.892   5.592   1.00 29.85 ? 62  LYS A CE  1 
ATOM   510  N  NZ  . LYS A 1 63  ? -16.608 10.919  5.386   1.00 27.45 ? 62  LYS A NZ  1 
ATOM   511  N  N   . ASP A 1 64  ? -11.946 7.580   9.246   1.00 19.41 ? 63  ASP A N   1 
ATOM   512  C  CA  . ASP A 1 64  ? -11.673 7.103   10.593  1.00 23.55 ? 63  ASP A CA  1 
ATOM   513  C  C   . ASP A 1 64  ? -12.324 8.044   11.606  1.00 27.48 ? 63  ASP A C   1 
ATOM   514  O  O   . ASP A 1 64  ? -13.029 8.992   11.233  1.00 24.02 ? 63  ASP A O   1 
ATOM   515  C  CB  . ASP A 1 64  ? -10.158 6.972   10.849  1.00 22.06 ? 63  ASP A CB  1 
ATOM   516  C  CG  . ASP A 1 64  ? -9.424  8.299   10.806  1.00 22.69 ? 63  ASP A CG  1 
ATOM   517  O  OD1 . ASP A 1 64  ? -10.071 9.353   10.637  1.00 22.01 ? 63  ASP A OD1 1 
ATOM   518  O  OD2 . ASP A 1 64  ? -8.182  8.279   10.945  1.00 21.67 ? 63  ASP A OD2 1 
ATOM   519  N  N   . ASP A 1 65  ? -12.098 7.769   12.886  1.00 32.86 ? 64  ASP A N   1 
ATOM   520  C  CA  . ASP A 1 65  ? -12.662 8.576   13.963  1.00 37.07 ? 64  ASP A CA  1 
ATOM   521  C  C   . ASP A 1 65  ? -12.096 9.992   13.981  1.00 36.17 ? 64  ASP A C   1 
ATOM   522  O  O   . ASP A 1 65  ? -12.804 10.942  14.307  1.00 37.57 ? 64  ASP A O   1 
ATOM   523  C  CB  . ASP A 1 65  ? -12.396 7.906   15.320  1.00 42.49 ? 64  ASP A CB  1 
ATOM   524  C  CG  . ASP A 1 65  ? -11.033 7.215   15.386  1.00 47.55 ? 64  ASP A CG  1 
ATOM   525  O  OD1 . ASP A 1 65  ? -10.102 7.623   14.652  1.00 48.66 ? 64  ASP A OD1 1 
ATOM   526  O  OD2 . ASP A 1 65  ? -10.897 6.260   16.185  1.00 51.28 ? 64  ASP A OD2 1 
ATOM   527  N  N   . GLN A 1 66  ? -10.824 10.127  13.627  1.00 34.32 ? 65  GLN A N   1 
ATOM   528  C  CA  . GLN A 1 66  ? -10.166 11.426  13.623  1.00 35.08 ? 65  GLN A CA  1 
ATOM   529  C  C   . GLN A 1 66  ? -10.732 12.413  12.606  1.00 35.38 ? 65  GLN A C   1 
ATOM   530  O  O   . GLN A 1 66  ? -10.931 13.588  12.922  1.00 34.62 ? 65  GLN A O   1 
ATOM   531  C  CB  . GLN A 1 66  ? -8.667  11.246  13.384  1.00 37.32 ? 65  GLN A CB  1 
ATOM   532  C  CG  . GLN A 1 66  ? -8.062  10.060  14.125  1.00 42.89 ? 65  GLN A CG  1 
ATOM   533  C  CD  . GLN A 1 66  ? -6.794  9.543   13.466  1.00 44.68 ? 65  GLN A CD  1 
ATOM   534  O  OE1 . GLN A 1 66  ? -6.399  8.395   13.671  1.00 46.49 ? 65  GLN A OE1 1 
ATOM   535  N  NE2 . GLN A 1 66  ? -6.150  10.392  12.669  1.00 45.95 ? 65  GLN A NE2 1 
ATOM   536  N  N   . ASN A 1 67  ? -10.989 11.946  11.387  1.00 34.66 ? 66  ASN A N   1 
ATOM   537  C  CA  . ASN A 1 67  ? -11.520 12.821  10.349  1.00 35.46 ? 66  ASN A CA  1 
ATOM   538  C  C   . ASN A 1 67  ? -12.773 12.271  9.676   1.00 35.50 ? 66  ASN A C   1 
ATOM   539  O  O   . ASN A 1 67  ? -12.702 11.610  8.637   1.00 34.38 ? 66  ASN A O   1 
ATOM   540  C  CB  . ASN A 1 67  ? -10.451 13.099  9.287   1.00 36.26 ? 66  ASN A CB  1 
ATOM   541  C  CG  . ASN A 1 67  ? -10.816 14.269  8.387   1.00 37.27 ? 66  ASN A CG  1 
ATOM   542  O  OD1 . ASN A 1 67  ? -11.849 14.925  8.586   1.00 34.17 ? 66  ASN A OD1 1 
ATOM   543  N  ND2 . ASN A 1 67  ? -9.970  14.537  7.389   1.00 34.47 ? 66  ASN A ND2 1 
ATOM   544  N  N   . PRO A 1 68  ? -13.943 12.555  10.259  1.00 36.86 ? 67  PRO A N   1 
ATOM   545  C  CA  . PRO A 1 68  ? -15.220 12.091  9.715   1.00 37.04 ? 67  PRO A CA  1 
ATOM   546  C  C   . PRO A 1 68  ? -15.549 12.851  8.444   1.00 35.62 ? 67  PRO A C   1 
ATOM   547  O  O   . PRO A 1 68  ? -16.536 12.565  7.774   1.00 36.80 ? 67  PRO A O   1 
ATOM   548  C  CB  . PRO A 1 68  ? -16.226 12.386  10.835  1.00 39.14 ? 67  PRO A CB  1 
ATOM   549  C  CG  . PRO A 1 68  ? -15.393 12.782  12.036  1.00 38.72 ? 67  PRO A CG  1 
ATOM   550  C  CD  . PRO A 1 68  ? -14.135 13.351  11.480  1.00 38.06 ? 67  PRO A CD  1 
ATOM   551  N  N   . HIS A 1 69  ? -14.704 13.826  8.123   1.00 34.47 ? 68  HIS A N   1 
ATOM   552  C  CA  . HIS A 1 69  ? -14.881 14.644  6.931   1.00 33.00 ? 68  HIS A CA  1 
ATOM   553  C  C   . HIS A 1 69  ? -14.124 14.087  5.722   1.00 28.95 ? 68  HIS A C   1 
ATOM   554  O  O   . HIS A 1 69  ? -14.084 14.718  4.664   1.00 28.06 ? 68  HIS A O   1 
ATOM   555  C  CB  . HIS A 1 69  ? -14.409 16.068  7.206   1.00 38.28 ? 68  HIS A CB  1 
ATOM   556  C  CG  . HIS A 1 69  ? -15.373 16.874  8.018   1.00 45.15 ? 68  HIS A CG  1 
ATOM   557  N  ND1 . HIS A 1 69  ? -16.494 16.321  8.601   1.00 47.13 ? 68  HIS A ND1 1 
ATOM   558  C  CD2 . HIS A 1 69  ? -15.383 18.187  8.348   1.00 48.11 ? 68  HIS A CD2 1 
ATOM   559  C  CE1 . HIS A 1 69  ? -17.151 17.258  9.257   1.00 49.56 ? 68  HIS A CE1 1 
ATOM   560  N  NE2 . HIS A 1 69  ? -16.499 18.400  9.120   1.00 50.51 ? 68  HIS A NE2 1 
ATOM   561  N  N   . SER A 1 70  ? -13.523 12.909  5.879   1.00 23.32 ? 69  SER A N   1 
ATOM   562  C  CA  . SER A 1 70  ? -12.777 12.284  4.789   1.00 18.34 ? 69  SER A CA  1 
ATOM   563  C  C   . SER A 1 70  ? -13.655 12.141  3.549   1.00 14.85 ? 69  SER A C   1 
ATOM   564  O  O   . SER A 1 70  ? -14.835 11.838  3.659   1.00 13.38 ? 69  SER A O   1 
ATOM   565  C  CB  . SER A 1 70  ? -12.272 10.902  5.223   1.00 16.05 ? 69  SER A CB  1 
ATOM   566  O  OG  . SER A 1 70  ? -11.742 10.177  4.130   1.00 11.84 ? 69  SER A OG  1 
ATOM   567  N  N   . ARG A 1 71  ? -13.083 12.373  2.372   1.00 15.00 ? 70  ARG A N   1 
ATOM   568  C  CA  . ARG A 1 71  ? -13.847 12.237  1.137   1.00 15.69 ? 70  ARG A CA  1 
ATOM   569  C  C   . ARG A 1 71  ? -14.219 10.765  0.976   1.00 13.04 ? 70  ARG A C   1 
ATOM   570  O  O   . ARG A 1 71  ? -15.131 10.423  0.224   1.00 11.64 ? 70  ARG A O   1 
ATOM   571  C  CB  . ARG A 1 71  ? -13.033 12.713  -0.070  1.00 15.92 ? 70  ARG A CB  1 
ATOM   572  C  CG  . ARG A 1 71  ? -13.853 12.728  -1.360  1.00 24.18 ? 70  ARG A CG  1 
ATOM   573  C  CD  . ARG A 1 71  ? -13.195 13.557  -2.459  1.00 30.06 ? 70  ARG A CD  1 
ATOM   574  N  NE  . ARG A 1 71  ? -12.643 14.797  -1.929  1.00 35.93 ? 70  ARG A NE  1 
ATOM   575  C  CZ  . ARG A 1 71  ? -11.470 15.310  -2.287  1.00 39.12 ? 70  ARG A CZ  1 
ATOM   576  N  NH1 . ARG A 1 71  ? -10.716 14.688  -3.187  1.00 39.80 ? 70  ARG A NH1 1 
ATOM   577  N  NH2 . ARG A 1 71  ? -11.047 16.443  -1.734  1.00 41.15 ? 70  ARG A NH2 1 
ATOM   578  N  N   . ASN A 1 72  ? -13.495 9.905   1.691   1.00 12.54 ? 71  ASN A N   1 
ATOM   579  C  CA  . ASN A 1 72  ? -13.730 8.462   1.691   1.00 11.01 ? 71  ASN A CA  1 
ATOM   580  C  C   . ASN A 1 72  ? -13.941 7.885   0.296   1.00 11.31 ? 71  ASN A C   1 
ATOM   581  O  O   . ASN A 1 72  ? -14.924 7.190   0.034   1.00 10.54 ? 71  ASN A O   1 
ATOM   582  C  CB  . ASN A 1 72  ? -14.946 8.162   2.574   1.00 13.23 ? 71  ASN A CB  1 
ATOM   583  C  CG  . ASN A 1 72  ? -15.011 6.715   3.019   1.00 14.59 ? 71  ASN A CG  1 
ATOM   584  O  OD1 . ASN A 1 72  ? -14.017 5.984   2.984   1.00 13.36 ? 71  ASN A OD1 1 
ATOM   585  N  ND2 . ASN A 1 72  ? -16.196 6.291   3.443   1.00 16.31 ? 71  ASN A ND2 1 
ATOM   586  N  N   . ILE A 1 73  ? -13.004 8.164   -0.600  1.00 10.71 ? 72  ILE A N   1 
ATOM   587  C  CA  . ILE A 1 73  ? -13.121 7.685   -1.964  1.00 10.79 ? 72  ILE A CA  1 
ATOM   588  C  C   . ILE A 1 73  ? -13.149 6.156   -2.034  1.00 10.89 ? 72  ILE A C   1 
ATOM   589  O  O   . ILE A 1 73  ? -13.856 5.578   -2.858  1.00 9.76  ? 72  ILE A O   1 
ATOM   590  C  CB  . ILE A 1 73  ? -11.977 8.262   -2.828  1.00 10.90 ? 72  ILE A CB  1 
ATOM   591  C  CG1 . ILE A 1 73  ? -12.196 9.770   -3.000  1.00 9.97  ? 72  ILE A CG1 1 
ATOM   592  C  CG2 . ILE A 1 73  ? -11.920 7.557   -4.193  1.00 13.52 ? 72  ILE A CG2 1 
ATOM   593  C  CD1 . ILE A 1 73  ? -11.081 10.486  -3.750  1.00 10.29 ? 72  ILE A CD1 1 
ATOM   594  N  N   . CYS A 1 74  ? -12.401 5.493   -1.162  1.00 9.67  ? 73  CYS A N   1 
ATOM   595  C  CA  . CYS A 1 74  ? -12.388 4.039   -1.173  1.00 9.98  ? 73  CYS A CA  1 
ATOM   596  C  C   . CYS A 1 74  ? -13.585 3.445   -0.452  1.00 10.55 ? 73  CYS A C   1 
ATOM   597  O  O   . CYS A 1 74  ? -13.744 2.221   -0.408  1.00 10.72 ? 73  CYS A O   1 
ATOM   598  C  CB  . CYS A 1 74  ? -11.092 3.519   -0.560  1.00 9.53  ? 73  CYS A CB  1 
ATOM   599  S  SG  . CYS A 1 74  ? -9.686  3.738   -1.680  1.00 10.40 ? 73  CYS A SG  1 
ATOM   600  N  N   . ASN A 1 75  ? -14.409 4.321   0.129   1.00 9.34  ? 74  ASN A N   1 
ATOM   601  C  CA  . ASN A 1 75  ? -15.629 3.911   0.820   1.00 11.11 ? 74  ASN A CA  1 
ATOM   602  C  C   . ASN A 1 75  ? -15.365 2.814   1.846   1.00 11.19 ? 74  ASN A C   1 
ATOM   603  O  O   . ASN A 1 75  ? -15.952 1.734   1.782   1.00 11.76 ? 74  ASN A O   1 
ATOM   604  C  CB  . ASN A 1 75  ? -16.632 3.420   -0.228  1.00 12.55 ? 74  ASN A CB  1 
ATOM   605  C  CG  . ASN A 1 75  ? -18.002 3.172   0.347   1.00 14.47 ? 74  ASN A CG  1 
ATOM   606  O  OD1 . ASN A 1 75  ? -18.782 2.391   -0.201  1.00 22.63 ? 74  ASN A OD1 1 
ATOM   607  N  ND2 . ASN A 1 75  ? -18.311 3.835   1.453   1.00 14.28 ? 74  ASN A ND2 1 
ATOM   608  N  N   . ILE A 1 76  ? -14.503 3.094   2.813   1.00 10.61 ? 75  ILE A N   1 
ATOM   609  C  CA  . ILE A 1 76  ? -14.164 2.084   3.799   1.00 10.90 ? 75  ILE A CA  1 
ATOM   610  C  C   . ILE A 1 76  ? -13.582 2.703   5.053   1.00 12.62 ? 75  ILE A C   1 
ATOM   611  O  O   . ILE A 1 76  ? -13.068 3.818   5.033   1.00 11.69 ? 75  ILE A O   1 
ATOM   612  C  CB  . ILE A 1 76  ? -13.123 1.085   3.207   1.00 12.42 ? 75  ILE A CB  1 
ATOM   613  C  CG1 . ILE A 1 76  ? -12.976 -0.148  4.106   1.00 10.79 ? 75  ILE A CG1 1 
ATOM   614  C  CG2 . ILE A 1 76  ? -11.769 1.785   3.037   1.00 11.42 ? 75  ILE A CG2 1 
ATOM   615  C  CD1 . ILE A 1 76  ? -12.171 -1.261  3.458   1.00 11.01 ? 75  ILE A CD1 1 
ATOM   616  N  N   . SER A 1 77  ? -13.677 1.963   6.149   1.00 11.90 ? 76  SER A N   1 
ATOM   617  C  CA  . SER A 1 77  ? -13.129 2.406   7.410   1.00 14.25 ? 76  SER A CA  1 
ATOM   618  C  C   . SER A 1 77  ? -11.626 2.140   7.316   1.00 12.67 ? 76  SER A C   1 
ATOM   619  O  O   . SER A 1 77  ? -11.214 1.084   6.840   1.00 11.60 ? 76  SER A O   1 
ATOM   620  C  CB  . SER A 1 77  ? -13.748 1.597   8.552   1.00 16.15 ? 76  SER A CB  1 
ATOM   621  O  OG  . SER A 1 77  ? -13.098 1.888   9.776   1.00 22.72 ? 76  SER A OG  1 
ATOM   622  N  N   . CYS A 1 78  ? -10.813 3.094   7.760   1.00 12.47 ? 77  CYS A N   1 
ATOM   623  C  CA  . CYS A 1 78  ? -9.362  2.943   7.706   1.00 12.70 ? 77  CYS A CA  1 
ATOM   624  C  C   . CYS A 1 78  ? -8.856  1.735   8.480   1.00 13.56 ? 77  CYS A C   1 
ATOM   625  O  O   . CYS A 1 78  ? -7.879  1.093   8.082   1.00 11.26 ? 77  CYS A O   1 
ATOM   626  C  CB  . CYS A 1 78  ? -8.669  4.186   8.257   1.00 12.07 ? 77  CYS A CB  1 
ATOM   627  S  SG  . CYS A 1 78  ? -8.987  5.714   7.337   1.00 13.40 ? 77  CYS A SG  1 
ATOM   628  N  N   . ASP A 1 79  ? -9.512  1.431   9.595   1.00 12.38 ? 78  ASP A N   1 
ATOM   629  C  CA  . ASP A 1 79  ? -9.089  0.299   10.411  1.00 16.23 ? 78  ASP A CA  1 
ATOM   630  C  C   . ASP A 1 79  ? -9.105  -1.014  9.622   1.00 13.58 ? 78  ASP A C   1 
ATOM   631  O  O   . ASP A 1 79  ? -8.525  -2.011  10.045  1.00 13.89 ? 78  ASP A O   1 
ATOM   632  C  CB  . ASP A 1 79  ? -9.962  0.203   11.674  1.00 20.73 ? 78  ASP A CB  1 
ATOM   633  C  CG  . ASP A 1 79  ? -11.376 -0.274  11.382  1.00 28.30 ? 78  ASP A CG  1 
ATOM   634  O  OD1 . ASP A 1 79  ? -12.037 -0.778  12.318  1.00 35.49 ? 78  ASP A OD1 1 
ATOM   635  O  OD2 . ASP A 1 79  ? -11.834 -0.151  10.226  1.00 33.21 ? 78  ASP A OD2 1 
ATOM   636  N  N   . LYS A 1 80  ? -9.765  -1.010  8.469   1.00 12.61 ? 79  LYS A N   1 
ATOM   637  C  CA  . LYS A 1 80  ? -9.819  -2.194  7.625   1.00 12.43 ? 79  LYS A CA  1 
ATOM   638  C  C   . LYS A 1 80  ? -8.463  -2.418  6.955   1.00 12.98 ? 79  LYS A C   1 
ATOM   639  O  O   . LYS A 1 80  ? -8.223  -3.471  6.370   1.00 13.13 ? 79  LYS A O   1 
ATOM   640  C  CB  . LYS A 1 80  ? -10.898 -2.036  6.558   1.00 14.57 ? 79  LYS A CB  1 
ATOM   641  C  CG  . LYS A 1 80  ? -12.265 -2.462  7.020   1.00 18.86 ? 79  LYS A CG  1 
ATOM   642  C  CD  . LYS A 1 80  ? -12.250 -3.924  7.410   1.00 23.77 ? 79  LYS A CD  1 
ATOM   643  C  CE  . LYS A 1 80  ? -13.298 -4.212  8.463   1.00 26.78 ? 79  LYS A CE  1 
ATOM   644  N  NZ  . LYS A 1 80  ? -14.663 -4.192  7.879   1.00 29.57 ? 79  LYS A NZ  1 
ATOM   645  N  N   . PHE A 1 81  ? -7.573  -1.430  7.042   1.00 11.35 ? 80  PHE A N   1 
ATOM   646  C  CA  . PHE A 1 81  ? -6.242  -1.551  6.453   1.00 10.81 ? 80  PHE A CA  1 
ATOM   647  C  C   . PHE A 1 81  ? -5.211  -1.939  7.520   1.00 12.56 ? 80  PHE A C   1 
ATOM   648  O  O   . PHE A 1 81  ? -4.000  -1.892  7.287   1.00 14.41 ? 80  PHE A O   1 
ATOM   649  C  CB  . PHE A 1 81  ? -5.830  -0.225  5.798   1.00 7.52  ? 80  PHE A CB  1 
ATOM   650  C  CG  . PHE A 1 81  ? -6.748  0.219   4.703   1.00 7.89  ? 80  PHE A CG  1 
ATOM   651  C  CD1 . PHE A 1 81  ? -7.048  1.565   4.537   1.00 8.90  ? 80  PHE A CD1 1 
ATOM   652  C  CD2 . PHE A 1 81  ? -7.304  -0.706  3.820   1.00 11.71 ? 80  PHE A CD2 1 
ATOM   653  C  CE1 . PHE A 1 81  ? -7.889  1.994   3.501   1.00 8.69  ? 80  PHE A CE1 1 
ATOM   654  C  CE2 . PHE A 1 81  ? -8.151  -0.287  2.773   1.00 11.25 ? 80  PHE A CE2 1 
ATOM   655  C  CZ  . PHE A 1 81  ? -8.439  1.064   2.617   1.00 8.83  ? 80  PHE A CZ  1 
ATOM   656  N  N   . LEU A 1 82  ? -5.695  -2.325  8.693   1.00 13.78 ? 81  LEU A N   1 
ATOM   657  C  CA  . LEU A 1 82  ? -4.802  -2.690  9.776   1.00 13.95 ? 81  LEU A CA  1 
ATOM   658  C  C   . LEU A 1 82  ? -4.796  -4.184  10.083  1.00 15.97 ? 81  LEU A C   1 
ATOM   659  O  O   . LEU A 1 82  ? -4.075  -4.634  10.983  1.00 18.24 ? 81  LEU A O   1 
ATOM   660  C  CB  . LEU A 1 82  ? -5.161  -1.890  11.035  1.00 14.96 ? 81  LEU A CB  1 
ATOM   661  C  CG  . LEU A 1 82  ? -5.002  -0.369  10.934  1.00 13.53 ? 81  LEU A CG  1 
ATOM   662  C  CD1 . LEU A 1 82  ? -5.428  0.274   12.243  1.00 12.97 ? 81  LEU A CD1 1 
ATOM   663  C  CD2 . LEU A 1 82  ? -3.561  -0.014  10.616  1.00 13.42 ? 81  LEU A CD2 1 
ATOM   664  N  N   . ASP A 1 83  ? -5.586  -4.959  9.343   1.00 17.16 ? 82  ASP A N   1 
ATOM   665  C  CA  . ASP A 1 83  ? -5.614  -6.398  9.572   1.00 18.61 ? 82  ASP A CA  1 
ATOM   666  C  C   . ASP A 1 83  ? -4.689  -7.168  8.631   1.00 19.61 ? 82  ASP A C   1 
ATOM   667  O  O   . ASP A 1 83  ? -3.859  -6.578  7.938   1.00 19.78 ? 82  ASP A O   1 
ATOM   668  C  CB  . ASP A 1 83  ? -7.051  -6.941  9.498   1.00 19.06 ? 82  ASP A CB  1 
ATOM   669  C  CG  . ASP A 1 83  ? -7.701  -6.723  8.148   1.00 19.84 ? 82  ASP A CG  1 
ATOM   670  O  OD1 . ASP A 1 83  ? -6.987  -6.775  7.130   1.00 15.59 ? 82  ASP A OD1 1 
ATOM   671  O  OD2 . ASP A 1 83  ? -8.934  -6.510  8.109   1.00 21.56 ? 82  ASP A OD2 1 
ATOM   672  N  N   . ASP A 1 84  ? -4.836  -8.489  8.615   1.00 22.21 ? 83  ASP A N   1 
ATOM   673  C  CA  . ASP A 1 84  ? -3.995  -9.357  7.801   1.00 22.40 ? 83  ASP A CA  1 
ATOM   674  C  C   . ASP A 1 84  ? -4.490  -9.680  6.398   1.00 20.83 ? 83  ASP A C   1 
ATOM   675  O  O   . ASP A 1 84  ? -3.757  -10.266 5.608   1.00 21.21 ? 83  ASP A O   1 
ATOM   676  C  CB  . ASP A 1 84  ? -3.755  -10.663 8.544   1.00 27.09 ? 83  ASP A CB  1 
ATOM   677  C  CG  . ASP A 1 84  ? -2.305  -10.877 8.855   1.00 32.42 ? 83  ASP A CG  1 
ATOM   678  O  OD1 . ASP A 1 84  ? -1.542  -11.195 7.918   1.00 35.10 ? 83  ASP A OD1 1 
ATOM   679  O  OD2 . ASP A 1 84  ? -1.929  -10.721 10.035  1.00 37.46 ? 83  ASP A OD2 1 
ATOM   680  N  N   . ASP A 1 85  ? -5.729  -9.312  6.096   1.00 19.47 ? 84  ASP A N   1 
ATOM   681  C  CA  . ASP A 1 85  ? -6.316  -9.563  4.787   1.00 17.51 ? 84  ASP A CA  1 
ATOM   682  C  C   . ASP A 1 85  ? -6.045  -8.365  3.882   1.00 15.09 ? 84  ASP A C   1 
ATOM   683  O  O   . ASP A 1 85  ? -6.626  -7.310  4.067   1.00 14.09 ? 84  ASP A O   1 
ATOM   684  C  CB  . ASP A 1 85  ? -7.822  -9.772  4.930   1.00 19.73 ? 84  ASP A CB  1 
ATOM   685  C  CG  . ASP A 1 85  ? -8.450  -10.359 3.687   1.00 22.01 ? 84  ASP A CG  1 
ATOM   686  O  OD1 . ASP A 1 85  ? -7.754  -10.462 2.654   1.00 23.78 ? 84  ASP A OD1 1 
ATOM   687  O  OD2 . ASP A 1 85  ? -9.644  -10.717 3.747   1.00 24.65 ? 84  ASP A OD2 1 
ATOM   688  N  N   . LEU A 1 86  ? -5.177  -8.531  2.891   1.00 13.70 ? 85  LEU A N   1 
ATOM   689  C  CA  . LEU A 1 86  ? -4.840  -7.424  2.008   1.00 13.20 ? 85  LEU A CA  1 
ATOM   690  C  C   . LEU A 1 86  ? -5.819  -7.155  0.864   1.00 12.61 ? 85  LEU A C   1 
ATOM   691  O  O   . LEU A 1 86  ? -5.599  -6.246  0.068   1.00 11.32 ? 85  LEU A O   1 
ATOM   692  C  CB  . LEU A 1 86  ? -3.439  -7.649  1.438   1.00 13.87 ? 85  LEU A CB  1 
ATOM   693  C  CG  . LEU A 1 86  ? -2.225  -7.058  2.170   1.00 18.80 ? 85  LEU A CG  1 
ATOM   694  C  CD1 . LEU A 1 86  ? -2.623  -6.444  3.506   1.00 16.85 ? 85  LEU A CD1 1 
ATOM   695  C  CD2 . LEU A 1 86  ? -1.190  -8.149  2.361   1.00 19.35 ? 85  LEU A CD2 1 
ATOM   696  N  N   . THR A 1 87  ? -6.904  -7.917  0.780   1.00 12.76 ? 86  THR A N   1 
ATOM   697  C  CA  . THR A 1 87  ? -7.858  -7.725  -0.314  1.00 13.83 ? 86  THR A CA  1 
ATOM   698  C  C   . THR A 1 87  ? -8.472  -6.326  -0.455  1.00 13.41 ? 86  THR A C   1 
ATOM   699  O  O   . THR A 1 87  ? -8.517  -5.783  -1.557  1.00 11.70 ? 86  THR A O   1 
ATOM   700  C  CB  . THR A 1 87  ? -8.980  -8.765  -0.249  1.00 13.83 ? 86  THR A CB  1 
ATOM   701  O  OG1 . THR A 1 87  ? -8.407  -10.053 0.010   1.00 15.28 ? 86  THR A OG1 1 
ATOM   702  C  CG2 . THR A 1 87  ? -9.729  -8.819  -1.575  1.00 14.01 ? 86  THR A CG2 1 
ATOM   703  N  N   . ASP A 1 88  ? -8.949  -5.733  0.634   1.00 13.79 ? 87  ASP A N   1 
ATOM   704  C  CA  . ASP A 1 88  ? -9.517  -4.397  0.515   1.00 13.31 ? 87  ASP A CA  1 
ATOM   705  C  C   . ASP A 1 88  ? -8.412  -3.356  0.358   1.00 11.36 ? 87  ASP A C   1 
ATOM   706  O  O   . ASP A 1 88  ? -8.606  -2.342  -0.307  1.00 10.56 ? 87  ASP A O   1 
ATOM   707  C  CB  . ASP A 1 88  ? -10.416 -4.053  1.710   1.00 15.28 ? 87  ASP A CB  1 
ATOM   708  C  CG  . ASP A 1 88  ? -9.888  -4.589  3.023   1.00 18.61 ? 87  ASP A CG  1 
ATOM   709  O  OD1 . ASP A 1 88  ? -8.661  -4.764  3.141   1.00 17.53 ? 87  ASP A OD1 1 
ATOM   710  O  OD2 . ASP A 1 88  ? -10.710 -4.828  3.936   1.00 18.92 ? 87  ASP A OD2 1 
ATOM   711  N  N   . ASP A 1 89  ? -7.251  -3.606  0.959   1.00 10.02 ? 88  ASP A N   1 
ATOM   712  C  CA  . ASP A 1 89  ? -6.126  -2.676  0.829   1.00 10.30 ? 88  ASP A CA  1 
ATOM   713  C  C   . ASP A 1 89  ? -5.803  -2.522  -0.657  1.00 8.89  ? 88  ASP A C   1 
ATOM   714  O  O   . ASP A 1 89  ? -5.628  -1.410  -1.159  1.00 7.03  ? 88  ASP A O   1 
ATOM   715  C  CB  . ASP A 1 89  ? -4.864  -3.210  1.533   1.00 13.13 ? 88  ASP A CB  1 
ATOM   716  C  CG  . ASP A 1 89  ? -5.057  -3.436  3.020   1.00 12.90 ? 88  ASP A CG  1 
ATOM   717  O  OD1 . ASP A 1 89  ? -4.346  -2.784  3.819   1.00 9.63  ? 88  ASP A OD1 1 
ATOM   718  O  OD2 . ASP A 1 89  ? -5.905  -4.274  3.385   1.00 13.89 ? 88  ASP A OD2 1 
ATOM   719  N  N   . ILE A 1 90  ? -5.717  -3.663  -1.340  1.00 7.58  ? 89  ILE A N   1 
ATOM   720  C  CA  . ILE A 1 90  ? -5.398  -3.723  -2.761  1.00 8.95  ? 89  ILE A CA  1 
ATOM   721  C  C   . ILE A 1 90  ? -6.436  -3.022  -3.643  1.00 9.36  ? 89  ILE A C   1 
ATOM   722  O  O   . ILE A 1 90  ? -6.077  -2.358  -4.614  1.00 9.63  ? 89  ILE A O   1 
ATOM   723  C  CB  . ILE A 1 90  ? -5.228  -5.199  -3.213  1.00 7.85  ? 89  ILE A CB  1 
ATOM   724  C  CG1 . ILE A 1 90  ? -3.893  -5.738  -2.692  1.00 9.59  ? 89  ILE A CG1 1 
ATOM   725  C  CG2 . ILE A 1 90  ? -5.249  -5.303  -4.733  1.00 9.37  ? 89  ILE A CG2 1 
ATOM   726  C  CD1 . ILE A 1 90  ? -3.800  -7.251  -2.680  1.00 12.77 ? 89  ILE A CD1 1 
ATOM   727  N  N   . VAL A 1 91  ? -7.717  -3.167  -3.316  1.00 10.34 ? 90  VAL A N   1 
ATOM   728  C  CA  . VAL A 1 91  ? -8.769  -2.514  -4.094  1.00 10.08 ? 90  VAL A CA  1 
ATOM   729  C  C   . VAL A 1 91  ? -8.595  -1.002  -3.976  1.00 9.31  ? 90  VAL A C   1 
ATOM   730  O  O   . VAL A 1 91  ? -8.710  -0.268  -4.958  1.00 8.50  ? 90  VAL A O   1 
ATOM   731  C  CB  . VAL A 1 91  ? -10.169 -2.893  -3.569  1.00 10.74 ? 90  VAL A CB  1 
ATOM   732  C  CG1 . VAL A 1 91  ? -11.225 -1.993  -4.189  1.00 10.92 ? 90  VAL A CG1 1 
ATOM   733  C  CG2 . VAL A 1 91  ? -10.460 -4.354  -3.887  1.00 12.41 ? 90  VAL A CG2 1 
ATOM   734  N  N   . CYS A 1 92  ? -8.309  -0.534  -2.766  1.00 10.15 ? 91  CYS A N   1 
ATOM   735  C  CA  . CYS A 1 92  ? -8.117  0.892   -2.549  1.00 9.86  ? 91  CYS A CA  1 
ATOM   736  C  C   . CYS A 1 92  ? -6.821  1.377   -3.210  1.00 9.14  ? 91  CYS A C   1 
ATOM   737  O  O   . CYS A 1 92  ? -6.794  2.455   -3.809  1.00 8.57  ? 91  CYS A O   1 
ATOM   738  C  CB  . CYS A 1 92  ? -8.103  1.205   -1.046  1.00 7.86  ? 91  CYS A CB  1 
ATOM   739  S  SG  . CYS A 1 92  ? -8.122  2.983   -0.637  1.00 8.49  ? 91  CYS A SG  1 
ATOM   740  N  N   . ALA A 1 93  ? -5.759  0.579   -3.116  1.00 8.78  ? 92  ALA A N   1 
ATOM   741  C  CA  . ALA A 1 93  ? -4.481  0.951   -3.720  1.00 9.78  ? 92  ALA A CA  1 
ATOM   742  C  C   . ALA A 1 93  ? -4.598  1.154   -5.235  1.00 9.32  ? 92  ALA A C   1 
ATOM   743  O  O   . ALA A 1 93  ? -3.921  2.013   -5.808  1.00 7.71  ? 92  ALA A O   1 
ATOM   744  C  CB  . ALA A 1 93  ? -3.423  -0.105  -3.414  1.00 8.38  ? 92  ALA A CB  1 
ATOM   745  N  N   . LYS A 1 94  ? -5.445  0.362   -5.887  1.00 9.00  ? 93  LYS A N   1 
ATOM   746  C  CA  . LYS A 1 94  ? -5.623  0.494   -7.328  1.00 10.06 ? 93  LYS A CA  1 
ATOM   747  C  C   . LYS A 1 94  ? -6.277  1.833   -7.643  1.00 10.01 ? 93  LYS A C   1 
ATOM   748  O  O   . LYS A 1 94  ? -5.918  2.491   -8.619  1.00 11.67 ? 93  LYS A O   1 
ATOM   749  C  CB  . LYS A 1 94  ? -6.467  -0.658  -7.862  1.00 9.79  ? 93  LYS A CB  1 
ATOM   750  C  CG  . LYS A 1 94  ? -5.728  -1.980  -7.845  1.00 11.00 ? 93  LYS A CG  1 
ATOM   751  C  CD  . LYS A 1 94  ? -6.628  -3.110  -8.266  1.00 13.02 ? 93  LYS A CD  1 
ATOM   752  C  CE  . LYS A 1 94  ? -5.824  -4.348  -8.595  1.00 16.78 ? 93  LYS A CE  1 
ATOM   753  N  NZ  . LYS A 1 94  ? -6.704  -5.439  -9.122  1.00 19.11 ? 93  LYS A NZ  1 
ATOM   754  N  N   . LYS A 1 95  ? -7.225  2.232   -6.795  1.00 11.22 ? 94  LYS A N   1 
ATOM   755  C  CA  . LYS A 1 95  ? -7.932  3.502   -6.928  1.00 10.59 ? 94  LYS A CA  1 
ATOM   756  C  C   . LYS A 1 95  ? -6.956  4.672   -6.768  1.00 9.62  ? 94  LYS A C   1 
ATOM   757  O  O   . LYS A 1 95  ? -7.073  5.683   -7.455  1.00 9.73  ? 94  LYS A O   1 
ATOM   758  C  CB  . LYS A 1 95  ? -9.030  3.603   -5.867  1.00 12.20 ? 94  LYS A CB  1 
ATOM   759  C  CG  . LYS A 1 95  ? -10.365 3.030   -6.305  1.00 18.53 ? 94  LYS A CG  1 
ATOM   760  C  CD  . LYS A 1 95  ? -11.153 2.449   -5.138  1.00 21.54 ? 94  LYS A CD  1 
ATOM   761  C  CE  . LYS A 1 95  ? -12.239 1.500   -5.641  1.00 21.18 ? 94  LYS A CE  1 
ATOM   762  N  NZ  . LYS A 1 95  ? -13.271 1.219   -4.606  1.00 20.26 ? 94  LYS A NZ  1 
ATOM   763  N  N   . ILE A 1 96  ? -6.002  4.530   -5.846  1.00 9.47  ? 95  ILE A N   1 
ATOM   764  C  CA  . ILE A 1 96  ? -4.995  5.569   -5.605  1.00 9.90  ? 95  ILE A CA  1 
ATOM   765  C  C   . ILE A 1 96  ? -4.081  5.681   -6.832  1.00 9.60  ? 95  ILE A C   1 
ATOM   766  O  O   . ILE A 1 96  ? -3.838  6.782   -7.332  1.00 11.12 ? 95  ILE A O   1 
ATOM   767  C  CB  . ILE A 1 96  ? -4.140  5.246   -4.338  1.00 7.41  ? 95  ILE A CB  1 
ATOM   768  C  CG1 . ILE A 1 96  ? -4.999  5.401   -3.080  1.00 6.17  ? 95  ILE A CG1 1 
ATOM   769  C  CG2 . ILE A 1 96  ? -2.936  6.178   -4.252  1.00 8.07  ? 95  ILE A CG2 1 
ATOM   770  C  CD1 . ILE A 1 96  ? -4.424  4.732   -1.857  1.00 9.35  ? 95  ILE A CD1 1 
ATOM   771  N  N   . LEU A 1 97  ? -3.583  4.545   -7.317  1.00 9.24  ? 96  LEU A N   1 
ATOM   772  C  CA  . LEU A 1 97  ? -2.719  4.553   -8.496  1.00 10.96 ? 96  LEU A CA  1 
ATOM   773  C  C   . LEU A 1 97  ? -3.461  5.195   -9.663  1.00 9.26  ? 96  LEU A C   1 
ATOM   774  O  O   . LEU A 1 97  ? -2.900  6.001   -10.393 1.00 8.56  ? 96  LEU A O   1 
ATOM   775  C  CB  . LEU A 1 97  ? -2.292  3.127   -8.883  1.00 9.50  ? 96  LEU A CB  1 
ATOM   776  C  CG  . LEU A 1 97  ? -1.226  3.058   -9.979  1.00 9.79  ? 96  LEU A CG  1 
ATOM   777  C  CD1 . LEU A 1 97  ? 0.145   3.242   -9.353  1.00 12.78 ? 96  LEU A CD1 1 
ATOM   778  C  CD2 . LEU A 1 97  ? -1.306  1.725   -10.722 1.00 11.91 ? 96  LEU A CD2 1 
ATOM   779  N  N   . ASP A 1 98  ? -4.732  4.840   -9.823  1.00 10.26 ? 97  ASP A N   1 
ATOM   780  C  CA  . ASP A 1 98  ? -5.557  5.378   -10.898 1.00 12.41 ? 97  ASP A CA  1 
ATOM   781  C  C   . ASP A 1 98  ? -5.750  6.887   -10.829 1.00 13.16 ? 97  ASP A C   1 
ATOM   782  O  O   . ASP A 1 98  ? -5.689  7.575   -11.842 1.00 14.61 ? 97  ASP A O   1 
ATOM   783  C  CB  . ASP A 1 98  ? -6.944  4.742   -10.871 1.00 16.63 ? 97  ASP A CB  1 
ATOM   784  C  CG  . ASP A 1 98  ? -6.936  3.312   -11.315 1.00 21.73 ? 97  ASP A CG  1 
ATOM   785  O  OD1 . ASP A 1 98  ? -7.969  2.645   -11.113 1.00 28.32 ? 97  ASP A OD1 1 
ATOM   786  O  OD2 . ASP A 1 98  ? -5.907  2.857   -11.860 1.00 25.90 ? 97  ASP A OD2 1 
ATOM   787  N  N   . LYS A 1 99  ? -5.994  7.392   -9.626  1.00 13.09 ? 98  LYS A N   1 
ATOM   788  C  CA  . LYS A 1 99  ? -6.249  8.812   -9.419  1.00 14.74 ? 98  LYS A CA  1 
ATOM   789  C  C   . LYS A 1 99  ? -5.051  9.737   -9.232  1.00 14.56 ? 98  LYS A C   1 
ATOM   790  O  O   . LYS A 1 99  ? -5.064  10.854  -9.741  1.00 16.20 ? 98  LYS A O   1 
ATOM   791  C  CB  . LYS A 1 99  ? -7.194  8.986   -8.227  1.00 18.83 ? 98  LYS A CB  1 
ATOM   792  C  CG  . LYS A 1 99  ? -8.682  8.904   -8.562  1.00 23.43 ? 98  LYS A CG  1 
ATOM   793  C  CD  . LYS A 1 99  ? -8.999  7.748   -9.496  1.00 28.37 ? 98  LYS A CD  1 
ATOM   794  C  CE  . LYS A 1 99  ? -9.830  8.211   -10.687 1.00 31.33 ? 98  LYS A CE  1 
ATOM   795  N  NZ  . LYS A 1 99  ? -9.992  7.133   -11.702 1.00 33.02 ? 98  LYS A NZ  1 
ATOM   796  N  N   . VAL A 1 100 ? -4.024  9.301   -8.506  1.00 13.55 ? 99  VAL A N   1 
ATOM   797  C  CA  . VAL A 1 100 ? -2.874  10.170  -8.271  1.00 12.41 ? 99  VAL A CA  1 
ATOM   798  C  C   . VAL A 1 100 ? -1.529  9.649   -8.761  1.00 13.76 ? 99  VAL A C   1 
ATOM   799  O  O   . VAL A 1 100 ? -0.553  10.402  -8.812  1.00 15.01 ? 99  VAL A O   1 
ATOM   800  C  CB  . VAL A 1 100 ? -2.732  10.520  -6.769  1.00 13.33 ? 99  VAL A CB  1 
ATOM   801  C  CG1 . VAL A 1 100 ? -3.824  11.478  -6.353  1.00 11.61 ? 99  VAL A CG1 1 
ATOM   802  C  CG2 . VAL A 1 100 ? -2.791  9.259   -5.930  1.00 16.01 ? 99  VAL A CG2 1 
ATOM   803  N  N   . GLY A 1 101 ? -1.459  8.367   -9.108  1.00 14.85 ? 100 GLY A N   1 
ATOM   804  C  CA  . GLY A 1 101 ? -0.205  7.818   -9.601  1.00 15.20 ? 100 GLY A CA  1 
ATOM   805  C  C   . GLY A 1 101 ? 0.726   7.223   -8.558  1.00 14.54 ? 100 GLY A C   1 
ATOM   806  O  O   . GLY A 1 101 ? 0.464   7.295   -7.356  1.00 15.03 ? 100 GLY A O   1 
ATOM   807  N  N   . ILE A 1 102 ? 1.826   6.644   -9.032  1.00 13.64 ? 101 ILE A N   1 
ATOM   808  C  CA  . ILE A 1 102 ? 2.822   5.998   -8.177  1.00 13.77 ? 101 ILE A CA  1 
ATOM   809  C  C   . ILE A 1 102 ? 3.499   6.934   -7.189  1.00 12.21 ? 101 ILE A C   1 
ATOM   810  O  O   . ILE A 1 102 ? 4.112   6.479   -6.222  1.00 12.03 ? 101 ILE A O   1 
ATOM   811  C  CB  . ILE A 1 102 ? 3.933   5.303   -9.031  1.00 14.54 ? 101 ILE A CB  1 
ATOM   812  C  CG1 . ILE A 1 102 ? 4.634   4.222   -8.206  1.00 13.76 ? 101 ILE A CG1 1 
ATOM   813  C  CG2 . ILE A 1 102 ? 4.959   6.323   -9.514  1.00 12.44 ? 101 ILE A CG2 1 
ATOM   814  C  CD1 . ILE A 1 102 ? 3.855   2.947   -8.098  1.00 14.87 ? 101 ILE A CD1 1 
ATOM   815  N  N   . ASN A 1 103 ? 3.385   8.237   -7.423  1.00 12.16 ? 102 ASN A N   1 
ATOM   816  C  CA  . ASN A 1 103 ? 4.021   9.208   -6.549  1.00 14.41 ? 102 ASN A CA  1 
ATOM   817  C  C   . ASN A 1 103 ? 3.377   9.310   -5.175  1.00 14.17 ? 102 ASN A C   1 
ATOM   818  O  O   . ASN A 1 103 ? 3.879   10.021  -4.300  1.00 14.08 ? 102 ASN A O   1 
ATOM   819  C  CB  . ASN A 1 103 ? 4.069   10.576  -7.226  1.00 17.97 ? 102 ASN A CB  1 
ATOM   820  C  CG  . ASN A 1 103 ? 5.115   10.635  -8.323  1.00 20.26 ? 102 ASN A CG  1 
ATOM   821  O  OD1 . ASN A 1 103 ? 6.290   10.319  -8.100  1.00 21.54 ? 102 ASN A OD1 1 
ATOM   822  N  ND2 . ASN A 1 103 ? 4.695   11.029  -9.518  1.00 17.59 ? 102 ASN A ND2 1 
ATOM   823  N  N   . TYR A 1 104 ? 2.262   8.608   -4.981  1.00 11.89 ? 103 TYR A N   1 
ATOM   824  C  CA  . TYR A 1 104 ? 1.626   8.601   -3.671  1.00 10.80 ? 103 TYR A CA  1 
ATOM   825  C  C   . TYR A 1 104 ? 2.621   7.898   -2.740  1.00 9.82  ? 103 TYR A C   1 
ATOM   826  O  O   . TYR A 1 104 ? 2.838   8.319   -1.608  1.00 10.33 ? 103 TYR A O   1 
ATOM   827  C  CB  . TYR A 1 104 ? 0.314   7.812   -3.701  1.00 9.09  ? 103 TYR A CB  1 
ATOM   828  C  CG  . TYR A 1 104 ? -0.374  7.737   -2.350  1.00 8.97  ? 103 TYR A CG  1 
ATOM   829  C  CD1 . TYR A 1 104 ? -1.249  8.741   -1.936  1.00 8.84  ? 103 TYR A CD1 1 
ATOM   830  C  CD2 . TYR A 1 104 ? -0.142  6.666   -1.480  1.00 8.49  ? 103 TYR A CD2 1 
ATOM   831  C  CE1 . TYR A 1 104 ? -1.873  8.687   -0.696  1.00 10.65 ? 103 TYR A CE1 1 
ATOM   832  C  CE2 . TYR A 1 104 ? -0.763  6.601   -0.234  1.00 11.63 ? 103 TYR A CE2 1 
ATOM   833  C  CZ  . TYR A 1 104 ? -1.626  7.618   0.149   1.00 10.80 ? 103 TYR A CZ  1 
ATOM   834  O  OH  . TYR A 1 104 ? -2.228  7.583   1.383   1.00 11.49 ? 103 TYR A OH  1 
ATOM   835  N  N   . TRP A 1 105 ? 3.240   6.838   -3.247  1.00 9.76  ? 104 TRP A N   1 
ATOM   836  C  CA  . TRP A 1 105 ? 4.195   6.063   -2.470  1.00 11.86 ? 104 TRP A CA  1 
ATOM   837  C  C   . TRP A 1 105 ? 5.671   6.382   -2.716  1.00 13.26 ? 104 TRP A C   1 
ATOM   838  O  O   . TRP A 1 105 ? 6.475   6.338   -1.781  1.00 11.99 ? 104 TRP A O   1 
ATOM   839  C  CB  . TRP A 1 105 ? 3.987   4.571   -2.723  1.00 11.70 ? 104 TRP A CB  1 
ATOM   840  C  CG  . TRP A 1 105 ? 2.625   4.070   -2.376  1.00 11.82 ? 104 TRP A CG  1 
ATOM   841  C  CD1 . TRP A 1 105 ? 2.145   3.775   -1.126  1.00 8.99  ? 104 TRP A CD1 1 
ATOM   842  C  CD2 . TRP A 1 105 ? 1.564   3.783   -3.293  1.00 9.27  ? 104 TRP A CD2 1 
ATOM   843  N  NE1 . TRP A 1 105 ? 0.849   3.323   -1.212  1.00 8.89  ? 104 TRP A NE1 1 
ATOM   844  C  CE2 . TRP A 1 105 ? 0.466   3.317   -2.529  1.00 9.01  ? 104 TRP A CE2 1 
ATOM   845  C  CE3 . TRP A 1 105 ? 1.433   3.876   -4.687  1.00 6.91  ? 104 TRP A CE3 1 
ATOM   846  C  CZ2 . TRP A 1 105 ? -0.748  2.943   -3.116  1.00 9.77  ? 104 TRP A CZ2 1 
ATOM   847  C  CZ3 . TRP A 1 105 ? 0.226   3.504   -5.270  1.00 8.63  ? 104 TRP A CZ3 1 
ATOM   848  C  CH2 . TRP A 1 105 ? -0.849  3.043   -4.483  1.00 10.62 ? 104 TRP A CH2 1 
ATOM   849  N  N   . LEU A 1 106 ? 6.029   6.688   -3.961  1.00 11.32 ? 105 LEU A N   1 
ATOM   850  C  CA  . LEU A 1 106 ? 7.424   6.953   -4.296  1.00 13.23 ? 105 LEU A CA  1 
ATOM   851  C  C   . LEU A 1 106 ? 7.761   8.385   -4.640  1.00 13.40 ? 105 LEU A C   1 
ATOM   852  O  O   . LEU A 1 106 ? 7.109   9.001   -5.479  1.00 14.46 ? 105 LEU A O   1 
ATOM   853  C  CB  . LEU A 1 106 ? 7.860   6.060   -5.456  1.00 11.35 ? 105 LEU A CB  1 
ATOM   854  C  CG  . LEU A 1 106 ? 7.647   4.556   -5.263  1.00 14.74 ? 105 LEU A CG  1 
ATOM   855  C  CD1 . LEU A 1 106 ? 8.078   3.821   -6.523  1.00 15.32 ? 105 LEU A CD1 1 
ATOM   856  C  CD2 . LEU A 1 106 ? 8.428   4.063   -4.049  1.00 13.05 ? 105 LEU A CD2 1 
ATOM   857  N  N   . ALA A 1 107 ? 8.793   8.903   -3.984  1.00 16.27 ? 106 ALA A N   1 
ATOM   858  C  CA  . ALA A 1 107 ? 9.260   10.259  -4.237  1.00 18.99 ? 106 ALA A CA  1 
ATOM   859  C  C   . ALA A 1 107 ? 9.717   10.279  -5.695  1.00 20.56 ? 106 ALA A C   1 
ATOM   860  O  O   . ALA A 1 107 ? 9.535   11.269  -6.402  1.00 21.73 ? 106 ALA A O   1 
ATOM   861  C  CB  . ALA A 1 107 ? 10.424  10.596  -3.306  1.00 19.22 ? 106 ALA A CB  1 
ATOM   862  N  N   . HIS A 1 108 ? 10.295  9.159   -6.125  1.00 21.66 ? 107 HIS A N   1 
ATOM   863  C  CA  . HIS A 1 108 ? 10.780  8.964   -7.491  1.00 24.31 ? 107 HIS A CA  1 
ATOM   864  C  C   . HIS A 1 108 ? 10.604  7.488   -7.815  1.00 24.03 ? 107 HIS A C   1 
ATOM   865  O  O   . HIS A 1 108 ? 11.081  6.626   -7.077  1.00 21.70 ? 107 HIS A O   1 
ATOM   866  C  CB  . HIS A 1 108 ? 12.258  9.334   -7.601  1.00 29.50 ? 107 HIS A CB  1 
ATOM   867  C  CG  . HIS A 1 108 ? 12.511  10.806  -7.579  1.00 33.48 ? 107 HIS A CG  1 
ATOM   868  N  ND1 . HIS A 1 108 ? 12.223  11.624  -8.651  1.00 35.30 ? 107 HIS A ND1 1 
ATOM   869  C  CD2 . HIS A 1 108 ? 13.002  11.612  -6.609  1.00 35.46 ? 107 HIS A CD2 1 
ATOM   870  C  CE1 . HIS A 1 108 ? 12.524  12.872  -8.340  1.00 37.00 ? 107 HIS A CE1 1 
ATOM   871  N  NE2 . HIS A 1 108 ? 12.998  12.892  -7.107  1.00 38.54 ? 107 HIS A NE2 1 
ATOM   872  N  N   . LYS A 1 109 ? 9.927   7.196   -8.921  1.00 23.87 ? 108 LYS A N   1 
ATOM   873  C  CA  . LYS A 1 109 ? 9.665   5.815   -9.301  1.00 23.84 ? 108 LYS A CA  1 
ATOM   874  C  C   . LYS A 1 109 ? 10.916  4.976   -9.498  1.00 21.13 ? 108 LYS A C   1 
ATOM   875  O  O   . LYS A 1 109 ? 10.863  3.752   -9.394  1.00 19.14 ? 108 LYS A O   1 
ATOM   876  C  CB  . LYS A 1 109 ? 8.812   5.769   -10.571 1.00 28.02 ? 108 LYS A CB  1 
ATOM   877  C  CG  . LYS A 1 109 ? 9.486   6.358   -11.797 1.00 34.08 ? 108 LYS A CG  1 
ATOM   878  C  CD  . LYS A 1 109 ? 9.168   5.541   -13.048 1.00 40.31 ? 108 LYS A CD  1 
ATOM   879  C  CE  . LYS A 1 109 ? 7.681   5.595   -13.400 1.00 44.01 ? 108 LYS A CE  1 
ATOM   880  N  NZ  . LYS A 1 109 ? 7.384   6.515   -14.544 1.00 46.42 ? 108 LYS A NZ  1 
ATOM   881  N  N   . ALA A 1 110 ? 12.036  5.634   -9.785  1.00 20.71 ? 109 ALA A N   1 
ATOM   882  C  CA  . ALA A 1 110 ? 13.313  4.947   -10.000 1.00 18.14 ? 109 ALA A CA  1 
ATOM   883  C  C   . ALA A 1 110 ? 13.685  4.133   -8.764  1.00 17.00 ? 109 ALA A C   1 
ATOM   884  O  O   . ALA A 1 110 ? 14.414  3.146   -8.847  1.00 17.62 ? 109 ALA A O   1 
ATOM   885  C  CB  . ALA A 1 110 ? 14.411  5.963   -10.312 1.00 16.54 ? 109 ALA A CB  1 
ATOM   886  N  N   . LEU A 1 111 ? 13.170  4.561   -7.618  1.00 15.56 ? 110 LEU A N   1 
ATOM   887  C  CA  . LEU A 1 111 ? 13.424  3.883   -6.357  1.00 14.12 ? 110 LEU A CA  1 
ATOM   888  C  C   . LEU A 1 111 ? 13.084  2.401   -6.462  1.00 13.53 ? 110 LEU A C   1 
ATOM   889  O  O   . LEU A 1 111 ? 13.794  1.557   -5.926  1.00 12.88 ? 110 LEU A O   1 
ATOM   890  C  CB  . LEU A 1 111 ? 12.573  4.510   -5.246  1.00 15.36 ? 110 LEU A CB  1 
ATOM   891  C  CG  . LEU A 1 111 ? 13.053  5.809   -4.602  1.00 16.01 ? 110 LEU A CG  1 
ATOM   892  C  CD1 . LEU A 1 111 ? 11.925  6.437   -3.795  1.00 17.24 ? 110 LEU A CD1 1 
ATOM   893  C  CD2 . LEU A 1 111 ? 14.244  5.514   -3.713  1.00 16.64 ? 110 LEU A CD2 1 
ATOM   894  N  N   . CYS A 1 112 ? 11.998  2.091   -7.166  1.00 13.98 ? 111 CYS A N   1 
ATOM   895  C  CA  . CYS A 1 112 ? 11.538  0.719   -7.302  1.00 16.74 ? 111 CYS A CA  1 
ATOM   896  C  C   . CYS A 1 112 ? 11.394  0.224   -8.729  1.00 22.01 ? 111 CYS A C   1 
ATOM   897  O  O   . CYS A 1 112 ? 11.039  -0.936  -8.946  1.00 24.04 ? 111 CYS A O   1 
ATOM   898  C  CB  . CYS A 1 112 ? 10.190  0.558   -6.598  1.00 14.55 ? 111 CYS A CB  1 
ATOM   899  S  SG  . CYS A 1 112 ? 10.282  0.633   -4.786  1.00 12.72 ? 111 CYS A SG  1 
ATOM   900  N  N   . SER A 1 113 ? 11.652  1.086   -9.707  1.00 25.59 ? 112 SER A N   1 
ATOM   901  C  CA  . SER A 1 113 ? 11.534  0.662   -11.097 1.00 30.24 ? 112 SER A CA  1 
ATOM   902  C  C   . SER A 1 113 ? 12.880  0.169   -11.628 1.00 32.06 ? 112 SER A C   1 
ATOM   903  O  O   . SER A 1 113 ? 13.089  0.087   -12.835 1.00 34.21 ? 112 SER A O   1 
ATOM   904  C  CB  . SER A 1 113 ? 10.994  1.811   -11.967 1.00 28.96 ? 112 SER A CB  1 
ATOM   905  O  OG  . SER A 1 113 ? 11.787  2.977   -11.857 1.00 30.64 ? 112 SER A OG  1 
ATOM   906  N  N   . GLU A 1 114 ? 13.782  -0.173  -10.710 1.00 34.80 ? 113 GLU A N   1 
ATOM   907  C  CA  . GLU A 1 114 ? 15.114  -0.657  -11.069 1.00 38.58 ? 113 GLU A CA  1 
ATOM   908  C  C   . GLU A 1 114 ? 15.523  -1.860  -10.223 1.00 37.75 ? 113 GLU A C   1 
ATOM   909  O  O   . GLU A 1 114 ? 15.034  -2.037  -9.111  1.00 39.53 ? 113 GLU A O   1 
ATOM   910  C  CB  . GLU A 1 114 ? 16.151  0.457   -10.882 1.00 41.31 ? 113 GLU A CB  1 
ATOM   911  C  CG  . GLU A 1 114 ? 16.577  1.140   -12.169 1.00 44.67 ? 113 GLU A CG  1 
ATOM   912  C  CD  . GLU A 1 114 ? 16.015  2.549   -12.288 1.00 48.62 ? 113 GLU A CD  1 
ATOM   913  O  OE1 . GLU A 1 114 ? 15.607  3.114   -11.247 1.00 50.13 ? 113 GLU A OE1 1 
ATOM   914  O  OE2 . GLU A 1 114 ? 15.978  3.085   -13.418 1.00 48.50 ? 113 GLU A OE2 1 
ATOM   915  N  N   . LYS A 1 115 ? 16.430  -2.674  -10.761 1.00 36.91 ? 114 LYS A N   1 
ATOM   916  C  CA  . LYS A 1 115 ? 16.928  -3.858  -10.070 1.00 36.05 ? 114 LYS A CA  1 
ATOM   917  C  C   . LYS A 1 115 ? 15.793  -4.642  -9.417  1.00 34.68 ? 114 LYS A C   1 
ATOM   918  O  O   . LYS A 1 115 ? 15.863  -4.979  -8.234  1.00 34.37 ? 114 LYS A O   1 
ATOM   919  C  CB  . LYS A 1 115 ? 17.947  -3.448  -9.005  1.00 38.04 ? 114 LYS A CB  1 
ATOM   920  C  CG  . LYS A 1 115 ? 19.075  -2.563  -9.521  1.00 38.18 ? 114 LYS A CG  1 
ATOM   921  C  CD  . LYS A 1 115 ? 20.039  -2.183  -8.401  1.00 39.43 ? 114 LYS A CD  1 
ATOM   922  C  CE  . LYS A 1 115 ? 20.650  -3.412  -7.729  1.00 40.44 ? 114 LYS A CE  1 
ATOM   923  N  NZ  . LYS A 1 115 ? 20.679  -3.288  -6.240  1.00 38.61 ? 114 LYS A NZ  1 
ATOM   924  N  N   . LEU A 1 116 ? 14.764  -4.939  -10.209 1.00 33.25 ? 115 LEU A N   1 
ATOM   925  C  CA  . LEU A 1 116 ? 13.571  -5.654  -9.750  1.00 31.68 ? 115 LEU A CA  1 
ATOM   926  C  C   . LEU A 1 116 ? 13.728  -7.112  -9.297  1.00 30.20 ? 115 LEU A C   1 
ATOM   927  O  O   . LEU A 1 116 ? 12.958  -7.590  -8.459  1.00 28.41 ? 115 LEU A O   1 
ATOM   928  C  CB  . LEU A 1 116 ? 12.498  -5.589  -10.841 1.00 30.72 ? 115 LEU A CB  1 
ATOM   929  C  CG  . LEU A 1 116 ? 11.977  -4.197  -11.205 1.00 30.64 ? 115 LEU A CG  1 
ATOM   930  C  CD1 . LEU A 1 116 ? 11.362  -4.234  -12.594 1.00 31.68 ? 115 LEU A CD1 1 
ATOM   931  C  CD2 . LEU A 1 116 ? 10.948  -3.741  -10.180 1.00 31.06 ? 115 LEU A CD2 1 
ATOM   932  N  N   . ASP A 1 117 ? 14.714  -7.817  -9.840  1.00 31.25 ? 116 ASP A N   1 
ATOM   933  C  CA  . ASP A 1 117 ? 14.924  -9.222  -9.492  1.00 32.39 ? 116 ASP A CA  1 
ATOM   934  C  C   . ASP A 1 117 ? 15.155  -9.496  -8.007  1.00 30.10 ? 116 ASP A C   1 
ATOM   935  O  O   . ASP A 1 117 ? 14.966  -10.617 -7.537  1.00 28.11 ? 116 ASP A O   1 
ATOM   936  C  CB  . ASP A 1 117 ? 16.089  -9.799  -10.306 1.00 37.77 ? 116 ASP A CB  1 
ATOM   937  C  CG  . ASP A 1 117 ? 15.779  -11.183 -10.859 1.00 43.44 ? 116 ASP A CG  1 
ATOM   938  O  OD1 . ASP A 1 117 ? 14.755  -11.326 -11.566 1.00 45.01 ? 116 ASP A OD1 1 
ATOM   939  O  OD2 . ASP A 1 117 ? 16.555  -12.124 -10.581 1.00 45.66 ? 116 ASP A OD2 1 
ATOM   940  N  N   . GLN A 1 118 ? 15.563  -8.475  -7.268  1.00 28.65 ? 117 GLN A N   1 
ATOM   941  C  CA  . GLN A 1 118 ? 15.808  -8.636  -5.844  1.00 28.43 ? 117 GLN A CA  1 
ATOM   942  C  C   . GLN A 1 118 ? 14.502  -8.695  -5.054  1.00 28.22 ? 117 GLN A C   1 
ATOM   943  O  O   . GLN A 1 118 ? 14.498  -9.043  -3.875  1.00 28.78 ? 117 GLN A O   1 
ATOM   944  C  CB  . GLN A 1 118 ? 16.658  -7.480  -5.330  1.00 29.82 ? 117 GLN A CB  1 
ATOM   945  C  CG  . GLN A 1 118 ? 15.882  -6.188  -5.177  1.00 29.26 ? 117 GLN A CG  1 
ATOM   946  C  CD  . GLN A 1 118 ? 16.720  -5.085  -4.587  1.00 29.03 ? 117 GLN A CD  1 
ATOM   947  O  OE1 . GLN A 1 118 ? 16.887  -4.027  -5.197  1.00 31.40 ? 117 GLN A OE1 1 
ATOM   948  N  NE2 . GLN A 1 118 ? 17.258  -5.320  -3.396  1.00 25.16 ? 117 GLN A NE2 1 
ATOM   949  N  N   . TRP A 1 119 ? 13.395  -8.363  -5.713  1.00 25.74 ? 118 TRP A N   1 
ATOM   950  C  CA  . TRP A 1 119 ? 12.093  -8.353  -5.055  1.00 25.24 ? 118 TRP A CA  1 
ATOM   951  C  C   . TRP A 1 119 ? 11.267  -9.614  -5.289  1.00 26.59 ? 118 TRP A C   1 
ATOM   952  O  O   . TRP A 1 119 ? 10.122  -9.730  -4.816  1.00 24.30 ? 118 TRP A O   1 
ATOM   953  C  CB  . TRP A 1 119 ? 11.321  -7.117  -5.502  1.00 20.83 ? 118 TRP A CB  1 
ATOM   954  C  CG  . TRP A 1 119 ? 12.025  -5.864  -5.111  1.00 16.85 ? 118 TRP A CG  1 
ATOM   955  C  CD1 . TRP A 1 119 ? 12.683  -5.002  -5.934  1.00 15.99 ? 118 TRP A CD1 1 
ATOM   956  C  CD2 . TRP A 1 119 ? 12.165  -5.344  -3.785  1.00 14.74 ? 118 TRP A CD2 1 
ATOM   957  N  NE1 . TRP A 1 119 ? 13.227  -3.975  -5.203  1.00 15.11 ? 118 TRP A NE1 1 
ATOM   958  C  CE2 . TRP A 1 119 ? 12.922  -4.159  -3.881  1.00 13.21 ? 118 TRP A CE2 1 
ATOM   959  C  CE3 . TRP A 1 119 ? 11.721  -5.765  -2.523  1.00 13.80 ? 118 TRP A CE3 1 
ATOM   960  C  CZ2 . TRP A 1 119 ? 13.250  -3.384  -2.761  1.00 14.13 ? 118 TRP A CZ2 1 
ATOM   961  C  CZ3 . TRP A 1 119 ? 12.046  -4.995  -1.405  1.00 13.91 ? 118 TRP A CZ3 1 
ATOM   962  C  CH2 . TRP A 1 119 ? 12.805  -3.817  -1.535  1.00 13.99 ? 118 TRP A CH2 1 
ATOM   963  N  N   . LEU A 1 120 ? 11.857  -10.561 -6.012  1.00 26.95 ? 119 LEU A N   1 
ATOM   964  C  CA  . LEU A 1 120 ? 11.183  -11.818 -6.304  1.00 28.03 ? 119 LEU A CA  1 
ATOM   965  C  C   . LEU A 1 120 ? 11.456  -12.841 -5.200  1.00 27.35 ? 119 LEU A C   1 
ATOM   966  O  O   . LEU A 1 120 ? 12.595  -13.000 -4.758  1.00 25.88 ? 119 LEU A O   1 
ATOM   967  C  CB  . LEU A 1 120 ? 11.648  -12.354 -7.667  1.00 29.46 ? 119 LEU A CB  1 
ATOM   968  C  CG  . LEU A 1 120 ? 11.107  -11.662 -8.933  1.00 29.80 ? 119 LEU A CG  1 
ATOM   969  C  CD1 . LEU A 1 120 ? 10.231  -10.483 -8.556  1.00 30.78 ? 119 LEU A CD1 1 
ATOM   970  C  CD2 . LEU A 1 120 ? 12.260  -11.194 -9.809  1.00 29.86 ? 119 LEU A CD2 1 
ATOM   971  N  N   . CYS A 1 121 ? 10.400  -13.512 -4.741  1.00 26.74 ? 120 CYS A N   1 
ATOM   972  C  CA  . CYS A 1 121 ? 10.538  -14.521 -3.703  1.00 24.42 ? 120 CYS A CA  1 
ATOM   973  C  C   . CYS A 1 121 ? 11.232  -15.736 -4.304  1.00 25.73 ? 120 CYS A C   1 
ATOM   974  O  O   . CYS A 1 121 ? 10.698  -16.403 -5.190  1.00 23.81 ? 120 CYS A O   1 
ATOM   975  C  CB  . CYS A 1 121 ? 9.170   -14.922 -3.150  1.00 23.00 ? 120 CYS A CB  1 
ATOM   976  S  SG  . CYS A 1 121 ? 9.216   -16.380 -2.058  1.00 20.87 ? 120 CYS A SG  1 
ATOM   977  N  N   . GLU A 1 122 ? 12.424  -16.013 -3.797  1.00 27.43 ? 121 GLU A N   1 
ATOM   978  C  CA  . GLU A 1 122 ? 13.260  -17.118 -4.253  1.00 30.32 ? 121 GLU A CA  1 
ATOM   979  C  C   . GLU A 1 122 ? 12.698  -18.523 -4.009  1.00 28.96 ? 121 GLU A C   1 
ATOM   980  O  O   . GLU A 1 122 ? 12.946  -19.440 -4.799  1.00 27.32 ? 121 GLU A O   1 
ATOM   981  C  CB  . GLU A 1 122 ? 14.639  -17.004 -3.589  1.00 33.76 ? 121 GLU A CB  1 
ATOM   982  C  CG  . GLU A 1 122 ? 14.888  -15.661 -2.872  1.00 38.75 ? 121 GLU A CG  1 
ATOM   983  C  CD  . GLU A 1 122 ? 14.346  -15.616 -1.441  1.00 39.82 ? 121 GLU A CD  1 
ATOM   984  O  OE1 . GLU A 1 122 ? 14.267  -14.508 -0.871  1.00 40.35 ? 121 GLU A OE1 1 
ATOM   985  O  OE2 . GLU A 1 122 ? 13.998  -16.679 -0.884  1.00 43.58 ? 121 GLU A OE2 1 
ATOM   986  N  N   . LYS A 1 123 ? 11.951  -18.694 -2.923  1.00 26.44 ? 122 LYS A N   1 
ATOM   987  C  CA  . LYS A 1 123 ? 11.402  -20.002 -2.584  1.00 25.39 ? 122 LYS A CA  1 
ATOM   988  C  C   . LYS A 1 123 ? 10.089  -20.303 -3.294  1.00 24.44 ? 122 LYS A C   1 
ATOM   989  O  O   . LYS A 1 123 ? 9.344   -21.187 -2.880  1.00 23.33 ? 122 LYS A O   1 
ATOM   990  C  CB  . LYS A 1 123 ? 11.202  -20.109 -1.072  1.00 27.08 ? 122 LYS A CB  1 
ATOM   991  C  CG  . LYS A 1 123 ? 12.359  -19.563 -0.242  1.00 31.87 ? 122 LYS A CG  1 
ATOM   992  C  CD  . LYS A 1 123 ? 13.516  -20.549 -0.164  1.00 34.81 ? 122 LYS A CD  1 
ATOM   993  C  CE  . LYS A 1 123 ? 14.825  -19.854 0.219   1.00 35.68 ? 122 LYS A CE  1 
ATOM   994  N  NZ  . LYS A 1 123 ? 16.017  -20.425 -0.489  1.00 36.71 ? 122 LYS A NZ  1 
ATOM   995  N  N   . LEU A 1 124 ? 9.811   -19.578 -4.369  1.00 25.59 ? 123 LEU A N   1 
ATOM   996  C  CA  . LEU A 1 124 ? 8.573   -19.774 -5.118  1.00 27.35 ? 123 LEU A CA  1 
ATOM   997  C  C   . LEU A 1 124 ? 8.842   -20.319 -6.518  1.00 28.76 ? 123 LEU A C   1 
ATOM   998  O  O   . LEU A 1 124 ? 9.958   -20.092 -7.030  1.00 30.32 ? 123 LEU A O   1 
ATOM   999  C  CB  . LEU A 1 124 ? 7.813   -18.448 -5.220  1.00 26.47 ? 123 LEU A CB  1 
ATOM   1000 C  CG  . LEU A 1 124 ? 6.521   -18.258 -4.418  1.00 27.41 ? 123 LEU A CG  1 
ATOM   1001 C  CD1 . LEU A 1 124 ? 6.449   -19.222 -3.244  1.00 24.39 ? 123 LEU A CD1 1 
ATOM   1002 C  CD2 . LEU A 1 124 ? 6.465   -16.825 -3.938  1.00 27.12 ? 123 LEU A CD2 1 
ATOM   1003 O  OXT . LEU A 1 124 ? 7.933   -20.964 -7.084  1.00 30.67 ? 123 LEU A OXT 1 
HETATM 1004 CA CA  . CA  B 2 .   ? -7.343  -5.322  5.022   1.00 15.38 ? 124 CA  A CA  1 
HETATM 1005 O  O   . HOH C 3 .   ? -4.328  -14.210 3.352   1.00 14.20 ? 125 HOH A O   1 
HETATM 1006 O  O   . HOH C 3 .   ? -9.622  -6.458  5.416   1.00 14.19 ? 126 HOH A O   1 
HETATM 1007 O  O   . HOH C 3 .   ? -2.123  -3.416  5.737   1.00 10.51 ? 127 HOH A O   1 
HETATM 1008 O  O   . HOH C 3 .   ? -2.764  -0.476  3.489   1.00 10.57 ? 128 HOH A O   1 
HETATM 1009 O  O   . HOH C 3 .   ? 2.080   9.929   -9.553  1.00 13.48 ? 129 HOH A O   1 
HETATM 1010 O  O   . HOH C 3 .   ? 9.749   8.151   -1.572  1.00 16.22 ? 130 HOH A O   1 
HETATM 1011 O  O   . HOH C 3 .   ? -4.206  -10.900 -0.924  1.00 18.65 ? 131 HOH A O   1 
HETATM 1012 O  O   . HOH C 3 .   ? -14.742 3.410   -3.970  1.00 17.20 ? 132 HOH A O   1 
HETATM 1013 O  O   . HOH C 3 .   ? 14.467  -1.570  -6.558  1.00 9.75  ? 133 HOH A O   1 
HETATM 1014 O  O   . HOH C 3 .   ? -17.183 0.765   -3.015  1.00 36.42 ? 134 HOH A O   1 
HETATM 1015 O  O   . HOH C 3 .   ? -5.057  -4.861  6.095   1.00 7.35  ? 135 HOH A O   1 
HETATM 1016 O  O   . HOH C 3 .   ? -3.729  -10.593 -4.462  1.00 14.64 ? 136 HOH A O   1 
HETATM 1017 O  O   . HOH C 3 .   ? 5.820   -8.048  14.751  1.00 26.95 ? 137 HOH A O   1 
HETATM 1018 O  O   . HOH C 3 .   ? 3.840   9.104   1.414   1.00 63.75 ? 138 HOH A O   1 
HETATM 1019 O  O   . HOH C 3 .   ? 7.209   -2.511  -12.815 1.00 24.10 ? 139 HOH A O   1 
HETATM 1020 O  O   . HOH C 3 .   ? 7.375   -22.895 -3.276  1.00 17.04 ? 140 HOH A O   1 
HETATM 1021 O  O   . HOH C 3 .   ? 7.622   -16.277 4.808   1.00 16.43 ? 141 HOH A O   1 
HETATM 1022 O  O   . HOH C 3 .   ? 6.652   2.707   -12.074 1.00 29.68 ? 142 HOH A O   1 
HETATM 1023 O  O   . HOH C 3 .   ? -8.322  -7.284  -4.300  1.00 21.85 ? 143 HOH A O   1 
HETATM 1024 O  O   . HOH C 3 .   ? 10.936  -13.900 2.449   1.00 11.40 ? 144 HOH A O   1 
HETATM 1025 O  O   . HOH C 3 .   ? -15.652 -0.196  -0.463  1.00 47.14 ? 145 HOH A O   1 
HETATM 1026 O  O   . HOH C 3 .   ? 4.116   6.486   5.864   1.00 35.29 ? 146 HOH A O   1 
HETATM 1027 O  O   . HOH C 3 .   ? -12.346 0.780   -1.885  1.00 21.26 ? 147 HOH A O   1 
HETATM 1028 O  O   . HOH C 3 .   ? -2.644  -6.745  10.905  1.00 22.30 ? 148 HOH A O   1 
HETATM 1029 O  O   . HOH C 3 .   ? 6.209   10.458  -2.258  1.00 45.57 ? 149 HOH A O   1 
HETATM 1030 O  O   . HOH C 3 .   ? 11.162  0.521   5.041   1.00 23.84 ? 150 HOH A O   1 
HETATM 1031 O  O   . HOH C 3 .   ? -8.536  -6.163  -6.801  1.00 28.23 ? 151 HOH A O   1 
HETATM 1032 O  O   . HOH C 3 .   ? -6.628  -10.715 -2.002  1.00 28.58 ? 152 HOH A O   1 
HETATM 1033 O  O   . HOH C 3 .   ? 4.313   -13.414 9.770   1.00 38.42 ? 153 HOH A O   1 
HETATM 1034 O  O   . HOH C 3 .   ? -4.057  -10.691 1.963   1.00 23.22 ? 154 HOH A O   1 
HETATM 1035 O  O   . HOH C 3 .   ? -6.689  -9.299  -3.895  1.00 22.93 ? 155 HOH A O   1 
HETATM 1036 O  O   . HOH C 3 .   ? 14.726  7.614   -6.373  1.00 29.85 ? 156 HOH A O   1 
HETATM 1037 O  O   . HOH C 3 .   ? 6.450   -10.890 12.362  1.00 35.52 ? 157 HOH A O   1 
HETATM 1038 O  O   . HOH C 3 .   ? -5.733  18.455  6.416   1.00 43.74 ? 158 HOH A O   1 
HETATM 1039 O  O   . HOH C 3 .   ? -8.264  -0.342  15.525  1.00 45.37 ? 159 HOH A O   1 
HETATM 1040 O  O   . HOH C 3 .   ? -10.981 -1.038  -0.295  1.00 28.47 ? 160 HOH A O   1 
HETATM 1041 O  O   . HOH C 3 .   ? -12.312 -5.866  -0.991  1.00 27.79 ? 161 HOH A O   1 
HETATM 1042 O  O   . HOH C 3 .   ? -2.205  20.199  8.299   1.00 35.36 ? 162 HOH A O   1 
HETATM 1043 O  O   . HOH C 3 .   ? 11.385  -10.756 4.370   1.00 22.23 ? 163 HOH A O   1 
HETATM 1044 O  O   . HOH C 3 .   ? -11.175 -10.546 -6.670  1.00 45.02 ? 164 HOH A O   1 
HETATM 1045 O  O   . HOH C 3 .   ? 17.599  5.371   -16.350 1.00 43.76 ? 165 HOH A O   1 
HETATM 1046 O  O   . HOH C 3 .   ? 5.952   6.377   0.825   1.00 33.32 ? 166 HOH A O   1 
HETATM 1047 O  O   . HOH C 3 .   ? 3.000   2.203   -15.079 1.00 27.45 ? 167 HOH A O   1 
HETATM 1048 O  O   . HOH C 3 .   ? -5.612  -12.274 10.802  1.00 63.39 ? 168 HOH A O   1 
HETATM 1049 O  O   . HOH C 3 .   ? 23.432  -4.257  -9.686  1.00 51.95 ? 169 HOH A O   1 
HETATM 1050 O  O   . HOH C 3 .   ? -15.606 -0.075  6.680   1.00 30.09 ? 170 HOH A O   1 
HETATM 1051 O  O   . HOH C 3 .   ? 3.833   2.795   12.531  1.00 26.10 ? 171 HOH A O   1 
HETATM 1052 O  O   . HOH C 3 .   ? 1.478   5.952   -11.852 1.00 38.92 ? 172 HOH A O   1 
HETATM 1053 O  O   . HOH C 3 .   ? -4.009  7.748   15.589  1.00 35.60 ? 173 HOH A O   1 
HETATM 1054 O  O   . HOH C 3 .   ? 5.413   -11.828 -16.628 1.00 34.74 ? 174 HOH A O   1 
HETATM 1055 O  O   . HOH C 3 .   ? -15.043 11.396  15.703  1.00 45.04 ? 175 HOH A O   1 
HETATM 1056 O  O   . HOH C 3 .   ? 12.755  -7.324  1.588   1.00 18.16 ? 176 HOH A O   1 
HETATM 1057 O  O   . HOH C 3 .   ? -9.656  1.297   -9.495  1.00 43.90 ? 177 HOH A O   1 
HETATM 1058 O  O   . HOH C 3 .   ? -4.446  12.964  13.741  1.00 31.20 ? 178 HOH A O   1 
HETATM 1059 O  O   . HOH C 3 .   ? 6.839   -0.990  11.843  1.00 55.98 ? 179 HOH A O   1 
HETATM 1060 O  O   . HOH C 3 .   ? 8.192   -0.783  9.201   1.00 43.28 ? 180 HOH A O   1 
HETATM 1061 O  O   . HOH C 3 .   ? 3.500   13.026  -3.482  1.00 36.85 ? 181 HOH A O   1 
HETATM 1062 O  O   . HOH C 3 .   ? -5.426  6.070   14.396  1.00 29.95 ? 182 HOH A O   1 
HETATM 1063 O  O   . HOH C 3 .   ? 9.536   -8.954  7.684   1.00 35.68 ? 183 HOH A O   1 
HETATM 1064 O  O   . HOH C 3 .   ? 3.197   -14.122 -7.970  1.00 55.14 ? 184 HOH A O   1 
HETATM 1065 O  O   . HOH C 3 .   ? -11.415 -8.010  -3.783  1.00 39.15 ? 185 HOH A O   1 
HETATM 1066 O  O   . HOH C 3 .   ? 15.369  -15.755 -12.816 1.00 67.92 ? 186 HOH A O   1 
HETATM 1067 O  O   . HOH C 3 .   ? 11.253  -7.201  5.953   1.00 40.31 ? 187 HOH A O   1 
HETATM 1068 O  O   . HOH C 3 .   ? 8.885   -11.508 -12.075 1.00 59.90 ? 188 HOH A O   1 
# 
